data_3NCZ
#
_entry.id   3NCZ
#
_cell.length_a   161.439
_cell.length_b   80.863
_cell.length_c   166.619
_cell.angle_alpha   90.00
_cell.angle_beta   117.22
_cell.angle_gamma   90.00
#
_symmetry.space_group_name_H-M   'C 1 2 1'
#
loop_
_entity.id
_entity.type
_entity.pdbx_description
1 polymer 'Rho-associated protein kinase 1'
2 non-polymer cis-4-amino-N-(7-chloro-1-oxo-1,2-dihydroisoquinolin-6-yl)cyclohexanecarboxamide
3 water water
#
_entity_poly.entity_id   1
_entity_poly.type   'polypeptide(L)'
_entity_poly.pdbx_seq_one_letter_code
;GSLHMSFETRFEKMDNLLRDPKSEVNSDCLLDGLDALVYDLDFPALRKNKNIDNFLSRYKDTINKIRDLRMKAEDYEVVK
VIGRGAFGEVQLVRHKSTRKVYAMKLLSKFEMIKRSDSAFFWEERDIMAFANSPWVVQLFYAFQDDRYLYMVMEYMPGGD
LVNLMSNYDVPEKWARFYTAEVVLALDAIHSMGFIHRDVKPDNMLLDKSGHLKLADFGTCMKMNKEGMVRCDTAVGTPDY
ISPEVLKSQGGDGYYGRECDWWSVGVFLYEMLVGDTPFYADSLVGTYSKIMNHKNSLTFPDDNDISKEAKNLICAFLTDR
EVRLGRNGVEEIKRHLFFKNDQWAWETLRDTVAPVVPDLSSDIDTSNFDDLEEDKGEEETFPIPKAFVGNQLPFVGFTYY
SNRRYLSSANPNDNR
;
_entity_poly.pdbx_strand_id   A,B,C,D
#
# COMPACT_ATOMS: atom_id res chain seq x y z
N HIS A 4 2.76 -27.71 17.99
CA HIS A 4 4.03 -28.01 17.34
C HIS A 4 5.20 -27.52 18.22
N MET A 5 5.91 -28.42 18.89
CA MET A 5 5.65 -29.86 18.86
C MET A 5 5.25 -30.41 20.24
N SER A 6 3.94 -30.56 20.47
CA SER A 6 2.91 -30.21 19.49
C SER A 6 1.63 -29.71 20.12
N PHE A 7 0.57 -30.49 20.02
CA PHE A 7 -0.71 -30.20 20.67
C PHE A 7 -0.58 -29.17 21.83
N GLU A 8 0.33 -29.45 22.76
CA GLU A 8 0.54 -28.58 23.90
C GLU A 8 1.01 -27.17 23.55
N THR A 9 2.01 -27.04 22.68
CA THR A 9 2.48 -25.72 22.23
C THR A 9 1.37 -24.94 21.54
N ARG A 10 0.59 -25.65 20.74
CA ARG A 10 -0.61 -25.08 20.15
C ARG A 10 -1.42 -24.39 21.23
N PHE A 11 -1.62 -25.07 22.35
CA PHE A 11 -2.30 -24.43 23.48
C PHE A 11 -1.48 -23.29 24.12
N GLU A 12 -0.17 -23.31 23.90
CA GLU A 12 0.76 -22.35 24.50
C GLU A 12 0.74 -21.08 23.67
N LYS A 13 -0.04 -21.11 22.61
CA LYS A 13 -0.30 -19.92 21.83
C LYS A 13 -1.76 -19.54 22.02
N MET A 14 -2.60 -20.57 22.00
CA MET A 14 -4.02 -20.45 22.26
C MET A 14 -4.29 -19.61 23.52
N ASP A 15 -4.05 -20.20 24.69
CA ASP A 15 -4.39 -19.53 25.95
C ASP A 15 -3.90 -18.10 25.95
N ASN A 16 -2.81 -17.86 25.21
CA ASN A 16 -2.23 -16.53 25.08
C ASN A 16 -3.13 -15.54 24.32
N LEU A 17 -3.59 -15.96 23.15
CA LEU A 17 -4.42 -15.12 22.30
C LEU A 17 -5.68 -14.68 23.02
N LEU A 18 -5.99 -15.32 24.14
CA LEU A 18 -7.19 -14.97 24.87
C LEU A 18 -6.87 -14.03 26.05
N ARG A 19 -5.71 -14.23 26.67
CA ARG A 19 -5.23 -13.33 27.73
C ARG A 19 -4.77 -11.96 27.17
N ASP A 20 -4.10 -12.00 26.02
CA ASP A 20 -3.43 -10.83 25.43
C ASP A 20 -4.36 -9.64 25.14
N PRO A 21 -4.35 -8.63 26.01
CA PRO A 21 -5.23 -7.46 25.95
C PRO A 21 -5.02 -6.64 24.69
N LYS A 22 -3.80 -6.69 24.16
CA LYS A 22 -3.53 -6.01 22.90
C LYS A 22 -3.89 -6.89 21.70
N SER A 23 -4.30 -8.13 21.96
CA SER A 23 -4.73 -9.02 20.87
C SER A 23 -6.07 -8.61 20.32
N GLU A 24 -6.15 -8.50 19.00
CA GLU A 24 -7.39 -8.17 18.32
C GLU A 24 -8.46 -9.22 18.65
N VAL A 25 -8.04 -10.34 19.25
CA VAL A 25 -8.98 -11.40 19.65
C VAL A 25 -8.94 -11.80 21.13
N ASN A 26 -8.61 -10.82 22.00
CA ASN A 26 -8.85 -10.97 23.43
C ASN A 26 -10.31 -11.39 23.64
N SER A 27 -10.57 -12.22 24.64
CA SER A 27 -11.92 -12.71 24.94
C SER A 27 -13.03 -11.71 24.66
N ASP A 28 -12.84 -10.48 25.15
CA ASP A 28 -13.80 -9.41 24.91
C ASP A 28 -14.09 -9.26 23.44
N CYS A 29 -13.05 -9.23 22.60
CA CYS A 29 -13.21 -9.10 21.15
C CYS A 29 -14.17 -10.14 20.59
N LEU A 30 -14.03 -11.38 21.05
CA LEU A 30 -14.85 -12.49 20.56
C LEU A 30 -16.32 -12.27 20.95
N LEU A 31 -16.54 -11.91 22.21
CA LEU A 31 -17.87 -11.53 22.67
C LEU A 31 -18.43 -10.39 21.83
N ASP A 32 -17.56 -9.46 21.42
CA ASP A 32 -17.92 -8.31 20.61
C ASP A 32 -18.41 -8.78 19.26
N GLY A 33 -17.77 -9.83 18.74
CA GLY A 33 -18.14 -10.38 17.45
C GLY A 33 -19.52 -10.99 17.50
N LEU A 34 -19.76 -11.86 18.48
CA LEU A 34 -21.09 -12.47 18.60
C LEU A 34 -22.18 -11.43 18.80
N ASP A 35 -21.92 -10.49 19.69
CA ASP A 35 -22.85 -9.42 19.94
C ASP A 35 -23.20 -8.79 18.60
N ALA A 36 -22.17 -8.22 17.95
CA ALA A 36 -22.28 -7.54 16.65
C ALA A 36 -23.17 -8.32 15.70
N LEU A 37 -22.71 -9.50 15.36
CA LEU A 37 -23.48 -10.42 14.54
C LEU A 37 -24.99 -10.40 14.91
N VAL A 38 -25.32 -10.62 16.17
CA VAL A 38 -26.73 -10.65 16.57
C VAL A 38 -27.40 -9.36 16.16
N TYR A 39 -26.71 -8.24 16.35
CA TYR A 39 -27.31 -6.97 15.96
C TYR A 39 -27.60 -6.94 14.48
N ASP A 40 -26.55 -6.97 13.67
CA ASP A 40 -26.68 -6.87 12.23
C ASP A 40 -27.57 -7.95 11.62
N LEU A 41 -28.03 -8.89 12.44
CA LEU A 41 -28.81 -10.02 11.94
C LEU A 41 -30.32 -9.96 12.24
N ASP A 42 -30.66 -9.47 13.44
CA ASP A 42 -32.05 -9.54 13.91
C ASP A 42 -32.93 -8.51 13.23
N PHE A 43 -33.25 -8.76 11.97
CA PHE A 43 -34.18 -7.91 11.23
C PHE A 43 -35.10 -8.82 10.43
N PRO A 44 -36.39 -8.43 10.35
CA PRO A 44 -37.44 -9.22 9.67
C PRO A 44 -36.98 -9.86 8.36
N ALA A 45 -36.59 -9.01 7.42
CA ALA A 45 -36.24 -9.46 6.08
C ALA A 45 -35.20 -10.56 6.15
N LEU A 46 -34.14 -10.34 6.92
CA LEU A 46 -33.02 -11.26 6.98
C LEU A 46 -33.44 -12.56 7.63
N ARG A 47 -34.23 -12.42 8.70
CA ARG A 47 -34.64 -13.56 9.51
C ARG A 47 -35.27 -14.65 8.67
N LYS A 48 -35.75 -14.27 7.49
CA LYS A 48 -36.41 -15.23 6.62
C LYS A 48 -35.45 -16.28 6.09
N ASN A 49 -34.22 -16.22 6.54
CA ASN A 49 -33.19 -17.15 6.11
C ASN A 49 -32.95 -18.27 7.12
N LYS A 50 -33.26 -19.51 6.73
CA LYS A 50 -33.16 -20.65 7.63
C LYS A 50 -31.92 -20.60 8.54
N ASN A 51 -30.75 -20.42 7.94
CA ASN A 51 -29.52 -20.35 8.70
C ASN A 51 -29.58 -19.22 9.72
N ILE A 52 -29.91 -18.03 9.22
CA ILE A 52 -30.07 -16.86 10.08
C ILE A 52 -31.09 -17.12 11.21
N ASP A 53 -32.36 -17.37 10.85
CA ASP A 53 -33.41 -17.58 11.83
C ASP A 53 -32.98 -18.56 12.91
N ASN A 54 -32.50 -19.73 12.50
CA ASN A 54 -32.09 -20.73 13.47
C ASN A 54 -31.03 -20.17 14.42
N PHE A 55 -30.03 -19.49 13.88
CA PHE A 55 -29.03 -18.85 14.70
C PHE A 55 -29.68 -17.93 15.74
N LEU A 56 -30.34 -16.87 15.30
CA LEU A 56 -30.92 -15.93 16.25
C LEU A 56 -31.89 -16.57 17.22
N SER A 57 -32.32 -17.78 16.92
CA SER A 57 -33.21 -18.44 17.84
C SER A 57 -32.43 -19.24 18.85
N ARG A 58 -31.19 -19.57 18.54
CA ARG A 58 -30.37 -20.27 19.53
C ARG A 58 -29.62 -19.33 20.46
N TYR A 59 -29.24 -18.17 19.95
CA TYR A 59 -28.50 -17.22 20.75
C TYR A 59 -29.36 -16.10 21.29
N LYS A 60 -30.68 -16.24 21.13
CA LYS A 60 -31.62 -15.26 21.68
C LYS A 60 -31.38 -15.11 23.18
N ASP A 61 -31.75 -16.14 23.92
CA ASP A 61 -31.59 -16.18 25.38
C ASP A 61 -30.18 -15.78 25.80
N THR A 62 -29.22 -16.61 25.41
CA THR A 62 -27.83 -16.41 25.77
C THR A 62 -27.34 -14.99 25.52
N ILE A 63 -27.47 -14.52 24.29
CA ILE A 63 -26.97 -13.19 23.92
C ILE A 63 -27.62 -12.10 24.79
N ASN A 64 -28.91 -12.25 25.12
CA ASN A 64 -29.60 -11.28 25.98
C ASN A 64 -28.99 -11.26 27.39
N LYS A 65 -28.69 -12.45 27.89
CA LYS A 65 -27.90 -12.61 29.10
C LYS A 65 -26.63 -11.75 29.02
N ILE A 66 -25.71 -12.11 28.12
CA ILE A 66 -24.50 -11.31 27.90
C ILE A 66 -24.75 -9.81 27.96
N ARG A 67 -25.49 -9.25 26.99
CA ARG A 67 -25.81 -7.85 26.97
C ARG A 67 -26.08 -7.33 28.37
N ASP A 68 -26.91 -8.05 29.11
CA ASP A 68 -27.24 -7.65 30.49
C ASP A 68 -26.02 -7.55 31.45
N LEU A 69 -25.23 -8.60 31.57
CA LEU A 69 -24.09 -8.62 32.50
C LEU A 69 -23.01 -7.58 32.22
N ARG A 70 -22.45 -7.63 31.01
CA ARG A 70 -21.33 -6.79 30.62
C ARG A 70 -21.66 -5.32 30.80
N MET A 71 -20.64 -4.48 30.68
CA MET A 71 -20.85 -3.06 30.95
C MET A 71 -21.76 -2.46 29.89
N LYS A 72 -22.85 -1.84 30.34
CA LYS A 72 -23.69 -1.03 29.47
C LYS A 72 -23.82 0.36 30.05
N ALA A 73 -24.48 1.25 29.32
CA ALA A 73 -24.51 2.65 29.72
C ALA A 73 -25.47 2.92 30.88
N GLU A 74 -26.42 2.00 31.06
CA GLU A 74 -27.34 2.06 32.18
C GLU A 74 -26.58 1.98 33.52
N ASP A 75 -25.33 1.52 33.47
CA ASP A 75 -24.44 1.46 34.63
C ASP A 75 -23.95 2.85 35.03
N TYR A 76 -24.28 3.88 34.28
CA TYR A 76 -23.66 5.16 34.58
C TYR A 76 -24.66 6.27 34.86
N GLU A 77 -24.47 6.96 35.99
CA GLU A 77 -25.26 8.16 36.25
C GLU A 77 -24.61 9.37 35.59
N VAL A 78 -25.36 10.05 34.74
CA VAL A 78 -24.83 11.17 33.97
C VAL A 78 -24.98 12.53 34.67
N VAL A 79 -23.99 12.87 35.49
CA VAL A 79 -24.00 14.13 36.24
C VAL A 79 -24.35 15.36 35.39
N LYS A 80 -23.47 15.67 34.45
CA LYS A 80 -23.62 16.86 33.61
C LYS A 80 -22.84 16.67 32.32
N VAL A 81 -23.36 17.18 31.21
CA VAL A 81 -22.57 17.21 29.98
C VAL A 81 -21.50 18.30 30.08
N ILE A 82 -20.21 17.92 29.98
CA ILE A 82 -19.13 18.91 30.08
C ILE A 82 -18.36 19.12 28.77
N GLY A 83 -18.84 18.52 27.67
CA GLY A 83 -18.16 18.67 26.39
C GLY A 83 -18.82 18.02 25.20
N ARG A 84 -18.37 18.39 23.99
CA ARG A 84 -18.93 17.87 22.74
C ARG A 84 -17.90 17.79 21.61
N GLY A 85 -17.63 16.56 21.17
CA GLY A 85 -16.77 16.34 20.02
C GLY A 85 -17.59 16.22 18.75
N ALA A 86 -17.00 15.67 17.69
CA ALA A 86 -17.69 15.58 16.40
C ALA A 86 -18.72 14.47 16.41
N PHE A 87 -18.37 13.37 17.04
CA PHE A 87 -19.20 12.17 16.96
C PHE A 87 -20.05 11.88 18.20
N GLY A 88 -20.05 12.79 19.15
CA GLY A 88 -20.87 12.61 20.34
C GLY A 88 -20.48 13.53 21.47
N GLU A 89 -21.22 13.47 22.58
CA GLU A 89 -20.89 14.33 23.71
C GLU A 89 -19.97 13.64 24.70
N VAL A 90 -19.35 14.46 25.53
CA VAL A 90 -18.45 14.01 26.55
C VAL A 90 -19.03 14.44 27.91
N GLN A 91 -19.43 13.47 28.74
CA GLN A 91 -20.21 13.77 29.95
C GLN A 91 -19.57 13.27 31.25
N LEU A 92 -19.58 14.09 32.29
CA LEU A 92 -19.18 13.64 33.64
C LEU A 92 -20.19 12.60 34.12
N VAL A 93 -19.70 11.58 34.82
CA VAL A 93 -20.55 10.47 35.25
C VAL A 93 -20.02 9.83 36.53
N ARG A 94 -20.90 9.13 37.26
CA ARG A 94 -20.44 8.34 38.38
C ARG A 94 -21.06 6.95 38.25
N HIS A 95 -20.23 5.92 38.43
CA HIS A 95 -20.67 4.55 38.31
C HIS A 95 -21.62 4.27 39.47
N LYS A 96 -22.84 3.84 39.16
CA LYS A 96 -23.87 3.59 40.17
C LYS A 96 -23.42 2.57 41.21
N SER A 97 -22.97 1.40 40.76
CA SER A 97 -22.54 0.34 41.67
C SER A 97 -21.28 0.65 42.48
N THR A 98 -20.34 1.36 41.87
CA THR A 98 -19.04 1.53 42.48
C THR A 98 -18.93 2.94 43.00
N ARG A 99 -19.87 3.77 42.58
CA ARG A 99 -19.91 5.18 42.92
C ARG A 99 -18.64 5.99 42.53
N LYS A 100 -17.78 5.39 41.72
CA LYS A 100 -16.54 6.04 41.27
C LYS A 100 -16.85 7.03 40.16
N VAL A 101 -16.06 8.10 40.06
CA VAL A 101 -16.36 9.15 39.09
C VAL A 101 -15.41 9.21 37.88
N TYR A 102 -15.97 9.12 36.67
CA TYR A 102 -15.18 9.20 35.44
C TYR A 102 -15.76 10.19 34.43
N ALA A 103 -15.02 10.43 33.34
CA ALA A 103 -15.51 11.19 32.20
C ALA A 103 -15.75 10.24 31.02
N MET A 104 -16.98 10.14 30.55
CA MET A 104 -17.35 9.17 29.52
C MET A 104 -17.62 9.88 28.19
N LYS A 105 -16.79 9.60 27.18
CA LYS A 105 -16.94 10.20 25.87
C LYS A 105 -17.75 9.25 25.00
N LEU A 106 -18.79 9.76 24.35
CA LEU A 106 -19.61 8.93 23.46
C LEU A 106 -19.17 9.09 22.01
N LEU A 107 -19.52 8.11 21.19
CA LEU A 107 -19.25 8.19 19.76
C LEU A 107 -20.36 7.56 18.92
N SER A 108 -21.18 8.37 18.26
CA SER A 108 -22.28 7.84 17.45
C SER A 108 -21.73 6.96 16.33
N LYS A 109 -22.04 5.68 16.41
CA LYS A 109 -21.60 4.74 15.39
C LYS A 109 -22.14 5.16 14.02
N PHE A 110 -23.36 5.71 14.00
CA PHE A 110 -23.89 6.25 12.75
C PHE A 110 -23.01 7.34 12.20
N GLU A 111 -23.10 8.54 12.76
CA GLU A 111 -22.27 9.67 12.35
C GLU A 111 -20.88 9.21 11.91
N MET A 112 -20.35 8.19 12.58
CA MET A 112 -18.98 7.77 12.33
C MET A 112 -18.90 6.97 11.05
N ILE A 113 -20.04 6.45 10.65
CA ILE A 113 -20.15 5.72 9.39
C ILE A 113 -20.55 6.68 8.25
N LYS A 114 -21.52 7.57 8.51
CA LYS A 114 -21.94 8.59 7.56
C LYS A 114 -20.71 9.18 6.92
N ARG A 115 -19.97 9.99 7.68
CA ARG A 115 -18.65 10.41 7.23
C ARG A 115 -17.78 9.16 7.14
N SER A 116 -17.00 9.07 6.07
CA SER A 116 -16.07 7.97 5.90
C SER A 116 -15.05 7.95 7.06
N ASP A 117 -15.19 8.91 7.98
CA ASP A 117 -14.32 8.99 9.14
C ASP A 117 -14.66 7.86 10.12
N SER A 118 -14.19 6.65 9.79
CA SER A 118 -14.27 5.52 10.70
C SER A 118 -12.88 4.89 10.87
N ALA A 119 -12.78 3.94 11.80
CA ALA A 119 -11.52 3.31 12.15
C ALA A 119 -10.37 4.26 12.56
N PHE A 120 -10.67 5.40 13.19
CA PHE A 120 -9.64 6.30 13.69
C PHE A 120 -9.43 6.10 15.18
N PHE A 121 -10.46 5.60 15.83
CA PHE A 121 -10.54 5.55 17.27
C PHE A 121 -9.68 4.45 17.87
N TRP A 122 -9.18 3.54 17.06
CA TRP A 122 -8.35 2.46 17.60
C TRP A 122 -7.04 3.00 18.17
N GLU A 123 -6.43 3.98 17.51
CA GLU A 123 -5.18 4.49 18.03
C GLU A 123 -5.41 5.28 19.34
N GLU A 124 -6.53 6.00 19.39
CA GLU A 124 -6.91 6.72 20.59
C GLU A 124 -7.08 5.76 21.78
N ARG A 125 -7.80 4.67 21.55
CA ARG A 125 -8.04 3.70 22.60
C ARG A 125 -6.74 3.07 23.08
N ASP A 126 -5.96 2.51 22.15
CA ASP A 126 -4.69 1.92 22.54
C ASP A 126 -3.86 2.87 23.38
N ILE A 127 -3.66 4.10 22.93
CA ILE A 127 -2.86 5.06 23.68
C ILE A 127 -3.38 5.35 25.10
N MET A 128 -4.64 5.76 25.21
CA MET A 128 -5.21 6.10 26.51
C MET A 128 -5.26 4.92 27.47
N ALA A 129 -5.30 3.72 26.93
CA ALA A 129 -5.40 2.54 27.75
C ALA A 129 -4.04 1.97 28.10
N PHE A 130 -2.99 2.35 27.39
CA PHE A 130 -1.71 1.70 27.61
C PHE A 130 -0.56 2.69 27.76
N ALA A 131 -0.84 3.96 27.52
CA ALA A 131 0.20 4.95 27.70
C ALA A 131 0.79 4.84 29.09
N ASN A 132 -0.06 4.66 30.09
CA ASN A 132 0.43 4.57 31.47
C ASN A 132 1.41 5.70 31.70
N SER A 133 0.99 6.93 31.45
CA SER A 133 1.85 8.09 31.62
C SER A 133 1.13 9.24 32.27
N PRO A 134 1.86 10.01 33.11
CA PRO A 134 1.35 11.21 33.78
C PRO A 134 0.83 12.22 32.79
N TRP A 135 1.25 12.13 31.53
CA TRP A 135 0.90 13.14 30.54
C TRP A 135 -0.23 12.72 29.67
N VAL A 136 -0.61 11.46 29.76
CA VAL A 136 -1.67 10.98 28.91
C VAL A 136 -2.92 10.56 29.71
N VAL A 137 -4.06 11.19 29.43
CA VAL A 137 -5.28 10.86 30.15
C VAL A 137 -5.48 9.37 30.05
N GLN A 138 -6.00 8.73 31.10
CA GLN A 138 -6.09 7.27 31.14
C GLN A 138 -7.49 6.67 30.89
N LEU A 139 -7.59 5.66 30.03
CA LEU A 139 -8.85 4.96 29.83
C LEU A 139 -8.96 3.80 30.78
N PHE A 140 -10.09 3.66 31.46
CA PHE A 140 -10.31 2.48 32.28
C PHE A 140 -11.18 1.48 31.57
N TYR A 141 -12.26 1.96 30.93
CA TYR A 141 -13.22 1.07 30.29
C TYR A 141 -13.69 1.56 28.92
N ALA A 142 -13.88 0.64 27.99
CA ALA A 142 -14.40 0.94 26.66
C ALA A 142 -15.44 -0.10 26.29
N PHE A 143 -16.67 0.34 26.10
CA PHE A 143 -17.74 -0.58 25.70
C PHE A 143 -18.59 0.04 24.60
N GLN A 144 -19.52 -0.75 24.09
CA GLN A 144 -20.34 -0.33 22.97
C GLN A 144 -21.74 -0.93 23.03
N ASP A 145 -22.73 -0.22 22.50
CA ASP A 145 -24.03 -0.82 22.22
C ASP A 145 -24.30 -0.74 20.74
N ASP A 146 -25.56 -0.91 20.35
CA ASP A 146 -25.91 -0.82 18.95
C ASP A 146 -25.60 0.58 18.42
N ARG A 147 -25.73 1.59 19.28
CA ARG A 147 -25.69 2.99 18.86
C ARG A 147 -24.32 3.69 18.99
N TYR A 148 -23.68 3.61 20.15
CA TYR A 148 -22.44 4.35 20.39
C TYR A 148 -21.27 3.49 20.89
N LEU A 149 -20.05 3.99 20.70
CA LEU A 149 -18.88 3.49 21.39
C LEU A 149 -18.74 4.30 22.67
N TYR A 150 -18.36 3.70 23.79
CA TYR A 150 -18.16 4.49 25.00
C TYR A 150 -16.74 4.39 25.54
N MET A 151 -16.16 5.52 25.91
CA MET A 151 -14.82 5.53 26.52
C MET A 151 -14.80 6.25 27.90
N VAL A 152 -14.69 5.42 28.94
CA VAL A 152 -14.74 5.82 30.34
C VAL A 152 -13.32 6.09 30.80
N MET A 153 -13.05 7.28 31.31
CA MET A 153 -11.66 7.67 31.51
C MET A 153 -11.39 8.76 32.55
N GLU A 154 -10.26 8.63 33.25
CA GLU A 154 -9.76 9.62 34.21
C GLU A 154 -10.42 10.99 34.02
N TYR A 155 -11.25 11.44 34.96
CA TYR A 155 -11.85 12.77 34.84
C TYR A 155 -10.86 13.85 35.21
N MET A 156 -10.94 14.99 34.54
CA MET A 156 -9.98 16.06 34.75
C MET A 156 -10.67 17.33 35.23
N PRO A 157 -10.71 17.53 36.57
CA PRO A 157 -11.53 18.61 37.12
C PRO A 157 -10.96 19.94 36.71
N GLY A 158 -9.68 19.95 36.34
CA GLY A 158 -8.97 21.18 36.02
C GLY A 158 -9.56 22.05 34.93
N GLY A 159 -9.96 21.44 33.82
CA GLY A 159 -10.56 22.19 32.72
C GLY A 159 -9.56 22.31 31.59
N ASP A 160 -10.02 22.74 30.42
CA ASP A 160 -9.16 22.86 29.24
C ASP A 160 -8.42 24.18 29.26
N LEU A 161 -7.33 24.28 28.52
CA LEU A 161 -6.53 25.49 28.58
C LEU A 161 -7.21 26.60 27.84
N VAL A 162 -8.35 26.30 27.23
CA VAL A 162 -9.06 27.36 26.54
C VAL A 162 -9.77 28.20 27.55
N ASN A 163 -10.56 27.56 28.42
CA ASN A 163 -11.16 28.26 29.54
C ASN A 163 -10.10 29.06 30.28
N LEU A 164 -9.05 28.37 30.75
CA LEU A 164 -7.95 29.06 31.43
C LEU A 164 -7.53 30.33 30.72
N MET A 165 -6.99 30.18 29.52
CA MET A 165 -6.54 31.34 28.74
C MET A 165 -7.63 32.39 28.67
N SER A 166 -8.88 31.96 28.78
CA SER A 166 -10.03 32.85 28.73
C SER A 166 -10.02 33.74 29.97
N ASN A 167 -9.90 33.12 31.12
CA ASN A 167 -10.14 33.79 32.38
C ASN A 167 -8.95 34.54 33.00
N TYR A 168 -7.75 34.40 32.43
CA TYR A 168 -6.55 35.04 33.00
C TYR A 168 -5.70 35.93 32.08
N ASP A 169 -4.97 36.86 32.68
CA ASP A 169 -3.93 37.60 32.00
C ASP A 169 -2.61 36.84 32.13
N VAL A 170 -2.52 35.70 31.44
CA VAL A 170 -1.35 34.84 31.53
C VAL A 170 -0.04 35.62 31.35
N PRO A 171 0.91 35.40 32.27
CA PRO A 171 2.24 36.02 32.32
C PRO A 171 3.32 35.06 31.84
N GLU A 172 4.45 35.59 31.38
CA GLU A 172 5.51 34.78 30.81
C GLU A 172 5.83 33.56 31.68
N LYS A 173 5.63 33.67 32.99
CA LYS A 173 5.92 32.54 33.84
C LYS A 173 5.01 31.39 33.48
N TRP A 174 3.73 31.60 33.75
CA TRP A 174 2.73 30.61 33.42
C TRP A 174 3.00 30.01 32.05
N ALA A 175 3.05 30.88 31.03
CA ALA A 175 3.35 30.47 29.66
C ALA A 175 4.46 29.44 29.66
N ARG A 176 5.60 29.79 30.26
CA ARG A 176 6.75 28.89 30.34
C ARG A 176 6.33 27.53 30.89
N PHE A 177 5.47 27.55 31.90
CA PHE A 177 5.06 26.32 32.56
C PHE A 177 4.22 25.44 31.63
N TYR A 178 3.05 25.90 31.29
CA TYR A 178 2.18 25.12 30.45
C TYR A 178 2.92 24.62 29.23
N THR A 179 3.53 25.52 28.48
CA THR A 179 4.28 25.13 27.30
C THR A 179 5.24 23.99 27.52
N ALA A 180 6.12 24.12 28.51
CA ALA A 180 7.10 23.08 28.81
C ALA A 180 6.47 21.72 29.18
N GLU A 181 5.31 21.75 29.82
CA GLU A 181 4.63 20.49 30.11
C GLU A 181 4.06 19.87 28.84
N VAL A 182 3.56 20.74 27.97
CA VAL A 182 3.09 20.34 26.67
C VAL A 182 4.23 19.66 25.95
N VAL A 183 5.44 20.19 26.07
CA VAL A 183 6.59 19.56 25.44
C VAL A 183 6.96 18.20 26.03
N LEU A 184 6.96 18.08 27.34
CA LEU A 184 7.26 16.77 27.92
C LEU A 184 6.27 15.74 27.43
N ALA A 185 5.03 16.17 27.25
CA ALA A 185 3.93 15.28 26.95
C ALA A 185 3.94 14.83 25.51
N LEU A 186 4.10 15.80 24.61
CA LEU A 186 4.24 15.53 23.19
C LEU A 186 5.44 14.62 22.98
N ASP A 187 6.48 14.78 23.79
CA ASP A 187 7.66 13.94 23.70
C ASP A 187 7.31 12.53 24.14
N ALA A 188 6.42 12.43 25.11
CA ALA A 188 5.94 11.14 25.57
C ALA A 188 5.26 10.37 24.47
N ILE A 189 4.43 11.06 23.71
CA ILE A 189 3.63 10.42 22.68
C ILE A 189 4.50 10.05 21.52
N HIS A 190 5.36 11.00 21.17
CA HIS A 190 6.41 10.81 20.21
C HIS A 190 7.21 9.52 20.49
N SER A 191 7.44 9.21 21.76
CA SER A 191 8.20 8.03 22.07
C SER A 191 7.38 6.77 21.96
N MET A 192 6.07 6.86 22.13
CA MET A 192 5.21 5.73 21.82
C MET A 192 5.10 5.57 20.29
N GLY A 193 5.94 6.29 19.54
CA GLY A 193 5.96 6.21 18.09
C GLY A 193 4.74 6.81 17.41
N PHE A 194 4.22 7.91 17.98
CA PHE A 194 3.00 8.53 17.44
C PHE A 194 3.20 10.00 17.21
N ILE A 195 2.42 10.52 16.28
CA ILE A 195 2.43 11.93 16.01
C ILE A 195 1.06 12.45 16.31
N HIS A 196 1.00 13.61 16.94
CA HIS A 196 -0.31 14.11 17.34
C HIS A 196 -1.11 14.71 16.20
N ARG A 197 -0.47 15.61 15.49
CA ARG A 197 -1.07 16.22 14.33
C ARG A 197 -2.16 17.25 14.67
N ASP A 198 -2.62 17.25 15.92
CA ASP A 198 -3.66 18.19 16.33
C ASP A 198 -3.45 18.80 17.71
N VAL A 199 -2.36 19.56 17.88
CA VAL A 199 -2.07 20.22 19.14
C VAL A 199 -2.81 21.54 19.30
N LYS A 200 -3.55 21.66 20.40
CA LYS A 200 -4.40 22.83 20.59
C LYS A 200 -4.98 22.86 22.01
N PRO A 201 -5.18 24.08 22.57
CA PRO A 201 -5.67 24.29 23.94
C PRO A 201 -6.85 23.41 24.23
N ASP A 202 -7.74 23.34 23.25
CA ASP A 202 -8.92 22.50 23.32
C ASP A 202 -8.62 21.06 23.76
N ASN A 203 -7.44 20.55 23.42
CA ASN A 203 -7.05 19.20 23.78
C ASN A 203 -6.24 19.11 25.08
N MET A 204 -5.85 20.25 25.63
CA MET A 204 -5.00 20.28 26.81
C MET A 204 -5.84 20.40 28.08
N LEU A 205 -5.91 19.34 28.88
CA LEU A 205 -6.70 19.37 30.11
C LEU A 205 -5.84 19.44 31.38
N LEU A 206 -6.48 19.73 32.52
CA LEU A 206 -5.78 19.85 33.82
C LEU A 206 -6.33 18.88 34.89
N ASP A 207 -5.42 18.29 35.69
CA ASP A 207 -5.82 17.42 36.79
C ASP A 207 -6.01 18.22 38.09
N LYS A 208 -6.67 17.61 39.08
CA LYS A 208 -7.00 18.29 40.32
C LYS A 208 -5.80 19.03 40.95
N SER A 209 -4.61 18.85 40.39
CA SER A 209 -3.42 19.51 40.89
C SER A 209 -2.93 20.62 39.97
N GLY A 210 -3.76 21.00 39.00
CA GLY A 210 -3.39 22.04 38.04
C GLY A 210 -2.32 21.68 37.01
N HIS A 211 -2.00 20.40 36.90
CA HIS A 211 -1.00 19.93 35.96
C HIS A 211 -1.67 19.40 34.71
N LEU A 212 -0.86 19.12 33.69
CA LEU A 212 -1.38 19.02 32.34
C LEU A 212 -1.34 17.62 31.72
N LYS A 213 -2.32 17.32 30.87
CA LYS A 213 -2.38 16.06 30.14
C LYS A 213 -3.00 16.32 28.77
N LEU A 214 -2.81 15.41 27.82
CA LEU A 214 -3.46 15.55 26.54
C LEU A 214 -4.74 14.71 26.58
N ALA A 215 -5.84 15.21 26.03
CA ALA A 215 -7.15 14.61 26.29
C ALA A 215 -7.86 14.02 25.09
N ASP A 216 -7.40 14.29 23.87
CA ASP A 216 -8.06 13.69 22.72
C ASP A 216 -7.01 13.24 21.72
N PHE A 217 -7.17 12.02 21.22
CA PHE A 217 -6.16 11.41 20.36
C PHE A 217 -6.66 10.92 19.00
N GLY A 218 -7.85 11.32 18.61
CA GLY A 218 -8.37 10.91 17.31
C GLY A 218 -7.37 11.17 16.21
N THR A 219 -6.69 12.31 16.31
CA THR A 219 -5.83 12.79 15.24
C THR A 219 -4.53 12.00 15.14
N CYS A 220 -4.16 11.30 16.21
CA CYS A 220 -2.93 10.48 16.22
C CYS A 220 -2.74 9.53 15.04
N MET A 221 -1.49 9.33 14.65
CA MET A 221 -1.12 8.42 13.56
C MET A 221 0.29 7.82 13.82
N LYS A 222 0.38 6.49 13.75
CA LYS A 222 1.65 5.83 14.05
C LYS A 222 2.72 6.16 13.00
N MET A 223 3.90 6.56 13.45
CA MET A 223 4.95 6.90 12.51
C MET A 223 5.94 5.78 12.23
N ASN A 224 6.35 5.69 10.97
CA ASN A 224 7.21 4.62 10.48
C ASN A 224 8.62 4.66 11.04
N LYS A 225 9.45 3.73 10.62
CA LYS A 225 10.79 3.60 11.16
C LYS A 225 11.61 4.88 11.04
N GLU A 226 11.45 5.58 9.91
CA GLU A 226 12.26 6.77 9.68
C GLU A 226 11.70 8.00 10.44
N GLY A 227 10.58 7.81 11.12
CA GLY A 227 10.01 8.85 11.97
C GLY A 227 9.00 9.69 11.25
N MET A 228 8.64 9.24 10.05
CA MET A 228 7.72 9.96 9.19
C MET A 228 6.39 9.21 8.99
N VAL A 229 5.39 9.92 8.50
CA VAL A 229 4.12 9.31 8.13
C VAL A 229 3.66 9.92 6.81
N ARG A 230 2.77 9.23 6.09
CA ARG A 230 2.34 9.70 4.77
C ARG A 230 0.82 9.72 4.68
N CYS A 231 0.25 10.91 4.52
CA CYS A 231 -1.21 11.07 4.59
C CYS A 231 -1.77 11.95 3.46
N ASP A 232 -2.36 11.32 2.44
CA ASP A 232 -2.95 12.09 1.35
C ASP A 232 -3.82 13.24 1.88
N THR A 233 -4.97 12.93 2.47
CA THR A 233 -5.83 13.95 3.09
C THR A 233 -5.58 14.12 4.62
N ALA A 234 -4.99 15.25 4.97
CA ALA A 234 -4.44 15.49 6.30
C ALA A 234 -5.37 16.23 7.26
N VAL A 235 -5.14 16.03 8.55
CA VAL A 235 -5.98 16.58 9.61
C VAL A 235 -5.30 17.62 10.47
N GLY A 236 -6.03 18.07 11.48
CA GLY A 236 -5.57 19.18 12.30
C GLY A 236 -6.67 20.21 12.51
N THR A 237 -6.29 21.37 13.02
CA THR A 237 -7.29 22.41 13.26
C THR A 237 -6.95 23.76 12.60
N PRO A 238 -7.96 24.35 11.96
CA PRO A 238 -7.82 25.59 11.20
C PRO A 238 -6.66 26.43 11.65
N ASP A 239 -6.57 26.81 12.91
CA ASP A 239 -5.55 27.78 13.31
C ASP A 239 -4.19 27.14 13.61
N TYR A 240 -4.21 26.06 14.39
CA TYR A 240 -3.01 25.46 14.96
C TYR A 240 -2.27 24.52 14.02
N ILE A 241 -2.56 24.64 12.74
CA ILE A 241 -2.06 23.69 11.75
C ILE A 241 -0.66 23.99 11.27
N SER A 242 0.10 22.94 10.99
CA SER A 242 1.41 23.11 10.40
C SER A 242 1.17 23.28 8.92
N PRO A 243 2.02 24.05 8.22
CA PRO A 243 1.70 24.27 6.80
C PRO A 243 1.97 23.03 5.94
N GLU A 244 3.03 22.29 6.22
CA GLU A 244 3.31 21.08 5.48
C GLU A 244 2.16 20.10 5.57
N VAL A 245 1.68 19.85 6.77
CA VAL A 245 0.52 18.99 6.97
C VAL A 245 -0.64 19.54 6.18
N LEU A 246 -0.60 20.83 5.96
CA LEU A 246 -1.69 21.57 5.39
C LEU A 246 -1.71 21.35 3.89
N LYS A 247 -0.59 21.63 3.23
CA LYS A 247 -0.53 21.41 1.80
C LYS A 247 -0.38 19.91 1.53
N SER A 248 -1.46 19.16 1.79
CA SER A 248 -1.43 17.71 1.63
C SER A 248 -2.49 17.25 0.62
N GLN A 249 -2.10 16.31 -0.26
CA GLN A 249 -3.07 15.69 -1.17
C GLN A 249 -2.54 14.43 -1.83
N GLY A 250 -3.38 13.85 -2.67
CA GLY A 250 -2.95 12.79 -3.56
C GLY A 250 -1.65 13.26 -4.15
N GLY A 251 -0.56 12.89 -3.49
CA GLY A 251 0.74 13.43 -3.81
C GLY A 251 1.54 13.63 -2.54
N ASP A 252 2.08 14.84 -2.35
CA ASP A 252 2.84 15.09 -1.12
C ASP A 252 1.91 15.28 0.07
N GLY A 253 1.82 14.25 0.88
CA GLY A 253 1.11 14.34 2.13
C GLY A 253 1.94 13.62 3.17
N TYR A 254 3.26 13.82 3.13
CA TYR A 254 4.13 13.08 4.03
C TYR A 254 5.07 13.95 4.85
N TYR A 255 5.12 13.69 6.16
CA TYR A 255 5.73 14.61 7.09
C TYR A 255 6.08 13.91 8.39
N GLY A 256 6.92 14.55 9.19
CA GLY A 256 7.43 13.93 10.39
C GLY A 256 6.77 14.46 11.63
N ARG A 257 7.51 14.56 12.72
CA ARG A 257 6.92 15.02 13.96
C ARG A 257 7.08 16.52 14.19
N GLU A 258 8.04 17.19 13.55
CA GLU A 258 8.23 18.59 13.89
C GLU A 258 6.97 19.44 13.58
N CYS A 259 5.97 18.82 12.95
CA CYS A 259 4.73 19.55 12.67
C CYS A 259 3.96 19.83 13.98
N ASP A 260 4.05 18.90 14.93
CA ASP A 260 3.52 19.13 16.24
C ASP A 260 4.20 20.37 16.81
N TRP A 261 5.53 20.40 16.78
CA TRP A 261 6.28 21.55 17.28
C TRP A 261 5.78 22.87 16.72
N TRP A 262 5.41 22.87 15.44
CA TRP A 262 4.82 24.07 14.89
C TRP A 262 3.54 24.36 15.68
N SER A 263 2.64 23.40 15.73
CA SER A 263 1.39 23.62 16.40
C SER A 263 1.67 24.31 17.73
N VAL A 264 2.65 23.80 18.47
CA VAL A 264 3.00 24.32 19.80
C VAL A 264 3.39 25.79 19.79
N GLY A 265 4.28 26.19 18.89
CA GLY A 265 4.63 27.59 18.77
C GLY A 265 3.37 28.42 18.56
N VAL A 266 2.44 27.90 17.76
CA VAL A 266 1.17 28.61 17.54
C VAL A 266 0.50 28.84 18.88
N PHE A 267 0.33 27.76 19.63
CA PHE A 267 -0.12 27.78 21.03
C PHE A 267 0.44 28.94 21.79
N LEU A 268 1.77 28.97 21.90
CA LEU A 268 2.45 29.93 22.75
C LEU A 268 2.04 31.34 22.37
N TYR A 269 2.14 31.64 21.08
CA TYR A 269 1.66 32.93 20.57
C TYR A 269 0.25 33.21 21.08
N GLU A 270 -0.66 32.26 20.85
CA GLU A 270 -2.03 32.43 21.28
C GLU A 270 -2.11 32.83 22.74
N MET A 271 -1.23 32.25 23.56
CA MET A 271 -1.34 32.37 25.01
C MET A 271 -0.84 33.72 25.50
N LEU A 272 0.22 34.22 24.89
CA LEU A 272 0.73 35.52 25.29
C LEU A 272 -0.01 36.68 24.59
N VAL A 273 -0.33 36.54 23.30
CA VAL A 273 -1.07 37.58 22.58
C VAL A 273 -2.56 37.68 22.90
N GLY A 274 -3.27 36.58 22.77
CA GLY A 274 -4.70 36.57 23.03
C GLY A 274 -5.47 36.32 21.76
N ASP A 275 -4.73 36.07 20.68
CA ASP A 275 -5.31 35.71 19.40
C ASP A 275 -4.35 34.85 18.57
N THR A 276 -4.94 34.04 17.70
CA THR A 276 -4.18 33.17 16.80
C THR A 276 -3.19 33.94 15.94
N PRO A 277 -1.94 33.43 15.86
CA PRO A 277 -0.84 34.03 15.10
C PRO A 277 -1.17 34.27 13.65
N PHE A 278 -2.29 33.74 13.19
CA PHE A 278 -2.67 33.87 11.80
C PHE A 278 -4.18 33.93 11.73
N TYR A 279 -4.80 34.62 12.70
CA TYR A 279 -6.26 34.72 12.69
C TYR A 279 -6.74 35.56 11.52
N ALA A 280 -7.89 35.20 10.97
CA ALA A 280 -8.53 35.96 9.92
C ALA A 280 -10.02 35.65 9.92
N ASP A 281 -10.85 36.67 9.72
CA ASP A 281 -12.29 36.49 9.82
C ASP A 281 -12.79 35.44 8.84
N SER A 282 -12.24 35.43 7.64
CA SER A 282 -12.51 34.33 6.72
C SER A 282 -11.49 33.26 7.02
N LEU A 283 -11.91 32.01 6.98
CA LEU A 283 -11.02 30.92 7.31
C LEU A 283 -9.89 30.77 6.31
N VAL A 284 -10.28 30.59 5.05
CA VAL A 284 -9.34 30.52 3.96
C VAL A 284 -8.18 31.52 4.17
N GLY A 285 -8.53 32.70 4.69
CA GLY A 285 -7.55 33.73 5.00
C GLY A 285 -6.51 33.20 5.96
N THR A 286 -6.93 32.65 7.10
CA THR A 286 -5.98 32.08 8.06
C THR A 286 -5.10 31.07 7.35
N TYR A 287 -5.70 30.34 6.43
CA TYR A 287 -5.00 29.31 5.68
C TYR A 287 -3.79 29.88 4.95
N SER A 288 -4.05 30.73 3.96
CA SER A 288 -2.97 31.30 3.16
C SER A 288 -2.01 32.11 4.03
N LYS A 289 -2.55 32.69 5.08
CA LYS A 289 -1.82 33.52 6.00
C LYS A 289 -0.73 32.67 6.64
N ILE A 290 -1.08 31.39 6.85
CA ILE A 290 -0.21 30.35 7.35
C ILE A 290 0.85 30.01 6.34
N MET A 291 0.40 29.88 5.08
CA MET A 291 1.30 29.63 3.95
C MET A 291 2.31 30.76 3.82
N ASN A 292 1.93 31.96 4.24
CA ASN A 292 2.78 33.14 4.13
C ASN A 292 3.49 33.49 5.43
N HIS A 293 3.60 32.51 6.32
CA HIS A 293 4.13 32.77 7.64
C HIS A 293 5.40 33.63 7.67
N LYS A 294 6.31 33.38 6.74
CA LYS A 294 7.55 34.15 6.65
C LYS A 294 7.30 35.65 6.76
N ASN A 295 6.13 36.08 6.30
CA ASN A 295 5.77 37.49 6.35
C ASN A 295 4.37 37.75 6.90
N SER A 296 3.76 36.73 7.49
CA SER A 296 2.45 36.89 8.15
C SER A 296 2.64 37.09 9.65
N LEU A 297 3.84 36.77 10.12
CA LEU A 297 4.20 36.88 11.53
C LEU A 297 4.33 38.33 11.96
N THR A 298 3.77 38.65 13.13
CA THR A 298 3.72 40.01 13.65
C THR A 298 3.47 40.00 15.17
N PHE A 299 3.42 41.17 15.78
CA PHE A 299 3.08 41.32 17.20
C PHE A 299 2.71 42.77 17.49
N PRO A 300 1.54 42.98 18.11
CA PRO A 300 1.20 44.36 18.46
C PRO A 300 2.34 45.00 19.24
N ASP A 301 2.79 46.20 18.85
CA ASP A 301 3.94 46.83 19.50
C ASP A 301 3.69 47.19 20.97
N ASP A 302 3.39 46.17 21.75
CA ASP A 302 3.32 46.30 23.19
C ASP A 302 4.52 45.55 23.73
N ASN A 303 5.52 46.30 24.18
CA ASN A 303 6.76 45.68 24.60
C ASN A 303 6.64 44.89 25.90
N ASP A 304 5.45 44.37 26.16
CA ASP A 304 5.26 43.44 27.26
C ASP A 304 5.63 42.01 26.86
N ILE A 305 6.28 41.85 25.70
CA ILE A 305 6.79 40.53 25.33
C ILE A 305 8.32 40.45 25.45
N SER A 306 8.83 39.26 25.81
CA SER A 306 10.27 39.09 26.01
C SER A 306 11.03 38.89 24.71
N LYS A 307 12.34 39.15 24.75
CA LYS A 307 13.17 38.78 23.62
C LYS A 307 12.97 37.29 23.37
N GLU A 308 13.07 36.49 24.43
CA GLU A 308 12.99 35.06 24.27
C GLU A 308 11.66 34.61 23.69
N ALA A 309 10.58 34.87 24.40
CA ALA A 309 9.26 34.57 23.88
C ALA A 309 9.25 34.72 22.36
N LYS A 310 9.34 35.95 21.88
CA LYS A 310 9.37 36.19 20.44
C LYS A 310 10.28 35.14 19.79
N ASN A 311 11.52 35.03 20.25
CA ASN A 311 12.50 34.12 19.66
C ASN A 311 11.92 32.72 19.43
N LEU A 312 11.79 31.97 20.52
CA LEU A 312 11.14 30.66 20.54
C LEU A 312 9.96 30.53 19.56
N ILE A 313 9.00 31.43 19.68
CA ILE A 313 7.84 31.46 18.80
C ILE A 313 8.23 31.37 17.34
N CYS A 314 9.08 32.30 16.90
CA CYS A 314 9.53 32.35 15.51
C CYS A 314 10.38 31.14 15.09
N ALA A 315 11.00 30.48 16.06
CA ALA A 315 11.82 29.29 15.79
C ALA A 315 10.96 28.06 15.53
N PHE A 316 9.76 28.04 16.10
CA PHE A 316 8.77 27.01 15.80
C PHE A 316 8.01 27.36 14.54
N LEU A 317 7.66 28.62 14.39
CA LEU A 317 6.94 29.04 13.21
C LEU A 317 7.89 29.38 12.06
N THR A 318 8.67 28.38 11.64
CA THR A 318 9.41 28.47 10.39
C THR A 318 9.21 27.22 9.59
N ASP A 319 9.84 27.17 8.43
CA ASP A 319 9.66 26.05 7.54
C ASP A 319 10.24 24.80 8.17
N ARG A 320 9.52 23.69 8.07
CA ARG A 320 9.94 22.41 8.62
C ARG A 320 11.46 22.32 8.75
N GLU A 321 12.17 22.46 7.63
CA GLU A 321 13.59 22.11 7.54
C GLU A 321 14.54 22.91 8.43
N VAL A 322 14.07 24.08 8.89
CA VAL A 322 14.88 24.97 9.69
C VAL A 322 14.15 25.30 10.98
N ARG A 323 13.06 24.60 11.22
CA ARG A 323 12.25 24.85 12.40
C ARG A 323 12.87 24.24 13.65
N LEU A 324 12.56 24.87 14.79
CA LEU A 324 13.10 24.45 16.08
C LEU A 324 12.58 23.06 16.46
N GLY A 325 13.50 22.15 16.74
CA GLY A 325 13.12 20.81 17.10
C GLY A 325 13.29 19.83 15.94
N ARG A 326 13.76 20.34 14.81
CA ARG A 326 14.02 19.45 13.70
C ARG A 326 15.04 18.42 14.13
N ASN A 327 15.94 18.83 15.01
CA ASN A 327 16.99 17.94 15.49
C ASN A 327 16.55 17.04 16.64
N GLY A 328 16.70 17.50 17.88
CA GLY A 328 16.25 16.73 19.01
C GLY A 328 15.29 17.52 19.88
N VAL A 329 14.42 16.83 20.62
CA VAL A 329 13.60 17.51 21.61
C VAL A 329 14.51 18.25 22.57
N GLU A 330 15.58 17.56 22.99
CA GLU A 330 16.57 18.17 23.87
C GLU A 330 16.84 19.59 23.41
N GLU A 331 17.08 19.73 22.11
CA GLU A 331 17.34 21.03 21.49
C GLU A 331 16.35 22.09 21.95
N ILE A 332 15.07 21.73 22.00
CA ILE A 332 14.03 22.66 22.43
C ILE A 332 14.17 22.92 23.91
N LYS A 333 14.28 21.84 24.69
CA LYS A 333 14.46 21.97 26.13
C LYS A 333 15.49 23.05 26.50
N ARG A 334 16.63 23.04 25.82
CA ARG A 334 17.75 23.94 26.14
C ARG A 334 17.50 25.41 25.83
N HIS A 335 16.49 25.71 25.00
CA HIS A 335 16.26 27.08 24.55
C HIS A 335 16.28 28.07 25.70
N LEU A 336 16.73 29.29 25.43
CA LEU A 336 16.95 30.29 26.48
C LEU A 336 15.66 30.62 27.23
N PHE A 337 14.56 30.71 26.49
CA PHE A 337 13.25 30.96 27.07
C PHE A 337 12.87 29.86 28.07
N PHE A 338 13.54 28.72 28.01
CA PHE A 338 13.32 27.72 29.03
C PHE A 338 14.44 27.74 30.05
N LYS A 339 14.57 28.90 30.69
CA LYS A 339 15.56 29.12 31.73
C LYS A 339 14.90 29.81 32.91
N ASN A 340 15.08 29.21 34.08
CA ASN A 340 14.58 29.82 35.29
C ASN A 340 15.11 29.11 36.53
N ASP A 341 14.78 29.65 37.70
CA ASP A 341 15.27 29.10 38.96
C ASP A 341 14.10 28.60 39.79
N GLN A 342 13.05 28.14 39.10
CA GLN A 342 11.85 27.65 39.77
C GLN A 342 11.51 26.18 39.43
N TRP A 343 12.01 25.68 38.31
CA TRP A 343 11.81 24.27 37.96
C TRP A 343 12.82 23.69 36.96
N ALA A 344 13.08 22.40 37.09
CA ALA A 344 13.95 21.66 36.17
C ALA A 344 13.08 20.64 35.45
N TRP A 345 13.51 20.19 34.28
CA TRP A 345 12.64 19.33 33.47
C TRP A 345 12.16 18.07 34.19
N GLU A 346 13.08 17.25 34.68
CA GLU A 346 12.74 15.93 35.24
C GLU A 346 12.06 16.05 36.59
N THR A 347 11.53 17.23 36.86
CA THR A 347 10.90 17.46 38.15
C THR A 347 9.66 18.36 37.99
N LEU A 348 9.41 18.83 36.78
CA LEU A 348 8.34 19.80 36.57
C LEU A 348 6.97 19.21 36.89
N ARG A 349 6.79 17.91 36.64
CA ARG A 349 5.52 17.28 37.00
C ARG A 349 5.20 17.43 38.49
N ASP A 350 6.24 17.44 39.33
CA ASP A 350 6.06 17.36 40.78
C ASP A 350 5.89 18.72 41.44
N THR A 351 6.21 19.79 40.72
CA THR A 351 6.16 21.13 41.30
C THR A 351 4.76 21.67 41.49
N VAL A 352 4.70 22.89 41.98
CA VAL A 352 3.44 23.54 42.24
C VAL A 352 2.92 24.17 40.96
N ALA A 353 1.78 23.68 40.49
CA ALA A 353 1.16 24.21 39.29
C ALA A 353 0.96 25.72 39.39
N PRO A 354 0.79 26.38 38.24
CA PRO A 354 0.59 27.82 38.19
C PRO A 354 -0.83 28.20 38.61
N VAL A 355 -1.75 27.29 38.37
CA VAL A 355 -3.09 27.47 38.89
C VAL A 355 -3.61 26.14 39.39
N VAL A 356 -4.11 26.13 40.63
CA VAL A 356 -4.74 24.94 41.18
C VAL A 356 -6.22 25.13 41.37
N PRO A 357 -6.98 24.14 40.92
CA PRO A 357 -8.45 24.18 40.97
C PRO A 357 -8.98 24.04 42.39
N ASP A 358 -9.80 24.99 42.83
CA ASP A 358 -10.54 24.84 44.08
C ASP A 358 -11.86 24.13 43.83
N LEU A 359 -11.94 22.88 44.29
CA LEU A 359 -13.06 22.03 43.96
C LEU A 359 -13.94 21.77 45.17
N SER A 360 -15.25 22.01 45.01
CA SER A 360 -16.25 21.80 46.06
C SER A 360 -16.33 20.33 46.44
N SER A 361 -16.47 19.48 45.43
CA SER A 361 -16.62 18.04 45.62
C SER A 361 -15.80 17.26 44.62
N ASP A 362 -16.04 15.96 44.54
CA ASP A 362 -15.41 15.14 43.51
C ASP A 362 -16.16 15.26 42.19
N ILE A 363 -17.07 16.24 42.10
CA ILE A 363 -17.85 16.49 40.87
C ILE A 363 -18.06 17.98 40.55
N ASP A 364 -17.09 18.83 40.89
CA ASP A 364 -17.24 20.24 40.58
C ASP A 364 -17.02 20.54 39.10
N THR A 365 -18.11 20.68 38.36
CA THR A 365 -17.99 21.04 36.95
C THR A 365 -17.86 22.55 36.81
N SER A 366 -17.09 23.16 37.70
CA SER A 366 -16.96 24.62 37.69
C SER A 366 -16.10 25.14 36.54
N ASN A 367 -15.15 24.32 36.10
CA ASN A 367 -14.21 24.73 35.06
C ASN A 367 -14.69 24.30 33.68
N PHE A 368 -15.99 24.03 33.58
CA PHE A 368 -16.62 23.71 32.33
C PHE A 368 -17.86 24.57 32.05
N ASP A 369 -17.67 25.63 31.26
CA ASP A 369 -18.77 26.51 30.89
C ASP A 369 -19.95 25.69 30.28
N ASP A 370 -21.18 26.19 30.40
CA ASP A 370 -22.39 25.53 29.90
C ASP A 370 -22.46 25.33 28.38
N LEU A 371 -23.06 24.24 27.93
CA LEU A 371 -23.21 23.95 26.49
C LEU A 371 -24.61 23.50 26.06
N GLU A 372 -24.92 23.62 24.77
CA GLU A 372 -26.22 23.22 24.22
C GLU A 372 -26.40 21.69 24.19
N GLU A 373 -27.54 21.21 24.64
CA GLU A 373 -27.81 19.78 24.68
C GLU A 373 -28.02 19.21 23.27
N ASP A 374 -29.13 18.50 23.10
CA ASP A 374 -29.54 17.94 21.81
C ASP A 374 -29.60 19.03 20.75
N LYS A 375 -28.72 18.94 19.76
CA LYS A 375 -28.70 19.91 18.66
C LYS A 375 -29.26 19.30 17.38
N GLY A 376 -29.89 18.12 17.55
CA GLY A 376 -30.48 17.39 16.44
C GLY A 376 -29.55 16.34 15.86
N GLU A 377 -28.51 15.98 16.62
CA GLU A 377 -27.44 15.11 16.11
C GLU A 377 -27.74 13.62 16.17
N GLU A 378 -28.64 13.22 17.06
CA GLU A 378 -28.95 11.79 17.21
C GLU A 378 -29.77 11.26 16.04
N GLU A 379 -29.08 10.62 15.10
CA GLU A 379 -29.77 9.92 14.02
C GLU A 379 -29.38 8.45 14.00
N THR A 380 -30.18 7.64 13.32
CA THR A 380 -30.01 6.20 13.40
C THR A 380 -29.81 5.56 12.03
N PHE A 381 -29.19 4.39 12.02
CA PHE A 381 -29.13 3.57 10.82
C PHE A 381 -30.55 3.22 10.35
N PRO A 382 -30.71 3.03 9.04
CA PRO A 382 -31.95 2.54 8.46
C PRO A 382 -32.00 1.02 8.44
N ILE A 383 -33.14 0.44 8.81
CA ILE A 383 -33.36 -1.00 8.73
C ILE A 383 -32.98 -1.53 7.37
N PRO A 384 -32.02 -2.45 7.34
CA PRO A 384 -31.52 -3.06 6.10
C PRO A 384 -32.53 -3.98 5.43
N LYS A 385 -32.38 -4.18 4.13
CA LYS A 385 -33.17 -5.15 3.41
C LYS A 385 -32.30 -6.38 3.22
N ALA A 386 -31.00 -6.16 3.21
CA ALA A 386 -30.03 -7.24 3.22
C ALA A 386 -28.97 -6.93 4.26
N PHE A 387 -28.21 -7.95 4.64
CA PHE A 387 -27.13 -7.79 5.61
C PHE A 387 -26.17 -6.69 5.18
N VAL A 388 -26.03 -5.65 5.99
CA VAL A 388 -25.12 -4.54 5.69
C VAL A 388 -23.91 -4.52 6.60
N GLY A 389 -24.02 -5.20 7.73
CA GLY A 389 -22.92 -5.35 8.68
C GLY A 389 -22.40 -4.10 9.34
N ASN A 390 -23.27 -3.18 9.73
CA ASN A 390 -22.79 -1.89 10.25
C ASN A 390 -22.04 -1.94 11.57
N GLN A 391 -22.01 -3.09 12.23
CA GLN A 391 -21.34 -3.16 13.53
C GLN A 391 -19.93 -3.75 13.45
N LEU A 392 -19.61 -4.33 12.30
CA LEU A 392 -18.30 -4.92 12.08
C LEU A 392 -17.13 -3.95 12.28
N PRO A 393 -17.30 -2.68 11.89
CA PRO A 393 -16.14 -1.82 12.07
C PRO A 393 -15.71 -1.68 13.55
N PHE A 394 -16.59 -2.06 14.48
CA PHE A 394 -16.34 -1.81 15.89
C PHE A 394 -16.14 -3.07 16.72
N VAL A 395 -15.96 -4.20 16.04
CA VAL A 395 -15.63 -5.44 16.74
C VAL A 395 -14.28 -5.30 17.36
N GLY A 396 -14.23 -5.49 18.68
CA GLY A 396 -12.98 -5.49 19.39
C GLY A 396 -12.78 -4.22 20.17
N PHE A 397 -13.74 -3.32 20.14
CA PHE A 397 -13.55 -2.06 20.83
C PHE A 397 -13.63 -2.22 22.36
N THR A 398 -14.23 -3.30 22.82
CA THR A 398 -14.39 -3.50 24.23
C THR A 398 -13.07 -3.80 24.91
N TYR A 399 -12.84 -3.14 26.05
CA TYR A 399 -11.67 -3.37 26.88
C TYR A 399 -12.01 -3.02 28.32
N TYR A 400 -11.68 -3.94 29.22
CA TYR A 400 -11.84 -3.77 30.67
C TYR A 400 -10.48 -3.68 31.34
N SER A 401 -10.36 -2.88 32.41
CA SER A 401 -9.07 -2.58 33.06
C SER A 401 -8.60 -3.55 34.14
N ASN A 402 -7.31 -3.88 34.11
CA ASN A 402 -6.71 -4.80 35.08
C ASN A 402 -6.98 -4.46 36.53
N HIS B 4 -30.15 -7.58 41.65
CA HIS B 4 -29.07 -6.77 41.12
C HIS B 4 -27.73 -7.26 41.63
N MET B 5 -26.87 -7.68 40.71
CA MET B 5 -25.51 -8.05 41.08
C MET B 5 -24.62 -6.82 41.09
N SER B 6 -23.39 -7.00 41.59
CA SER B 6 -22.43 -5.92 41.64
C SER B 6 -21.27 -6.15 40.66
N PHE B 7 -20.34 -5.20 40.67
CA PHE B 7 -19.24 -5.14 39.71
C PHE B 7 -18.32 -6.33 39.82
N GLU B 8 -17.53 -6.34 40.89
CA GLU B 8 -16.62 -7.43 41.19
C GLU B 8 -17.36 -8.75 40.99
N THR B 9 -18.67 -8.73 41.23
CA THR B 9 -19.52 -9.90 41.02
C THR B 9 -19.73 -10.17 39.54
N ARG B 10 -20.42 -9.26 38.87
CA ARG B 10 -20.77 -9.44 37.45
C ARG B 10 -19.59 -9.99 36.66
N PHE B 11 -18.38 -9.46 36.95
CA PHE B 11 -17.14 -9.87 36.29
C PHE B 11 -16.84 -11.36 36.47
N GLU B 12 -16.75 -11.81 37.72
CA GLU B 12 -16.64 -13.24 37.97
C GLU B 12 -17.74 -13.98 37.20
N LYS B 13 -18.99 -13.53 37.35
CA LYS B 13 -20.13 -14.23 36.81
C LYS B 13 -19.93 -14.44 35.33
N MET B 14 -19.16 -13.54 34.71
CA MET B 14 -18.97 -13.51 33.25
C MET B 14 -17.86 -14.47 32.80
N ASP B 15 -16.74 -14.41 33.54
CA ASP B 15 -15.69 -15.40 33.48
C ASP B 15 -16.29 -16.82 33.53
N ASN B 16 -17.28 -16.98 34.40
CA ASN B 16 -18.10 -18.19 34.49
C ASN B 16 -18.47 -18.63 33.09
N LEU B 17 -19.38 -17.86 32.49
CA LEU B 17 -19.91 -18.15 31.16
C LEU B 17 -18.79 -18.38 30.17
N LEU B 18 -17.72 -17.60 30.28
CA LEU B 18 -16.57 -17.72 29.39
C LEU B 18 -15.85 -19.05 29.57
N ARG B 19 -16.24 -19.75 30.65
CA ARG B 19 -15.70 -21.08 31.00
C ARG B 19 -16.78 -22.17 31.10
N ASP B 20 -18.02 -21.77 31.42
CA ASP B 20 -19.13 -22.72 31.56
C ASP B 20 -19.41 -23.50 30.26
N PRO B 21 -18.83 -24.71 30.14
CA PRO B 21 -19.00 -25.40 28.85
C PRO B 21 -20.46 -25.72 28.44
N LYS B 22 -21.42 -25.64 29.35
CA LYS B 22 -22.82 -25.78 28.98
C LYS B 22 -23.40 -24.48 28.38
N SER B 23 -22.61 -23.41 28.50
CA SER B 23 -22.95 -22.08 27.98
C SER B 23 -22.88 -22.04 26.45
N GLU B 24 -23.96 -21.55 25.82
CA GLU B 24 -23.98 -21.40 24.37
C GLU B 24 -22.86 -20.45 23.94
N VAL B 25 -22.27 -19.75 24.91
CA VAL B 25 -21.24 -18.75 24.62
C VAL B 25 -19.97 -18.98 25.41
N ASN B 26 -19.68 -20.25 25.66
CA ASN B 26 -18.35 -20.63 26.09
C ASN B 26 -17.34 -20.06 25.10
N SER B 27 -16.18 -19.67 25.59
CA SER B 27 -15.11 -19.11 24.74
C SER B 27 -14.98 -19.80 23.37
N ASP B 28 -15.02 -21.13 23.37
CA ASP B 28 -14.92 -21.85 22.10
C ASP B 28 -16.09 -21.55 21.18
N CYS B 29 -17.25 -21.24 21.72
CA CYS B 29 -18.39 -20.90 20.88
C CYS B 29 -18.24 -19.52 20.22
N LEU B 30 -17.64 -18.57 20.94
CA LEU B 30 -17.40 -17.26 20.37
C LEU B 30 -16.40 -17.41 19.22
N LEU B 31 -15.34 -18.18 19.45
CA LEU B 31 -14.37 -18.44 18.38
C LEU B 31 -15.03 -19.11 17.21
N ASP B 32 -15.98 -19.99 17.46
CA ASP B 32 -16.71 -20.62 16.37
C ASP B 32 -17.45 -19.57 15.57
N GLY B 33 -17.87 -18.51 16.25
CA GLY B 33 -18.64 -17.46 15.61
C GLY B 33 -17.75 -16.69 14.67
N LEU B 34 -16.62 -16.22 15.18
CA LEU B 34 -15.70 -15.48 14.35
C LEU B 34 -15.24 -16.31 13.15
N ASP B 35 -15.01 -17.59 13.40
CA ASP B 35 -14.56 -18.52 12.37
C ASP B 35 -15.63 -18.53 11.31
N ALA B 36 -16.84 -18.86 11.72
CA ALA B 36 -17.94 -19.05 10.78
C ALA B 36 -18.08 -17.81 9.93
N LEU B 37 -18.25 -16.67 10.58
CA LEU B 37 -18.37 -15.39 9.91
C LEU B 37 -17.31 -15.22 8.81
N VAL B 38 -16.03 -15.37 9.15
CA VAL B 38 -15.01 -15.29 8.12
C VAL B 38 -15.27 -16.26 6.97
N TYR B 39 -15.76 -17.47 7.25
CA TYR B 39 -16.08 -18.39 6.16
C TYR B 39 -17.16 -17.81 5.26
N ASP B 40 -18.30 -17.49 5.85
CA ASP B 40 -19.48 -17.04 5.12
C ASP B 40 -19.28 -15.72 4.42
N LEU B 41 -18.17 -15.05 4.69
CA LEU B 41 -17.93 -13.74 4.08
C LEU B 41 -16.91 -13.74 2.95
N ASP B 42 -15.83 -14.51 3.08
CA ASP B 42 -14.73 -14.44 2.10
C ASP B 42 -15.11 -15.01 0.73
N PHE B 43 -15.95 -14.24 0.04
CA PHE B 43 -16.38 -14.52 -1.33
C PHE B 43 -16.26 -13.23 -2.14
N PRO B 44 -15.75 -13.34 -3.39
CA PRO B 44 -15.46 -12.24 -4.30
C PRO B 44 -16.59 -11.23 -4.30
N ALA B 45 -17.76 -11.71 -4.67
CA ALA B 45 -18.97 -10.87 -4.72
C ALA B 45 -19.15 -10.03 -3.46
N LEU B 46 -19.13 -10.67 -2.29
CA LEU B 46 -19.39 -9.96 -1.04
C LEU B 46 -18.27 -9.04 -0.63
N ARG B 47 -17.03 -9.49 -0.78
CA ARG B 47 -15.88 -8.70 -0.36
C ARG B 47 -15.96 -7.31 -0.97
N LYS B 48 -16.75 -7.16 -2.03
CA LYS B 48 -16.91 -5.87 -2.68
C LYS B 48 -17.48 -4.80 -1.74
N ASN B 49 -17.83 -5.20 -0.52
CA ASN B 49 -18.37 -4.27 0.46
C ASN B 49 -17.34 -3.73 1.43
N LYS B 50 -17.23 -2.41 1.47
CA LYS B 50 -16.40 -1.67 2.43
C LYS B 50 -16.21 -2.42 3.74
N ASN B 51 -17.30 -2.51 4.49
CA ASN B 51 -17.29 -3.18 5.79
C ASN B 51 -16.70 -4.59 5.75
N ILE B 52 -17.29 -5.45 4.93
CA ILE B 52 -16.78 -6.79 4.83
C ILE B 52 -15.30 -6.79 4.45
N ASP B 53 -14.92 -6.33 3.25
CA ASP B 53 -13.51 -6.44 2.85
C ASP B 53 -12.53 -5.90 3.90
N ASN B 54 -12.92 -4.84 4.60
CA ASN B 54 -12.08 -4.30 5.66
C ASN B 54 -11.91 -5.31 6.79
N PHE B 55 -13.04 -5.89 7.19
CA PHE B 55 -13.08 -6.96 8.18
C PHE B 55 -12.17 -8.13 7.77
N LEU B 56 -12.47 -8.78 6.67
CA LEU B 56 -11.67 -9.91 6.20
C LEU B 56 -10.18 -9.56 6.07
N SER B 57 -9.87 -8.29 5.83
CA SER B 57 -8.48 -7.90 5.67
C SER B 57 -7.83 -7.73 7.04
N ARG B 58 -8.65 -7.51 8.06
CA ARG B 58 -8.13 -7.37 9.42
C ARG B 58 -7.99 -8.72 10.14
N TYR B 59 -8.90 -9.64 9.84
CA TYR B 59 -8.90 -10.94 10.50
C TYR B 59 -8.38 -12.05 9.58
N LYS B 60 -7.73 -11.67 8.48
CA LYS B 60 -7.05 -12.64 7.64
C LYS B 60 -5.97 -13.38 8.44
N ASP B 61 -4.86 -12.69 8.70
CA ASP B 61 -3.78 -13.30 9.45
C ASP B 61 -4.30 -13.97 10.71
N THR B 62 -4.99 -13.20 11.55
CA THR B 62 -5.38 -13.71 12.87
C THR B 62 -6.18 -14.99 12.76
N ILE B 63 -7.24 -14.95 11.97
CA ILE B 63 -8.09 -16.11 11.92
C ILE B 63 -7.41 -17.32 11.30
N ASN B 64 -6.50 -17.12 10.34
CA ASN B 64 -5.75 -18.26 9.81
C ASN B 64 -4.91 -18.91 10.91
N LYS B 65 -4.23 -18.08 11.70
CA LYS B 65 -3.52 -18.55 12.88
C LYS B 65 -4.44 -19.46 13.71
N ILE B 66 -5.59 -18.94 14.14
CA ILE B 66 -6.55 -19.76 14.88
C ILE B 66 -6.81 -21.09 14.17
N ARG B 67 -7.56 -21.09 13.08
CA ARG B 67 -7.75 -22.32 12.34
C ARG B 67 -6.58 -23.29 12.59
N ASP B 68 -5.35 -22.83 12.36
CA ASP B 68 -4.19 -23.73 12.46
C ASP B 68 -3.97 -24.32 13.86
N LEU B 69 -4.06 -23.51 14.91
CA LEU B 69 -3.89 -24.02 16.28
C LEU B 69 -4.99 -24.99 16.76
N ARG B 70 -6.23 -24.50 16.88
CA ARG B 70 -7.36 -25.35 17.28
C ARG B 70 -7.35 -26.73 16.61
N MET B 71 -8.12 -27.66 17.15
CA MET B 71 -8.15 -29.01 16.58
C MET B 71 -8.72 -29.00 15.17
N LYS B 72 -7.95 -29.56 14.25
CA LYS B 72 -8.45 -29.78 12.90
C LYS B 72 -8.29 -31.25 12.50
N ALA B 73 -8.96 -31.65 11.43
CA ALA B 73 -8.98 -33.05 11.03
C ALA B 73 -7.60 -33.57 10.66
N GLU B 74 -6.71 -32.64 10.31
CA GLU B 74 -5.33 -32.98 9.97
C GLU B 74 -4.61 -33.62 11.17
N ASP B 75 -5.19 -33.48 12.35
CA ASP B 75 -4.60 -34.00 13.57
C ASP B 75 -4.91 -35.49 13.77
N TYR B 76 -5.74 -36.06 12.92
CA TYR B 76 -6.14 -37.46 13.09
C TYR B 76 -5.73 -38.36 11.93
N GLU B 77 -5.07 -39.47 12.27
CA GLU B 77 -4.79 -40.49 11.27
C GLU B 77 -5.96 -41.46 11.23
N VAL B 78 -6.52 -41.65 10.04
CA VAL B 78 -7.70 -42.49 9.91
C VAL B 78 -7.33 -43.94 9.59
N VAL B 79 -7.40 -44.79 10.60
CA VAL B 79 -7.01 -46.18 10.41
C VAL B 79 -7.90 -46.88 9.41
N LYS B 80 -9.18 -47.01 9.73
CA LYS B 80 -10.14 -47.66 8.82
C LYS B 80 -11.58 -47.18 9.04
N VAL B 81 -12.32 -47.00 7.94
CA VAL B 81 -13.74 -46.66 8.06
C VAL B 81 -14.44 -47.84 8.70
N ILE B 82 -15.21 -47.55 9.75
CA ILE B 82 -15.86 -48.62 10.47
C ILE B 82 -17.37 -48.44 10.51
N GLY B 83 -17.90 -47.42 9.85
CA GLY B 83 -19.35 -47.22 9.79
C GLY B 83 -19.80 -46.07 8.90
N ARG B 84 -21.08 -46.05 8.55
CA ARG B 84 -21.63 -44.99 7.71
C ARG B 84 -23.04 -44.54 8.12
N GLY B 85 -23.15 -43.30 8.58
CA GLY B 85 -24.43 -42.71 8.94
C GLY B 85 -25.05 -42.02 7.75
N ALA B 86 -26.13 -41.27 7.99
CA ALA B 86 -26.83 -40.59 6.91
C ALA B 86 -26.04 -39.41 6.34
N PHE B 87 -25.33 -38.70 7.22
CA PHE B 87 -24.68 -37.46 6.81
C PHE B 87 -23.14 -37.57 6.76
N GLY B 88 -22.61 -38.78 6.87
CA GLY B 88 -21.17 -38.98 6.78
C GLY B 88 -20.72 -40.31 7.33
N GLU B 89 -19.41 -40.56 7.29
CA GLU B 89 -18.90 -41.85 7.73
C GLU B 89 -18.24 -41.80 9.10
N VAL B 90 -18.29 -42.94 9.80
CA VAL B 90 -17.63 -43.09 11.11
C VAL B 90 -16.37 -43.91 10.94
N GLN B 91 -15.24 -43.32 11.29
CA GLN B 91 -13.99 -43.99 11.07
C GLN B 91 -13.14 -44.06 12.32
N LEU B 92 -12.51 -45.22 12.53
CA LEU B 92 -11.53 -45.41 13.60
C LEU B 92 -10.28 -44.55 13.33
N VAL B 93 -9.74 -43.90 14.35
CA VAL B 93 -8.62 -42.95 14.20
C VAL B 93 -7.64 -42.99 15.38
N ARG B 94 -6.42 -42.51 15.14
CA ARG B 94 -5.44 -42.34 16.22
C ARG B 94 -4.93 -40.91 16.19
N HIS B 95 -4.93 -40.23 17.34
CA HIS B 95 -4.42 -38.86 17.41
C HIS B 95 -2.93 -38.87 17.12
N LYS B 96 -2.50 -38.18 16.07
CA LYS B 96 -1.07 -38.14 15.73
C LYS B 96 -0.16 -37.69 16.88
N SER B 97 -0.46 -36.58 17.53
CA SER B 97 0.41 -36.07 18.59
C SER B 97 0.28 -36.83 19.92
N THR B 98 -0.89 -37.41 20.16
CA THR B 98 -1.18 -38.07 21.43
C THR B 98 -1.10 -39.58 21.34
N ARG B 99 -1.22 -40.09 20.11
CA ARG B 99 -1.19 -41.54 19.86
C ARG B 99 -2.42 -42.25 20.38
N LYS B 100 -3.33 -41.48 20.96
CA LYS B 100 -4.54 -42.03 21.55
C LYS B 100 -5.49 -42.44 20.44
N VAL B 101 -6.36 -43.40 20.72
CA VAL B 101 -7.26 -43.90 19.68
C VAL B 101 -8.75 -43.67 19.98
N TYR B 102 -9.43 -43.01 19.04
CA TYR B 102 -10.83 -42.68 19.21
C TYR B 102 -11.62 -43.15 17.99
N ALA B 103 -12.92 -42.96 18.01
CA ALA B 103 -13.79 -43.17 16.86
C ALA B 103 -14.41 -41.82 16.45
N MET B 104 -14.10 -41.36 15.24
CA MET B 104 -14.50 -40.05 14.78
C MET B 104 -15.70 -40.16 13.85
N LYS B 105 -16.83 -39.59 14.25
CA LYS B 105 -17.99 -39.56 13.38
C LYS B 105 -17.98 -38.26 12.61
N LEU B 106 -18.22 -38.34 11.30
CA LEU B 106 -18.19 -37.19 10.41
C LEU B 106 -19.59 -36.71 10.05
N LEU B 107 -19.75 -35.42 9.77
CA LEU B 107 -21.07 -34.94 9.33
C LEU B 107 -20.95 -33.87 8.22
N SER B 108 -21.49 -34.16 7.05
CA SER B 108 -21.44 -33.21 5.93
C SER B 108 -22.36 -32.04 6.21
N LYS B 109 -21.78 -30.87 6.45
CA LYS B 109 -22.57 -29.68 6.67
C LYS B 109 -23.59 -29.56 5.54
N PHE B 110 -23.13 -29.78 4.31
CA PHE B 110 -23.96 -29.70 3.13
C PHE B 110 -25.23 -30.56 3.28
N GLU B 111 -25.07 -31.86 3.12
CA GLU B 111 -26.18 -32.80 3.28
C GLU B 111 -27.10 -32.43 4.46
N MET B 112 -26.50 -31.88 5.52
CA MET B 112 -27.23 -31.51 6.73
C MET B 112 -28.13 -30.31 6.49
N ILE B 113 -27.76 -29.51 5.50
CA ILE B 113 -28.54 -28.33 5.10
C ILE B 113 -29.52 -28.67 3.99
N LYS B 114 -29.04 -29.43 3.00
CA LYS B 114 -29.87 -29.86 1.89
C LYS B 114 -31.19 -30.38 2.45
N ARG B 115 -31.12 -31.50 3.18
CA ARG B 115 -32.25 -31.94 3.98
C ARG B 115 -32.47 -30.90 5.06
N SER B 116 -33.71 -30.51 5.28
CA SER B 116 -34.01 -29.56 6.35
C SER B 116 -33.58 -30.13 7.70
N ASP B 117 -33.03 -31.34 7.66
CA ASP B 117 -32.57 -32.05 8.84
C ASP B 117 -31.34 -31.37 9.44
N SER B 118 -31.57 -30.20 10.05
CA SER B 118 -30.51 -29.41 10.68
C SER B 118 -30.81 -29.26 12.17
N ALA B 119 -29.80 -28.90 12.95
CA ALA B 119 -29.97 -28.66 14.39
C ALA B 119 -30.57 -29.82 15.18
N PHE B 120 -30.10 -31.03 14.89
CA PHE B 120 -30.57 -32.23 15.57
C PHE B 120 -29.46 -32.79 16.44
N PHE B 121 -28.24 -32.46 16.03
CA PHE B 121 -27.02 -32.99 16.64
C PHE B 121 -26.67 -32.28 17.94
N TRP B 122 -27.47 -31.31 18.35
CA TRP B 122 -27.20 -30.59 19.59
C TRP B 122 -27.47 -31.48 20.79
N GLU B 123 -28.61 -32.16 20.75
CA GLU B 123 -28.95 -33.08 21.82
C GLU B 123 -27.91 -34.20 21.90
N GLU B 124 -27.46 -34.70 20.76
CA GLU B 124 -26.47 -35.78 20.72
C GLU B 124 -25.13 -35.34 21.30
N ARG B 125 -24.66 -34.17 20.88
CA ARG B 125 -23.44 -33.61 21.47
C ARG B 125 -23.55 -33.51 22.98
N ASP B 126 -24.52 -32.74 23.47
CA ASP B 126 -24.77 -32.61 24.91
C ASP B 126 -24.72 -33.95 25.66
N ILE B 127 -25.56 -34.89 25.23
CA ILE B 127 -25.63 -36.19 25.86
C ILE B 127 -24.28 -36.89 25.93
N MET B 128 -23.69 -37.17 24.77
CA MET B 128 -22.41 -37.87 24.71
C MET B 128 -21.28 -37.17 25.48
N ALA B 129 -21.43 -35.88 25.72
CA ALA B 129 -20.35 -35.10 26.31
C ALA B 129 -20.53 -34.91 27.79
N PHE B 130 -21.72 -35.15 28.34
CA PHE B 130 -21.93 -34.87 29.74
C PHE B 130 -22.76 -35.92 30.47
N ALA B 131 -23.20 -36.94 29.73
CA ALA B 131 -23.93 -38.01 30.38
C ALA B 131 -23.04 -38.67 31.43
N ASN B 132 -21.74 -38.76 31.18
CA ASN B 132 -20.86 -39.28 32.20
C ASN B 132 -21.42 -40.60 32.72
N SER B 133 -21.83 -41.47 31.81
CA SER B 133 -22.50 -42.71 32.17
C SER B 133 -21.85 -43.94 31.53
N PRO B 134 -21.77 -45.06 32.28
CA PRO B 134 -21.22 -46.27 31.65
C PRO B 134 -22.09 -46.75 30.50
N TRP B 135 -23.32 -46.26 30.43
CA TRP B 135 -24.30 -46.73 29.46
C TRP B 135 -24.23 -45.92 28.17
N VAL B 136 -23.64 -44.74 28.23
CA VAL B 136 -23.61 -43.82 27.10
C VAL B 136 -22.19 -43.57 26.56
N VAL B 137 -22.02 -43.68 25.24
CA VAL B 137 -20.71 -43.43 24.63
C VAL B 137 -20.21 -42.02 24.91
N GLN B 138 -18.94 -41.87 25.31
CA GLN B 138 -18.44 -40.55 25.68
C GLN B 138 -17.75 -39.73 24.58
N LEU B 139 -18.18 -38.49 24.42
CA LEU B 139 -17.53 -37.62 23.47
C LEU B 139 -16.39 -36.91 24.14
N PHE B 140 -15.21 -36.96 23.53
CA PHE B 140 -14.05 -36.24 24.05
C PHE B 140 -13.82 -34.90 23.39
N TYR B 141 -14.03 -34.84 22.08
CA TYR B 141 -13.82 -33.60 21.32
C TYR B 141 -14.89 -33.44 20.25
N ALA B 142 -15.25 -32.20 19.97
CA ALA B 142 -16.10 -31.89 18.81
C ALA B 142 -15.58 -30.63 18.15
N PHE B 143 -15.19 -30.74 16.90
CA PHE B 143 -14.68 -29.59 16.18
C PHE B 143 -15.21 -29.64 14.76
N GLN B 144 -14.83 -28.65 13.97
CA GLN B 144 -15.50 -28.41 12.70
C GLN B 144 -14.63 -27.57 11.77
N ASP B 145 -14.78 -27.82 10.47
CA ASP B 145 -14.23 -26.88 9.48
C ASP B 145 -15.35 -26.35 8.60
N ASP B 146 -15.00 -25.99 7.37
CA ASP B 146 -15.97 -25.45 6.44
C ASP B 146 -16.94 -26.53 5.97
N ARG B 147 -16.46 -27.77 5.96
CA ARG B 147 -17.17 -28.85 5.30
C ARG B 147 -17.91 -29.78 6.27
N TYR B 148 -17.24 -30.21 7.33
CA TYR B 148 -17.80 -31.21 8.23
C TYR B 148 -17.84 -30.80 9.72
N LEU B 149 -18.70 -31.46 10.48
CA LEU B 149 -18.60 -31.50 11.95
C LEU B 149 -17.82 -32.77 12.28
N TYR B 150 -17.04 -32.71 13.36
CA TYR B 150 -16.33 -33.89 13.84
C TYR B 150 -16.65 -34.20 15.30
N MET B 151 -16.99 -35.46 15.57
CA MET B 151 -17.25 -35.94 16.92
C MET B 151 -16.30 -37.08 17.31
N VAL B 152 -15.22 -36.73 18.02
CA VAL B 152 -14.23 -37.68 18.55
C VAL B 152 -14.78 -38.39 19.75
N MET B 153 -14.83 -39.71 19.77
CA MET B 153 -15.50 -40.38 20.90
C MET B 153 -14.97 -41.77 21.28
N GLU B 154 -15.00 -42.08 22.58
CA GLU B 154 -14.63 -43.41 23.11
C GLU B 154 -14.90 -44.52 22.12
N TYR B 155 -13.85 -45.15 21.63
CA TYR B 155 -14.04 -46.20 20.63
C TYR B 155 -14.60 -47.48 21.28
N MET B 156 -15.54 -48.15 20.60
CA MET B 156 -16.13 -49.42 21.08
C MET B 156 -15.61 -50.60 20.27
N PRO B 157 -14.61 -51.33 20.80
CA PRO B 157 -14.01 -52.40 20.02
C PRO B 157 -14.97 -53.55 19.87
N GLY B 158 -15.98 -53.58 20.72
CA GLY B 158 -16.93 -54.67 20.77
C GLY B 158 -17.68 -54.92 19.46
N GLY B 159 -18.18 -53.86 18.85
CA GLY B 159 -18.99 -53.98 17.65
C GLY B 159 -20.46 -53.85 17.96
N ASP B 160 -21.29 -53.81 16.92
CA ASP B 160 -22.73 -53.62 17.07
C ASP B 160 -23.44 -54.91 17.40
N LEU B 161 -24.62 -54.79 18.00
CA LEU B 161 -25.47 -55.96 18.28
C LEU B 161 -25.95 -56.62 16.98
N VAL B 162 -25.82 -55.90 15.88
CA VAL B 162 -26.15 -56.42 14.57
C VAL B 162 -25.17 -57.51 14.17
N ASN B 163 -23.88 -57.19 14.14
CA ASN B 163 -22.86 -58.17 13.81
C ASN B 163 -22.99 -59.37 14.73
N LEU B 164 -23.19 -59.09 16.01
CA LEU B 164 -23.34 -60.16 17.00
C LEU B 164 -24.46 -61.13 16.60
N MET B 165 -25.69 -60.63 16.53
CA MET B 165 -26.83 -61.46 16.16
C MET B 165 -26.60 -62.18 14.84
N SER B 166 -25.74 -61.61 14.00
CA SER B 166 -25.37 -62.23 12.73
C SER B 166 -24.61 -63.52 12.99
N ASN B 167 -23.61 -63.43 13.87
CA ASN B 167 -22.63 -64.49 14.05
C ASN B 167 -23.00 -65.63 15.00
N TYR B 168 -24.02 -65.43 15.83
CA TYR B 168 -24.31 -66.43 16.88
C TYR B 168 -25.75 -66.94 16.97
N ASP B 169 -25.89 -68.14 17.54
CA ASP B 169 -27.20 -68.72 17.86
C ASP B 169 -27.62 -68.29 19.26
N VAL B 170 -27.98 -67.03 19.40
CA VAL B 170 -28.35 -66.42 20.68
C VAL B 170 -29.28 -67.29 21.53
N PRO B 171 -28.81 -67.72 22.72
CA PRO B 171 -29.68 -68.38 23.71
C PRO B 171 -30.41 -67.40 24.64
N GLU B 172 -31.44 -67.89 25.31
CA GLU B 172 -32.23 -67.05 26.23
C GLU B 172 -31.36 -66.37 27.28
N LYS B 173 -30.24 -67.00 27.64
CA LYS B 173 -29.30 -66.41 28.60
C LYS B 173 -28.88 -65.05 28.08
N TRP B 174 -28.04 -65.08 27.05
CA TRP B 174 -27.56 -63.86 26.41
C TRP B 174 -28.70 -62.87 26.25
N ALA B 175 -29.74 -63.27 25.51
CA ALA B 175 -30.92 -62.43 25.34
C ALA B 175 -31.26 -61.65 26.62
N ARG B 176 -31.38 -62.37 27.73
CA ARG B 176 -31.69 -61.78 29.03
C ARG B 176 -30.67 -60.69 29.38
N PHE B 177 -29.39 -61.03 29.22
CA PHE B 177 -28.31 -60.10 29.51
C PHE B 177 -28.45 -58.80 28.70
N TYR B 178 -28.15 -58.88 27.40
CA TYR B 178 -28.19 -57.71 26.52
C TYR B 178 -29.47 -56.88 26.71
N THR B 179 -30.64 -57.50 26.60
CA THR B 179 -31.90 -56.80 26.82
C THR B 179 -31.87 -55.97 28.11
N ALA B 180 -31.57 -56.63 29.23
CA ALA B 180 -31.62 -55.96 30.54
C ALA B 180 -30.66 -54.77 30.62
N GLU B 181 -29.49 -54.89 30.03
CA GLU B 181 -28.55 -53.78 29.99
C GLU B 181 -29.14 -52.63 29.19
N VAL B 182 -29.77 -52.97 28.07
CA VAL B 182 -30.39 -51.97 27.22
C VAL B 182 -31.42 -51.24 28.05
N VAL B 183 -32.01 -51.94 29.02
CA VAL B 183 -33.05 -51.34 29.84
C VAL B 183 -32.45 -50.35 30.85
N LEU B 184 -31.34 -50.75 31.49
CA LEU B 184 -30.67 -49.86 32.43
C LEU B 184 -30.21 -48.58 31.72
N ALA B 185 -29.80 -48.74 30.47
CA ALA B 185 -29.27 -47.63 29.67
C ALA B 185 -30.36 -46.67 29.22
N LEU B 186 -31.46 -47.24 28.76
CA LEU B 186 -32.57 -46.43 28.30
C LEU B 186 -33.13 -45.66 29.50
N ASP B 187 -33.09 -46.27 30.68
CA ASP B 187 -33.55 -45.60 31.88
C ASP B 187 -32.56 -44.53 32.27
N ALA B 188 -31.31 -44.73 31.90
CA ALA B 188 -30.29 -43.72 32.13
C ALA B 188 -30.64 -42.47 31.32
N ILE B 189 -30.96 -42.71 30.05
CA ILE B 189 -31.32 -41.65 29.12
C ILE B 189 -32.55 -40.89 29.61
N HIS B 190 -33.59 -41.64 29.96
CA HIS B 190 -34.83 -41.03 30.40
C HIS B 190 -34.65 -40.25 31.69
N SER B 191 -33.69 -40.65 32.51
CA SER B 191 -33.39 -39.92 33.74
C SER B 191 -32.84 -38.55 33.39
N MET B 192 -32.11 -38.48 32.28
CA MET B 192 -31.59 -37.22 31.76
C MET B 192 -32.71 -36.42 31.11
N GLY B 193 -33.93 -36.94 31.19
CA GLY B 193 -35.07 -36.27 30.59
C GLY B 193 -35.03 -36.22 29.07
N PHE B 194 -34.60 -37.31 28.45
CA PHE B 194 -34.69 -37.44 27.01
C PHE B 194 -35.37 -38.74 26.64
N ILE B 195 -35.88 -38.78 25.41
CA ILE B 195 -36.43 -40.01 24.86
C ILE B 195 -35.63 -40.33 23.62
N HIS B 196 -35.32 -41.61 23.43
CA HIS B 196 -34.45 -41.93 22.33
C HIS B 196 -35.18 -41.97 21.00
N ARG B 197 -36.35 -42.61 20.97
CA ARG B 197 -37.17 -42.68 19.75
C ARG B 197 -36.65 -43.65 18.68
N ASP B 198 -35.39 -44.04 18.76
CA ASP B 198 -34.84 -45.02 17.82
C ASP B 198 -34.00 -46.11 18.48
N VAL B 199 -34.66 -47.07 19.10
CA VAL B 199 -33.97 -48.18 19.74
C VAL B 199 -33.81 -49.36 18.79
N LYS B 200 -32.58 -49.82 18.59
CA LYS B 200 -32.28 -50.85 17.58
C LYS B 200 -30.83 -51.29 17.62
N PRO B 201 -30.59 -52.57 17.30
CA PRO B 201 -29.27 -53.22 17.33
C PRO B 201 -28.17 -52.40 16.66
N ASP B 202 -28.55 -51.66 15.62
CA ASP B 202 -27.60 -50.84 14.89
C ASP B 202 -26.98 -49.77 15.80
N ASN B 203 -27.70 -49.39 16.85
CA ASN B 203 -27.24 -48.35 17.77
C ASN B 203 -26.55 -48.87 19.02
N MET B 204 -26.64 -50.17 19.26
CA MET B 204 -26.07 -50.79 20.46
C MET B 204 -24.65 -51.33 20.26
N LEU B 205 -23.70 -50.73 20.99
CA LEU B 205 -22.29 -51.13 20.87
C LEU B 205 -21.72 -51.80 22.12
N LEU B 206 -20.50 -52.31 21.98
CA LEU B 206 -19.86 -53.06 23.05
C LEU B 206 -18.43 -52.60 23.32
N ASP B 207 -18.10 -52.46 24.61
CA ASP B 207 -16.75 -52.08 25.02
C ASP B 207 -15.90 -53.32 25.15
N LYS B 208 -14.58 -53.13 25.19
CA LYS B 208 -13.60 -54.21 25.18
C LYS B 208 -13.94 -55.32 26.16
N SER B 209 -14.89 -55.06 27.05
CA SER B 209 -15.28 -56.03 28.05
C SER B 209 -16.62 -56.68 27.72
N GLY B 210 -17.13 -56.45 26.52
CA GLY B 210 -18.37 -57.09 26.09
C GLY B 210 -19.65 -56.58 26.72
N HIS B 211 -19.60 -55.44 27.37
CA HIS B 211 -20.80 -54.78 27.89
C HIS B 211 -21.32 -53.73 26.92
N LEU B 212 -22.48 -53.17 27.23
CA LEU B 212 -23.21 -52.38 26.25
C LEU B 212 -23.32 -50.89 26.55
N LYS B 213 -23.23 -50.09 25.49
CA LYS B 213 -23.55 -48.67 25.56
C LYS B 213 -24.39 -48.32 24.35
N LEU B 214 -24.98 -47.12 24.38
CA LEU B 214 -25.70 -46.55 23.24
C LEU B 214 -24.77 -45.65 22.43
N ALA B 215 -24.82 -45.77 21.10
CA ALA B 215 -23.80 -45.16 20.25
C ALA B 215 -24.27 -44.04 19.32
N ASP B 216 -25.60 -43.94 19.09
CA ASP B 216 -26.15 -42.83 18.29
C ASP B 216 -27.33 -42.19 19.00
N PHE B 217 -27.39 -40.86 18.95
CA PHE B 217 -28.38 -40.12 19.72
C PHE B 217 -29.03 -39.01 18.90
N GLY B 218 -28.90 -39.09 17.58
CA GLY B 218 -29.47 -38.08 16.71
C GLY B 218 -30.96 -37.95 16.89
N THR B 219 -31.59 -39.11 17.10
CA THR B 219 -33.04 -39.19 17.28
C THR B 219 -33.56 -38.57 18.60
N CYS B 220 -32.73 -38.52 19.64
CA CYS B 220 -33.18 -38.10 20.95
C CYS B 220 -33.95 -36.78 20.94
N MET B 221 -34.90 -36.66 21.87
CA MET B 221 -35.75 -35.49 21.99
C MET B 221 -36.09 -35.20 23.45
N LYS B 222 -35.94 -33.94 23.87
CA LYS B 222 -36.15 -33.54 25.26
C LYS B 222 -37.60 -33.64 25.67
N MET B 223 -37.90 -34.44 26.68
CA MET B 223 -39.30 -34.60 27.09
C MET B 223 -39.69 -33.65 28.22
N ASN B 224 -40.88 -33.07 28.10
CA ASN B 224 -41.31 -31.99 29.00
C ASN B 224 -41.69 -32.47 30.40
N LYS B 225 -42.23 -31.55 31.19
CA LYS B 225 -42.53 -31.80 32.60
C LYS B 225 -43.31 -33.10 32.82
N GLU B 226 -44.34 -33.31 32.01
CA GLU B 226 -45.23 -34.45 32.20
C GLU B 226 -44.65 -35.77 31.69
N GLY B 227 -43.45 -35.71 31.12
CA GLY B 227 -42.74 -36.90 30.68
C GLY B 227 -43.12 -37.36 29.28
N MET B 228 -43.97 -36.60 28.61
CA MET B 228 -44.41 -36.98 27.28
C MET B 228 -43.97 -35.90 26.30
N VAL B 229 -44.20 -36.12 25.01
CA VAL B 229 -43.65 -35.22 24.00
C VAL B 229 -44.60 -34.96 22.82
N ARG B 230 -44.68 -33.70 22.41
CA ARG B 230 -45.38 -33.32 21.19
C ARG B 230 -44.44 -33.62 20.02
N CYS B 231 -44.90 -34.45 19.09
CA CYS B 231 -43.97 -35.09 18.18
C CYS B 231 -44.18 -34.79 16.69
N ASP B 232 -43.06 -34.70 15.97
CA ASP B 232 -43.05 -34.51 14.53
C ASP B 232 -42.45 -35.72 13.82
N VAL B 235 -40.00 -39.66 11.61
CA VAL B 235 -40.15 -40.93 12.32
C VAL B 235 -38.84 -41.46 12.92
N GLY B 236 -38.33 -42.57 12.38
CA GLY B 236 -37.11 -43.16 12.89
C GLY B 236 -36.60 -44.37 12.12
N THR B 237 -37.35 -45.47 12.19
CA THR B 237 -36.94 -46.71 11.54
C THR B 237 -38.18 -47.51 11.13
N PRO B 238 -38.00 -48.53 10.27
CA PRO B 238 -39.16 -49.34 9.90
C PRO B 238 -39.41 -50.50 10.87
N ASP B 239 -38.54 -51.51 10.80
CA ASP B 239 -38.77 -52.80 11.44
C ASP B 239 -39.16 -52.76 12.92
N TYR B 240 -39.04 -51.59 13.55
CA TYR B 240 -39.18 -51.50 15.00
C TYR B 240 -40.25 -50.52 15.49
N ILE B 241 -40.51 -49.48 14.70
CA ILE B 241 -41.20 -48.28 15.20
C ILE B 241 -42.53 -48.51 15.96
N SER B 242 -42.81 -47.63 16.92
CA SER B 242 -44.03 -47.70 17.74
C SER B 242 -45.21 -46.85 17.28
N PRO B 243 -46.37 -47.49 17.13
CA PRO B 243 -47.61 -46.92 16.62
C PRO B 243 -48.11 -45.71 17.41
N GLU B 244 -48.16 -45.80 18.73
CA GLU B 244 -48.70 -44.73 19.56
C GLU B 244 -48.12 -43.36 19.23
N VAL B 245 -46.88 -43.35 18.75
CA VAL B 245 -46.21 -42.11 18.37
C VAL B 245 -46.33 -41.91 16.87
N LEU B 246 -46.93 -42.88 16.20
CA LEU B 246 -47.14 -42.86 14.76
C LEU B 246 -48.49 -42.20 14.38
N LYS B 247 -49.14 -41.58 15.36
CA LYS B 247 -50.42 -40.87 15.14
C LYS B 247 -50.40 -39.45 15.71
N SER B 248 -49.42 -39.15 16.57
CA SER B 248 -49.28 -37.82 17.14
C SER B 248 -48.88 -36.84 16.05
N GLN B 249 -48.38 -37.40 14.95
CA GLN B 249 -47.88 -36.64 13.80
C GLN B 249 -48.90 -35.72 13.11
N GLY B 250 -50.10 -35.60 13.66
CA GLY B 250 -51.13 -34.75 13.09
C GLY B 250 -52.55 -35.17 13.43
N ARG B 257 -42.62 -42.00 25.09
CA ARG B 257 -41.74 -42.51 26.12
C ARG B 257 -41.74 -44.05 26.12
N GLU B 258 -42.77 -44.63 26.71
CA GLU B 258 -43.03 -46.07 26.64
C GLU B 258 -42.79 -46.60 25.24
N CYS B 259 -42.80 -45.68 24.28
CA CYS B 259 -42.50 -46.00 22.89
C CYS B 259 -41.15 -46.69 22.76
N ASP B 260 -40.18 -46.18 23.49
CA ASP B 260 -38.87 -46.79 23.51
C ASP B 260 -39.03 -48.25 23.93
N TRP B 261 -39.82 -48.49 24.97
CA TRP B 261 -40.07 -49.85 25.44
C TRP B 261 -40.61 -50.74 24.34
N TRP B 262 -41.48 -50.19 23.51
CA TRP B 262 -41.94 -50.94 22.34
C TRP B 262 -40.72 -51.38 21.55
N SER B 263 -39.94 -50.40 21.10
CA SER B 263 -38.75 -50.70 20.30
C SER B 263 -38.02 -51.87 20.93
N VAL B 264 -37.90 -51.83 22.25
CA VAL B 264 -37.25 -52.86 23.03
C VAL B 264 -37.79 -54.25 22.69
N GLY B 265 -39.07 -54.47 22.99
CA GLY B 265 -39.70 -55.74 22.72
C GLY B 265 -39.40 -56.21 21.31
N VAL B 266 -39.51 -55.29 20.37
CA VAL B 266 -39.20 -55.60 18.98
C VAL B 266 -37.81 -56.23 18.90
N PHE B 267 -36.82 -55.52 19.41
CA PHE B 267 -35.45 -56.00 19.44
C PHE B 267 -35.38 -57.41 20.00
N LEU B 268 -36.00 -57.65 21.15
CA LEU B 268 -35.92 -58.94 21.81
C LEU B 268 -36.35 -60.04 20.85
N TYR B 269 -37.53 -59.84 20.27
CA TYR B 269 -38.05 -60.72 19.25
C TYR B 269 -36.99 -61.00 18.19
N GLU B 270 -36.57 -59.93 17.52
CA GLU B 270 -35.52 -60.01 16.51
C GLU B 270 -34.37 -60.92 16.95
N MET B 271 -34.04 -60.86 18.22
CA MET B 271 -32.87 -61.56 18.77
C MET B 271 -33.08 -63.06 18.87
N LEU B 272 -34.20 -63.47 19.45
CA LEU B 272 -34.49 -64.89 19.58
C LEU B 272 -34.89 -65.51 18.25
N VAL B 273 -35.69 -64.76 17.50
CA VAL B 273 -36.31 -65.21 16.24
C VAL B 273 -35.31 -65.33 15.11
N GLY B 274 -34.73 -64.19 14.76
CA GLY B 274 -33.84 -64.14 13.62
C GLY B 274 -34.40 -63.21 12.57
N ASP B 275 -35.52 -62.59 12.89
CA ASP B 275 -36.11 -61.60 12.00
C ASP B 275 -37.20 -60.76 12.65
N THR B 276 -37.43 -59.59 12.06
CA THR B 276 -38.37 -58.61 12.57
C THR B 276 -39.72 -59.21 12.90
N PRO B 277 -40.29 -58.84 14.07
CA PRO B 277 -41.64 -59.25 14.47
C PRO B 277 -42.72 -58.81 13.48
N PHE B 278 -42.37 -57.95 12.54
CA PHE B 278 -43.33 -57.54 11.52
C PHE B 278 -42.61 -57.27 10.21
N TYR B 279 -41.60 -58.09 9.93
CA TYR B 279 -40.85 -57.97 8.68
C TYR B 279 -41.82 -58.19 7.52
N ALA B 280 -41.58 -57.48 6.42
CA ALA B 280 -42.37 -57.62 5.21
C ALA B 280 -41.54 -57.12 4.03
N ASP B 281 -41.51 -57.91 2.95
CA ASP B 281 -40.73 -57.57 1.77
C ASP B 281 -40.95 -56.13 1.34
N SER B 282 -42.20 -55.74 1.27
CA SER B 282 -42.51 -54.34 1.07
C SER B 282 -42.47 -53.67 2.44
N LEU B 283 -41.92 -52.46 2.48
CA LEU B 283 -41.79 -51.78 3.76
C LEU B 283 -43.13 -51.27 4.29
N VAL B 284 -43.91 -50.61 3.44
CA VAL B 284 -45.26 -50.18 3.82
C VAL B 284 -45.96 -51.34 4.54
N GLY B 285 -45.65 -52.56 4.07
CA GLY B 285 -46.18 -53.78 4.65
C GLY B 285 -45.81 -53.89 6.11
N THR B 286 -44.51 -53.85 6.40
CA THR B 286 -44.05 -53.87 7.77
C THR B 286 -44.81 -52.83 8.60
N TYR B 287 -45.06 -51.67 7.99
CA TYR B 287 -45.74 -50.57 8.65
C TYR B 287 -47.13 -50.94 9.17
N SER B 288 -48.04 -51.22 8.23
CA SER B 288 -49.41 -51.58 8.59
C SER B 288 -49.43 -52.82 9.49
N LYS B 289 -48.46 -53.70 9.28
CA LYS B 289 -48.37 -54.93 10.05
C LYS B 289 -48.13 -54.58 11.52
N ILE B 290 -47.36 -53.52 11.76
CA ILE B 290 -47.16 -53.04 13.12
C ILE B 290 -48.44 -52.38 13.63
N MET B 291 -49.18 -51.73 12.74
CA MET B 291 -50.47 -51.15 13.12
C MET B 291 -51.46 -52.23 13.56
N ASN B 292 -51.32 -53.43 13.00
CA ASN B 292 -52.16 -54.56 13.38
C ASN B 292 -51.45 -55.52 14.32
N HIS B 293 -50.56 -54.97 15.14
CA HIS B 293 -49.85 -55.74 16.14
C HIS B 293 -50.72 -56.81 16.82
N LYS B 294 -51.89 -56.39 17.29
CA LYS B 294 -52.80 -57.30 17.99
C LYS B 294 -52.96 -58.65 17.29
N ASN B 295 -52.89 -58.66 15.96
CA ASN B 295 -53.11 -59.89 15.20
C ASN B 295 -51.98 -60.19 14.21
N SER B 296 -50.89 -59.44 14.32
CA SER B 296 -49.80 -59.60 13.36
C SER B 296 -48.65 -60.33 14.01
N ASP B 304 -38.61 -74.19 21.51
CA ASP B 304 -37.48 -73.32 21.24
C ASP B 304 -37.57 -72.07 22.11
N ILE B 305 -38.79 -71.58 22.32
CA ILE B 305 -38.97 -70.36 23.10
C ILE B 305 -39.55 -70.65 24.48
N SER B 306 -39.31 -69.75 25.42
CA SER B 306 -39.79 -69.93 26.78
C SER B 306 -41.14 -69.24 26.99
N LYS B 307 -41.89 -69.69 27.99
CA LYS B 307 -43.15 -69.06 28.34
C LYS B 307 -42.90 -67.58 28.58
N GLU B 308 -41.85 -67.30 29.33
CA GLU B 308 -41.56 -65.94 29.73
C GLU B 308 -41.16 -65.09 28.55
N ALA B 309 -40.15 -65.51 27.81
CA ALA B 309 -39.78 -64.81 26.59
C ALA B 309 -41.04 -64.30 25.88
N LYS B 310 -41.84 -65.24 25.40
CA LYS B 310 -43.10 -64.92 24.74
C LYS B 310 -43.86 -63.83 25.50
N ASN B 311 -44.16 -64.08 26.77
CA ASN B 311 -44.90 -63.14 27.60
C ASN B 311 -44.36 -61.72 27.52
N LEU B 312 -43.22 -61.50 28.14
CA LEU B 312 -42.49 -60.25 28.08
C LEU B 312 -42.67 -59.55 26.73
N ILE B 313 -42.26 -60.21 25.64
CA ILE B 313 -42.38 -59.63 24.31
C ILE B 313 -43.76 -59.03 24.08
N CYS B 314 -44.79 -59.87 24.25
CA CYS B 314 -46.15 -59.44 23.99
C CYS B 314 -46.63 -58.36 24.97
N ALA B 315 -45.89 -58.19 26.08
CA ALA B 315 -46.25 -57.20 27.08
C ALA B 315 -45.75 -55.83 26.64
N PHE B 316 -44.58 -55.83 25.98
CA PHE B 316 -44.05 -54.62 25.38
C PHE B 316 -44.83 -54.32 24.11
N LEU B 317 -45.01 -55.34 23.29
CA LEU B 317 -45.71 -55.23 22.02
C LEU B 317 -47.23 -55.15 22.20
N THR B 318 -47.67 -54.16 22.98
CA THR B 318 -49.09 -53.86 23.14
C THR B 318 -49.30 -52.38 22.98
N ASP B 319 -50.55 -51.95 22.86
CA ASP B 319 -50.85 -50.54 22.70
C ASP B 319 -50.38 -49.73 23.91
N ARG B 320 -49.98 -48.48 23.65
CA ARG B 320 -49.38 -47.59 24.65
C ARG B 320 -49.90 -47.81 26.06
N GLU B 321 -51.21 -47.69 26.21
CA GLU B 321 -51.82 -47.56 27.53
C GLU B 321 -51.91 -48.86 28.33
N VAL B 322 -51.66 -50.00 27.68
CA VAL B 322 -51.64 -51.28 28.38
C VAL B 322 -50.27 -51.95 28.24
N ARG B 323 -49.34 -51.23 27.65
CA ARG B 323 -48.00 -51.74 27.38
C ARG B 323 -47.17 -51.91 28.66
N LEU B 324 -46.26 -52.87 28.64
CA LEU B 324 -45.37 -53.12 29.77
C LEU B 324 -44.42 -51.95 29.95
N GLY B 325 -44.44 -51.34 31.14
CA GLY B 325 -43.58 -50.23 31.46
C GLY B 325 -44.35 -48.92 31.49
N ARG B 326 -45.64 -48.99 31.27
CA ARG B 326 -46.45 -47.79 31.33
C ARG B 326 -46.30 -47.15 32.69
N ASN B 327 -46.16 -47.99 33.73
CA ASN B 327 -46.08 -47.49 35.10
C ASN B 327 -44.68 -47.09 35.51
N GLY B 328 -43.89 -48.06 35.97
CA GLY B 328 -42.52 -47.78 36.37
C GLY B 328 -41.53 -48.69 35.67
N VAL B 329 -40.29 -48.23 35.55
CA VAL B 329 -39.24 -49.05 34.97
C VAL B 329 -39.10 -50.29 35.84
N GLU B 330 -39.09 -50.05 37.16
CA GLU B 330 -39.01 -51.12 38.13
C GLU B 330 -39.97 -52.24 37.74
N GLU B 331 -41.16 -51.85 37.31
CA GLU B 331 -42.18 -52.81 36.89
C GLU B 331 -41.63 -53.78 35.85
N ILE B 332 -40.80 -53.26 34.97
CA ILE B 332 -40.14 -54.07 33.94
C ILE B 332 -39.05 -54.93 34.56
N LYS B 333 -38.23 -54.32 35.39
CA LYS B 333 -37.13 -55.04 36.05
C LYS B 333 -37.65 -56.33 36.68
N ARG B 334 -38.78 -56.22 37.37
CA ARG B 334 -39.30 -57.29 38.19
C ARG B 334 -39.89 -58.45 37.38
N HIS B 335 -40.07 -58.25 36.08
CA HIS B 335 -40.71 -59.26 35.24
C HIS B 335 -40.05 -60.62 35.37
N LEU B 336 -40.86 -61.65 35.26
CA LEU B 336 -40.45 -63.03 35.49
C LEU B 336 -39.25 -63.42 34.64
N PHE B 337 -39.29 -63.09 33.36
CA PHE B 337 -38.17 -63.45 32.49
C PHE B 337 -36.88 -62.82 33.00
N PHE B 338 -37.01 -61.80 33.84
CA PHE B 338 -35.85 -61.22 34.49
C PHE B 338 -35.61 -61.86 35.84
N LYS B 339 -35.50 -63.18 35.84
CA LYS B 339 -35.17 -63.94 37.04
C LYS B 339 -34.05 -64.91 36.73
N ASN B 340 -33.01 -64.86 37.55
CA ASN B 340 -31.84 -65.69 37.34
C ASN B 340 -31.00 -65.80 38.60
N ASP B 341 -29.99 -66.64 38.52
CA ASP B 341 -29.10 -66.88 39.65
C ASP B 341 -27.69 -66.49 39.26
N GLN B 342 -27.59 -65.58 38.28
CA GLN B 342 -26.31 -65.20 37.70
C GLN B 342 -26.02 -63.69 37.75
N TRP B 343 -27.06 -62.87 37.89
CA TRP B 343 -26.85 -61.43 38.07
C TRP B 343 -27.99 -60.67 38.78
N ALA B 344 -27.62 -59.63 39.52
CA ALA B 344 -28.57 -58.68 40.07
C ALA B 344 -28.48 -57.40 39.28
N TRP B 345 -29.50 -56.54 39.38
CA TRP B 345 -29.54 -55.34 38.56
C TRP B 345 -28.39 -54.37 38.79
N GLU B 346 -28.28 -53.79 39.99
CA GLU B 346 -27.23 -52.79 40.21
C GLU B 346 -25.85 -53.43 40.32
N THR B 347 -25.70 -54.62 39.72
CA THR B 347 -24.42 -55.33 39.72
C THR B 347 -24.10 -55.82 38.30
N LEU B 348 -25.07 -55.71 37.41
CA LEU B 348 -24.98 -56.27 36.07
C LEU B 348 -23.74 -55.75 35.35
N ARG B 349 -23.58 -54.43 35.39
CA ARG B 349 -22.48 -53.74 34.74
C ARG B 349 -21.12 -54.38 35.02
N ASP B 350 -20.99 -55.03 36.17
CA ASP B 350 -19.68 -55.52 36.59
C ASP B 350 -19.45 -57.01 36.41
N THR B 351 -20.50 -57.73 36.02
CA THR B 351 -20.38 -59.16 35.84
C THR B 351 -19.72 -59.50 34.52
N VAL B 352 -19.66 -60.79 34.25
CA VAL B 352 -19.00 -61.30 33.07
C VAL B 352 -19.89 -61.20 31.85
N ALA B 353 -19.49 -60.41 30.85
CA ALA B 353 -20.28 -60.32 29.63
C ALA B 353 -20.45 -61.71 29.00
N PRO B 354 -21.59 -61.91 28.33
CA PRO B 354 -21.88 -63.14 27.56
C PRO B 354 -20.87 -63.39 26.44
N VAL B 355 -20.43 -62.33 25.78
CA VAL B 355 -19.37 -62.44 24.80
C VAL B 355 -18.30 -61.40 25.09
N VAL B 356 -17.05 -61.82 25.20
CA VAL B 356 -15.96 -60.87 25.39
C VAL B 356 -15.06 -60.86 24.16
N PRO B 357 -14.77 -59.66 23.65
CA PRO B 357 -14.01 -59.47 22.41
C PRO B 357 -12.52 -59.84 22.52
N ASP B 358 -12.04 -60.73 21.65
CA ASP B 358 -10.61 -60.99 21.61
C ASP B 358 -9.92 -60.05 20.63
N LEU B 359 -9.12 -59.15 21.17
CA LEU B 359 -8.57 -58.05 20.39
C LEU B 359 -7.05 -58.16 20.24
N SER B 360 -6.58 -58.14 18.99
CA SER B 360 -5.15 -58.24 18.69
C SER B 360 -4.35 -57.03 19.15
N SER B 361 -4.92 -55.84 19.01
CA SER B 361 -4.27 -54.63 19.48
C SER B 361 -5.32 -53.62 19.92
N ASP B 362 -4.88 -52.37 20.12
CA ASP B 362 -5.80 -51.30 20.47
C ASP B 362 -6.55 -50.77 19.25
N ILE B 363 -6.46 -51.51 18.14
CA ILE B 363 -7.07 -51.07 16.87
C ILE B 363 -7.67 -52.20 16.04
N ASP B 364 -8.08 -53.29 16.69
CA ASP B 364 -8.68 -54.42 15.97
C ASP B 364 -10.08 -54.11 15.46
N THR B 365 -10.19 -53.85 14.16
CA THR B 365 -11.49 -53.61 13.56
C THR B 365 -12.13 -54.91 13.13
N SER B 366 -12.02 -55.93 13.96
CA SER B 366 -12.46 -57.27 13.59
C SER B 366 -13.98 -57.43 13.70
N ASN B 367 -14.59 -56.67 14.60
CA ASN B 367 -16.03 -56.78 14.80
C ASN B 367 -16.80 -55.84 13.88
N PHE B 368 -16.13 -55.35 12.84
CA PHE B 368 -16.77 -54.46 11.88
C PHE B 368 -16.53 -54.93 10.46
N ASP B 369 -17.56 -55.53 9.87
CA ASP B 369 -17.43 -56.09 8.55
C ASP B 369 -16.97 -55.05 7.53
N ASP B 370 -16.12 -55.51 6.62
CA ASP B 370 -15.46 -54.69 5.59
C ASP B 370 -15.39 -53.19 5.89
N GLY B 376 -22.66 -41.42 -5.51
CA GLY B 376 -21.41 -42.11 -5.38
C GLY B 376 -20.63 -41.58 -4.21
N GLU B 377 -20.37 -40.28 -4.23
CA GLU B 377 -19.55 -39.63 -3.21
C GLU B 377 -20.32 -38.51 -2.51
N GLU B 378 -19.73 -37.31 -2.48
CA GLU B 378 -20.40 -36.14 -1.91
C GLU B 378 -19.88 -34.80 -2.51
N GLU B 379 -20.71 -33.77 -2.44
CA GLU B 379 -20.49 -32.53 -3.18
C GLU B 379 -19.98 -31.35 -2.33
N THR B 380 -20.72 -30.24 -2.34
CA THR B 380 -20.34 -29.01 -1.65
C THR B 380 -21.36 -27.87 -1.87
N PHE B 381 -21.32 -26.85 -1.03
CA PHE B 381 -22.18 -25.67 -1.19
C PHE B 381 -21.75 -24.84 -2.40
N PRO B 382 -22.72 -24.16 -3.04
CA PRO B 382 -22.48 -23.24 -4.14
C PRO B 382 -22.03 -21.85 -3.68
N ILE B 383 -20.97 -21.31 -4.30
CA ILE B 383 -20.56 -19.94 -4.01
C ILE B 383 -21.77 -19.03 -4.04
N PRO B 384 -21.99 -18.27 -2.97
CA PRO B 384 -23.13 -17.35 -2.96
C PRO B 384 -22.84 -16.09 -3.73
N LYS B 385 -23.91 -15.37 -4.06
CA LYS B 385 -23.81 -14.07 -4.74
C LYS B 385 -24.10 -13.04 -3.68
N ALA B 386 -24.80 -13.49 -2.64
CA ALA B 386 -25.07 -12.66 -1.48
C ALA B 386 -24.95 -13.51 -0.23
N PHE B 387 -24.91 -12.83 0.92
CA PHE B 387 -24.72 -13.48 2.21
C PHE B 387 -25.77 -14.55 2.44
N VAL B 388 -25.39 -15.83 2.47
CA VAL B 388 -26.36 -16.86 2.80
C VAL B 388 -26.13 -17.38 4.22
N GLY B 389 -24.94 -17.13 4.75
CA GLY B 389 -24.58 -17.57 6.09
C GLY B 389 -24.77 -19.05 6.37
N ASN B 390 -24.11 -19.91 5.59
CA ASN B 390 -24.31 -21.34 5.78
C ASN B 390 -23.59 -21.94 6.99
N GLN B 391 -22.77 -21.14 7.66
CA GLN B 391 -21.98 -21.62 8.78
C GLN B 391 -22.73 -21.43 10.10
N LEU B 392 -23.73 -20.56 10.09
CA LEU B 392 -24.52 -20.22 11.27
C LEU B 392 -25.14 -21.41 11.98
N PRO B 393 -25.71 -22.38 11.25
CA PRO B 393 -26.40 -23.38 12.06
C PRO B 393 -25.39 -24.21 12.81
N PHE B 394 -24.13 -23.84 12.72
CA PHE B 394 -23.06 -24.66 13.29
C PHE B 394 -22.21 -23.96 14.35
N VAL B 395 -22.48 -22.68 14.60
CA VAL B 395 -21.67 -21.96 15.56
C VAL B 395 -21.99 -22.50 16.94
N GLY B 396 -20.94 -22.82 17.70
CA GLY B 396 -21.14 -23.32 19.05
C GLY B 396 -20.94 -24.82 19.19
N PHE B 397 -20.56 -25.47 18.11
CA PHE B 397 -20.43 -26.91 18.11
C PHE B 397 -19.08 -27.36 18.66
N THR B 398 -18.08 -26.46 18.69
CA THR B 398 -16.74 -26.84 19.17
C THR B 398 -16.67 -27.06 20.69
N TYR B 399 -16.13 -28.21 21.06
CA TYR B 399 -16.08 -28.64 22.45
C TYR B 399 -14.80 -29.39 22.73
N TYR B 400 -14.05 -28.94 23.74
CA TYR B 400 -12.89 -29.71 24.20
C TYR B 400 -13.09 -30.27 25.60
N SER B 401 -12.65 -31.51 25.78
CA SER B 401 -12.76 -32.20 27.04
C SER B 401 -11.53 -32.03 27.92
N ASN B 402 -10.46 -31.45 27.36
CA ASN B 402 -9.18 -31.30 28.07
C ASN B 402 -8.42 -32.62 28.26
N HIS C 4 38.81 10.66 -35.25
CA HIS C 4 38.67 12.00 -34.69
C HIS C 4 38.03 12.92 -35.70
N MET C 5 38.23 12.60 -36.97
CA MET C 5 37.66 13.38 -38.05
C MET C 5 36.45 12.65 -38.57
N SER C 6 35.32 13.34 -38.67
CA SER C 6 34.11 12.75 -39.23
C SER C 6 33.17 13.79 -39.83
N PHE C 7 32.19 14.12 -38.99
CA PHE C 7 30.97 14.92 -39.24
C PHE C 7 29.68 14.07 -39.41
N GLU C 8 29.84 12.80 -39.75
CA GLU C 8 28.73 11.90 -39.82
C GLU C 8 29.30 10.50 -39.85
N PHE C 11 27.97 8.55 -35.46
CA PHE C 11 26.93 9.58 -35.50
C PHE C 11 25.57 8.97 -35.86
N GLU C 12 25.29 8.90 -37.16
CA GLU C 12 24.00 8.47 -37.72
C GLU C 12 23.24 7.35 -36.97
N LYS C 13 23.95 6.31 -36.52
CA LYS C 13 23.34 5.22 -35.76
C LYS C 13 22.68 5.70 -34.47
N MET C 14 23.48 5.92 -33.44
CA MET C 14 22.97 6.36 -32.15
C MET C 14 22.69 7.87 -32.17
N ASP C 15 22.59 8.44 -33.36
CA ASP C 15 22.35 9.88 -33.42
C ASP C 15 21.25 10.25 -34.42
N ASN C 16 20.15 9.50 -34.36
CA ASN C 16 18.90 9.83 -35.05
C ASN C 16 17.85 8.74 -34.82
N LEU C 17 18.21 7.49 -35.15
CA LEU C 17 17.34 6.37 -34.84
C LEU C 17 17.38 6.13 -33.34
N LEU C 18 18.57 6.25 -32.76
CA LEU C 18 18.74 6.34 -31.32
C LEU C 18 18.21 5.08 -30.66
N ARG C 19 17.83 4.13 -31.48
CA ARG C 19 16.97 3.05 -31.05
C ARG C 19 17.75 1.80 -30.69
N ASP C 20 17.94 1.58 -29.40
CA ASP C 20 18.63 0.40 -28.91
C ASP C 20 18.08 -0.03 -27.54
N PRO C 21 17.02 -0.84 -27.50
CA PRO C 21 16.33 -1.20 -26.24
C PRO C 21 17.26 -1.77 -25.17
N LYS C 22 18.30 -2.49 -25.59
CA LYS C 22 19.29 -3.00 -24.64
C LYS C 22 20.32 -1.93 -24.27
N SER C 23 20.29 -0.80 -24.96
CA SER C 23 21.19 0.31 -24.59
C SER C 23 20.79 0.87 -23.25
N GLU C 24 21.79 1.19 -22.44
CA GLU C 24 21.57 1.84 -21.16
C GLU C 24 21.13 3.31 -21.40
N VAL C 25 21.19 3.78 -22.64
CA VAL C 25 20.66 5.12 -22.99
C VAL C 25 19.57 5.23 -24.10
N ASN C 26 18.81 4.15 -24.28
CA ASN C 26 17.52 4.21 -24.93
C ASN C 26 16.83 5.50 -24.48
N SER C 27 16.22 6.20 -25.43
CA SER C 27 15.38 7.37 -25.13
C SER C 27 14.66 7.32 -23.76
N ASP C 28 14.05 6.18 -23.46
CA ASP C 28 13.49 6.01 -22.13
C ASP C 28 14.54 6.36 -21.09
N CYS C 29 15.70 5.73 -21.13
CA CYS C 29 16.73 6.05 -20.17
C CYS C 29 16.95 7.57 -19.96
N LEU C 30 16.95 8.34 -21.04
CA LEU C 30 17.17 9.77 -20.90
C LEU C 30 16.06 10.38 -20.09
N LEU C 31 14.83 10.24 -20.58
CA LEU C 31 13.68 10.72 -19.79
C LEU C 31 13.72 10.24 -18.33
N ASP C 32 14.26 9.05 -18.08
CA ASP C 32 14.30 8.46 -16.76
C ASP C 32 15.17 9.31 -15.91
N GLY C 33 16.22 9.78 -16.52
CA GLY C 33 17.17 10.60 -15.83
C GLY C 33 16.62 11.97 -15.56
N LEU C 34 16.08 12.67 -16.56
CA LEU C 34 15.50 13.99 -16.27
C LEU C 34 14.45 13.84 -15.17
N ASP C 35 13.64 12.81 -15.26
CA ASP C 35 12.69 12.48 -14.22
C ASP C 35 13.41 12.45 -12.85
N ALA C 36 14.25 11.46 -12.65
CA ALA C 36 15.00 11.31 -11.41
C ALA C 36 15.61 12.62 -10.91
N LEU C 37 16.34 13.33 -11.74
CA LEU C 37 16.95 14.58 -11.34
C LEU C 37 15.93 15.46 -10.69
N VAL C 38 14.86 15.74 -11.42
CA VAL C 38 13.80 16.57 -10.84
C VAL C 38 13.23 16.03 -9.50
N TYR C 39 13.17 14.72 -9.33
CA TYR C 39 12.81 14.16 -8.04
C TYR C 39 13.78 14.58 -6.97
N ASP C 40 15.03 14.10 -7.04
CA ASP C 40 16.06 14.36 -6.02
C ASP C 40 16.40 15.82 -5.77
N LEU C 41 15.96 16.69 -6.66
CA LEU C 41 16.26 18.09 -6.49
C LEU C 41 15.17 18.86 -5.78
N ASP C 42 13.91 18.62 -6.15
CA ASP C 42 12.79 19.43 -5.68
C ASP C 42 12.56 19.33 -4.17
N PHE C 43 13.46 19.93 -3.40
CA PHE C 43 13.28 20.13 -1.98
C PHE C 43 13.74 21.54 -1.61
N PRO C 44 13.09 22.12 -0.60
CA PRO C 44 13.23 23.50 -0.15
C PRO C 44 14.68 23.90 0.00
N ALA C 45 15.33 23.25 0.96
CA ALA C 45 16.72 23.47 1.31
C ALA C 45 17.55 23.60 0.06
N LEU C 46 17.30 22.68 -0.86
CA LEU C 46 18.11 22.51 -2.03
C LEU C 46 17.82 23.65 -3.02
N ARG C 47 16.54 23.97 -3.15
CA ARG C 47 16.03 24.95 -4.08
C ARG C 47 16.70 26.32 -3.98
N LYS C 48 17.27 26.60 -2.83
CA LYS C 48 17.93 27.88 -2.61
C LYS C 48 19.21 28.02 -3.44
N ASN C 49 19.36 27.17 -4.43
CA ASN C 49 20.53 27.14 -5.27
C ASN C 49 20.20 27.74 -6.65
N LYS C 50 20.76 28.91 -6.94
CA LYS C 50 20.55 29.62 -8.19
C LYS C 50 20.33 28.68 -9.36
N ASN C 51 21.36 27.88 -9.60
CA ASN C 51 21.32 26.88 -10.62
C ASN C 51 20.12 25.91 -10.45
N ILE C 52 19.97 25.36 -9.24
CA ILE C 52 18.85 24.46 -8.93
C ILE C 52 17.51 25.08 -9.26
N ASP C 53 17.10 26.07 -8.49
CA ASP C 53 15.77 26.63 -8.71
C ASP C 53 15.52 27.14 -10.14
N ASN C 54 16.53 27.71 -10.80
CA ASN C 54 16.33 28.05 -12.20
C ASN C 54 15.88 26.82 -12.99
N PHE C 55 16.56 25.71 -12.73
CA PHE C 55 16.26 24.44 -13.36
C PHE C 55 14.84 23.96 -13.11
N LEU C 56 14.49 23.84 -11.84
CA LEU C 56 13.16 23.34 -11.46
C LEU C 56 12.02 24.28 -11.88
N SER C 57 12.38 25.51 -12.18
CA SER C 57 11.33 26.41 -12.60
C SER C 57 11.21 26.34 -14.10
N ARG C 58 12.25 25.87 -14.77
CA ARG C 58 12.14 25.72 -16.21
C ARG C 58 11.49 24.40 -16.55
N TYR C 59 11.80 23.36 -15.80
CA TYR C 59 11.30 22.03 -16.10
C TYR C 59 10.10 21.62 -15.29
N LYS C 60 9.54 22.57 -14.58
CA LYS C 60 8.34 22.28 -13.81
C LYS C 60 7.22 21.83 -14.76
N ASP C 61 6.72 22.75 -15.56
CA ASP C 61 5.58 22.43 -16.42
C ASP C 61 5.87 21.23 -17.31
N THR C 62 6.96 21.27 -18.07
CA THR C 62 7.35 20.14 -18.92
C THR C 62 7.43 18.80 -18.17
N ILE C 63 8.24 18.70 -17.11
CA ILE C 63 8.37 17.43 -16.41
C ILE C 63 7.01 16.94 -16.02
N ASN C 64 6.13 17.84 -15.60
CA ASN C 64 4.82 17.39 -15.13
C ASN C 64 4.00 16.74 -16.23
N LYS C 65 3.91 17.43 -17.36
CA LYS C 65 3.38 16.82 -18.58
C LYS C 65 3.93 15.41 -18.77
N ILE C 66 5.25 15.28 -18.84
CA ILE C 66 5.87 13.99 -19.01
C ILE C 66 5.28 12.99 -18.02
N ARG C 67 5.57 13.15 -16.74
CA ARG C 67 5.05 12.25 -15.71
C ARG C 67 3.65 11.77 -16.13
N ASP C 68 2.80 12.74 -16.46
CA ASP C 68 1.42 12.50 -16.86
C ASP C 68 1.27 11.49 -18.02
N LEU C 69 1.88 11.77 -19.16
CA LEU C 69 1.78 10.89 -20.33
C LEU C 69 2.30 9.47 -20.14
N ARG C 70 3.55 9.37 -19.70
CA ARG C 70 4.18 8.07 -19.59
C ARG C 70 3.38 7.11 -18.68
N MET C 71 3.73 5.84 -18.70
CA MET C 71 3.05 4.83 -17.91
C MET C 71 3.17 5.15 -16.42
N LYS C 72 2.03 5.30 -15.74
CA LYS C 72 2.00 5.49 -14.28
C LYS C 72 1.06 4.47 -13.64
N ALA C 73 1.21 4.26 -12.34
CA ALA C 73 0.44 3.22 -11.66
C ALA C 73 -1.05 3.49 -11.68
N GLU C 74 -1.42 4.76 -11.84
CA GLU C 74 -2.82 5.14 -11.91
C GLU C 74 -3.45 4.60 -13.18
N ASP C 75 -2.62 3.99 -14.02
CA ASP C 75 -3.08 3.33 -15.24
C ASP C 75 -3.58 1.91 -14.96
N TYR C 76 -3.45 1.46 -13.73
CA TYR C 76 -3.75 0.08 -13.41
C TYR C 76 -4.82 -0.10 -12.32
N GLU C 77 -5.82 -0.92 -12.60
CA GLU C 77 -6.82 -1.29 -11.61
C GLU C 77 -6.31 -2.55 -10.93
N VAL C 78 -6.20 -2.49 -9.60
CA VAL C 78 -5.61 -3.58 -8.85
C VAL C 78 -6.69 -4.53 -8.31
N VAL C 79 -6.87 -5.65 -9.00
CA VAL C 79 -7.88 -6.62 -8.65
C VAL C 79 -7.65 -7.14 -7.25
N LYS C 80 -6.56 -7.88 -7.07
CA LYS C 80 -6.33 -8.56 -5.80
C LYS C 80 -4.83 -8.77 -5.62
N VAL C 81 -4.31 -8.56 -4.41
CA VAL C 81 -2.91 -8.87 -4.16
C VAL C 81 -2.75 -10.37 -4.21
N ILE C 82 -1.74 -10.84 -4.94
CA ILE C 82 -1.57 -12.26 -5.14
C ILE C 82 -0.27 -12.80 -4.59
N GLY C 83 0.54 -11.94 -3.99
CA GLY C 83 1.80 -12.39 -3.45
C GLY C 83 2.61 -11.29 -2.81
N ARG C 84 3.68 -11.68 -2.12
CA ARG C 84 4.54 -10.69 -1.48
C ARG C 84 6.01 -11.05 -1.44
N GLY C 85 6.83 -10.22 -2.09
CA GLY C 85 8.26 -10.36 -2.03
C GLY C 85 8.86 -9.60 -0.85
N ALA C 86 10.18 -9.49 -0.84
CA ALA C 86 10.90 -8.81 0.24
C ALA C 86 10.84 -7.31 0.08
N PHE C 87 10.69 -6.87 -1.15
CA PHE C 87 10.77 -5.46 -1.48
C PHE C 87 9.43 -4.89 -1.95
N GLY C 88 8.36 -5.67 -1.86
CA GLY C 88 7.06 -5.19 -2.31
C GLY C 88 6.06 -6.29 -2.61
N GLU C 89 4.81 -5.88 -2.85
CA GLU C 89 3.75 -6.83 -3.13
C GLU C 89 3.54 -7.03 -4.62
N VAL C 90 3.09 -8.23 -4.98
CA VAL C 90 2.78 -8.58 -6.35
C VAL C 90 1.27 -8.63 -6.47
N GLN C 91 0.71 -7.81 -7.35
CA GLN C 91 -0.75 -7.73 -7.45
C GLN C 91 -1.31 -7.99 -8.87
N LEU C 92 -2.35 -8.82 -8.96
CA LEU C 92 -3.08 -8.97 -10.22
C LEU C 92 -3.77 -7.66 -10.57
N VAL C 93 -3.68 -7.25 -11.84
CA VAL C 93 -4.16 -5.95 -12.28
C VAL C 93 -4.71 -6.00 -13.69
N ARG C 94 -5.60 -5.06 -14.00
CA ARG C 94 -6.14 -4.91 -15.35
C ARG C 94 -5.85 -3.50 -15.80
N HIS C 95 -5.37 -3.35 -17.03
CA HIS C 95 -5.04 -2.04 -17.58
C HIS C 95 -6.30 -1.29 -17.92
N LYS C 96 -6.56 -0.19 -17.20
CA LYS C 96 -7.77 0.63 -17.38
C LYS C 96 -8.17 0.89 -18.83
N SER C 97 -7.23 1.38 -19.63
CA SER C 97 -7.59 1.77 -20.98
C SER C 97 -7.62 0.59 -21.95
N THR C 98 -6.80 -0.43 -21.71
CA THR C 98 -6.67 -1.51 -22.67
C THR C 98 -7.52 -2.71 -22.25
N ARG C 99 -7.85 -2.74 -20.96
CA ARG C 99 -8.62 -3.85 -20.35
C ARG C 99 -7.86 -5.17 -20.23
N LYS C 100 -6.58 -5.16 -20.61
CA LYS C 100 -5.76 -6.37 -20.55
C LYS C 100 -5.37 -6.65 -19.11
N VAL C 101 -5.01 -7.90 -18.84
CA VAL C 101 -4.70 -8.24 -17.47
C VAL C 101 -3.28 -8.79 -17.35
N TYR C 102 -2.49 -8.16 -16.49
CA TYR C 102 -1.18 -8.72 -16.20
C TYR C 102 -1.02 -8.75 -14.70
N ALA C 103 0.14 -9.22 -14.25
CA ALA C 103 0.52 -9.23 -12.85
C ALA C 103 1.58 -8.20 -12.66
N MET C 104 1.42 -7.29 -11.71
CA MET C 104 2.41 -6.21 -11.48
C MET C 104 3.18 -6.38 -10.19
N LYS C 105 4.48 -6.56 -10.32
CA LYS C 105 5.35 -6.71 -9.13
C LYS C 105 5.91 -5.35 -8.74
N LEU C 106 5.83 -5.00 -7.46
CA LEU C 106 6.26 -3.68 -6.99
C LEU C 106 7.57 -3.80 -6.26
N LEU C 107 8.26 -2.67 -6.14
CA LEU C 107 9.55 -2.66 -5.45
C LEU C 107 9.80 -1.35 -4.73
N SER C 108 9.83 -1.41 -3.41
CA SER C 108 10.05 -0.22 -2.61
C SER C 108 11.45 0.22 -2.90
N LYS C 109 11.60 1.36 -3.57
CA LYS C 109 12.96 1.82 -3.81
C LYS C 109 13.61 2.02 -2.46
N PHE C 110 12.84 2.46 -1.46
CA PHE C 110 13.43 2.60 -0.13
C PHE C 110 13.96 1.27 0.36
N GLU C 111 13.08 0.32 0.64
CA GLU C 111 13.52 -0.98 1.15
C GLU C 111 14.69 -1.51 0.34
N MET C 112 14.76 -1.12 -0.94
CA MET C 112 15.82 -1.59 -1.83
C MET C 112 17.15 -0.90 -1.53
N ILE C 113 17.08 0.31 -0.95
CA ILE C 113 18.28 1.07 -0.56
C ILE C 113 18.63 0.90 0.93
N LYS C 114 17.63 0.90 1.81
CA LYS C 114 17.87 0.60 3.23
C LYS C 114 18.84 -0.57 3.32
N ARG C 115 18.37 -1.74 2.92
CA ARG C 115 19.25 -2.87 2.67
C ARG C 115 20.14 -2.47 1.50
N SER C 116 21.45 -2.70 1.64
CA SER C 116 22.38 -2.44 0.55
C SER C 116 22.01 -3.27 -0.67
N ASP C 117 20.93 -4.02 -0.55
CA ASP C 117 20.45 -4.85 -1.65
C ASP C 117 19.84 -4.01 -2.74
N SER C 118 20.72 -3.37 -3.51
CA SER C 118 20.33 -2.57 -4.66
C SER C 118 21.00 -3.13 -5.91
N ALA C 119 20.47 -2.74 -7.06
CA ALA C 119 21.04 -3.12 -8.37
C ALA C 119 21.18 -4.63 -8.61
N PHE C 120 20.17 -5.41 -8.22
CA PHE C 120 20.09 -6.83 -8.56
C PHE C 120 19.04 -7.01 -9.66
N PHE C 121 18.19 -6.00 -9.79
CA PHE C 121 16.99 -6.03 -10.60
C PHE C 121 17.25 -5.87 -12.07
N TRP C 122 18.48 -5.54 -12.45
CA TRP C 122 18.71 -5.26 -13.89
C TRP C 122 18.70 -6.57 -14.67
N GLU C 123 19.26 -7.61 -14.06
CA GLU C 123 19.31 -8.91 -14.68
C GLU C 123 17.90 -9.48 -14.75
N GLU C 124 17.14 -9.34 -13.67
CA GLU C 124 15.74 -9.77 -13.67
C GLU C 124 15.03 -9.19 -14.86
N ARG C 125 15.03 -7.88 -14.93
CA ARG C 125 14.33 -7.24 -16.02
C ARG C 125 14.80 -7.69 -17.39
N ASP C 126 16.11 -7.59 -17.68
CA ASP C 126 16.65 -8.03 -18.97
C ASP C 126 16.10 -9.42 -19.35
N ILE C 127 16.23 -10.39 -18.45
CA ILE C 127 15.68 -11.75 -18.66
C ILE C 127 14.19 -11.79 -19.04
N MET C 128 13.33 -11.49 -18.08
CA MET C 128 11.90 -11.51 -18.36
C MET C 128 11.52 -10.70 -19.59
N ALA C 129 12.37 -9.79 -20.04
CA ALA C 129 12.00 -8.86 -21.09
C ALA C 129 12.44 -9.36 -22.47
N PHE C 130 13.46 -10.23 -22.50
CA PHE C 130 14.04 -10.62 -23.79
C PHE C 130 14.25 -12.11 -23.91
N ALA C 131 14.09 -12.82 -22.81
CA ALA C 131 14.24 -14.27 -22.86
C ALA C 131 13.46 -14.79 -24.04
N ASN C 132 12.24 -14.29 -24.22
CA ASN C 132 11.38 -14.79 -25.28
C ASN C 132 11.39 -16.32 -25.29
N SER C 133 10.96 -16.89 -24.18
CA SER C 133 10.93 -18.32 -24.00
C SER C 133 9.67 -18.77 -23.27
N PRO C 134 9.14 -19.94 -23.65
CA PRO C 134 7.94 -20.43 -22.99
C PRO C 134 8.25 -20.84 -21.56
N TRP C 135 9.54 -20.95 -21.21
CA TRP C 135 9.91 -21.29 -19.84
C TRP C 135 10.13 -20.05 -18.96
N VAL C 136 10.15 -18.87 -19.55
CA VAL C 136 10.46 -17.66 -18.80
C VAL C 136 9.30 -16.70 -18.82
N VAL C 137 8.80 -16.35 -17.63
CA VAL C 137 7.74 -15.38 -17.53
C VAL C 137 8.10 -14.15 -18.38
N GLN C 138 7.15 -13.53 -19.03
CA GLN C 138 7.54 -12.44 -19.91
C GLN C 138 7.07 -11.10 -19.36
N LEU C 139 7.96 -10.11 -19.37
CA LEU C 139 7.68 -8.76 -18.91
C LEU C 139 7.24 -7.94 -20.11
N PHE C 140 6.25 -7.09 -19.94
CA PHE C 140 5.80 -6.27 -21.06
C PHE C 140 6.09 -4.81 -20.82
N TYR C 141 6.09 -4.41 -19.56
CA TYR C 141 6.34 -3.02 -19.23
C TYR C 141 7.06 -2.94 -17.90
N ALA C 142 7.88 -1.90 -17.76
CA ALA C 142 8.62 -1.61 -16.54
C ALA C 142 8.62 -0.10 -16.41
N PHE C 143 8.09 0.43 -15.33
CA PHE C 143 8.09 1.88 -15.17
C PHE C 143 8.31 2.13 -13.70
N GLN C 144 8.39 3.39 -13.30
CA GLN C 144 8.70 3.72 -11.93
C GLN C 144 8.23 5.10 -11.54
N ASP C 145 8.08 5.32 -10.25
CA ASP C 145 7.82 6.65 -9.71
C ASP C 145 8.83 6.95 -8.63
N ASP C 146 8.54 7.88 -7.75
CA ASP C 146 9.53 8.25 -6.75
C ASP C 146 9.65 7.19 -5.67
N ARG C 147 8.64 6.34 -5.53
CA ARG C 147 8.58 5.35 -4.45
C ARG C 147 8.93 3.92 -4.85
N TYR C 148 8.37 3.45 -5.97
CA TYR C 148 8.48 2.06 -6.37
C TYR C 148 8.97 1.86 -7.84
N LEU C 149 9.50 0.66 -8.09
CA LEU C 149 9.73 0.14 -9.43
C LEU C 149 8.57 -0.76 -9.80
N TYR C 150 8.06 -0.66 -11.02
CA TYR C 150 6.92 -1.50 -11.42
C TYR C 150 7.31 -2.49 -12.55
N MET C 151 7.01 -3.78 -12.39
CA MET C 151 7.17 -4.74 -13.49
C MET C 151 5.85 -5.44 -13.85
N VAL C 152 5.16 -4.92 -14.88
CA VAL C 152 3.97 -5.54 -15.51
C VAL C 152 4.35 -6.79 -16.31
N MET C 153 3.68 -7.91 -16.07
CA MET C 153 4.11 -9.16 -16.70
C MET C 153 3.05 -10.26 -16.81
N GLU C 154 3.10 -10.99 -17.93
CA GLU C 154 2.24 -12.15 -18.20
C GLU C 154 1.66 -12.85 -16.95
N TYR C 155 0.37 -12.70 -16.73
CA TYR C 155 -0.26 -13.34 -15.58
C TYR C 155 -0.21 -14.88 -15.70
N MET C 156 0.24 -15.56 -14.65
CA MET C 156 0.16 -17.03 -14.58
C MET C 156 -1.03 -17.48 -13.76
N PRO C 157 -2.12 -17.89 -14.42
CA PRO C 157 -3.28 -18.21 -13.60
C PRO C 157 -3.07 -19.49 -12.84
N GLY C 158 -2.14 -20.32 -13.30
CA GLY C 158 -1.88 -21.60 -12.68
C GLY C 158 -1.62 -21.59 -11.19
N GLY C 159 -0.75 -20.70 -10.73
CA GLY C 159 -0.34 -20.66 -9.34
C GLY C 159 1.04 -21.28 -9.18
N ASP C 160 1.59 -21.25 -7.97
CA ASP C 160 2.94 -21.76 -7.78
C ASP C 160 2.94 -23.20 -7.33
N LEU C 161 4.08 -23.86 -7.49
CA LEU C 161 4.22 -25.27 -7.11
C LEU C 161 4.07 -25.51 -5.60
N VAL C 162 4.09 -24.43 -4.83
CA VAL C 162 3.87 -24.52 -3.38
C VAL C 162 2.43 -24.92 -3.11
N ASN C 163 1.50 -24.08 -3.53
CA ASN C 163 0.06 -24.37 -3.49
C ASN C 163 -0.28 -25.77 -4.00
N LEU C 164 0.23 -26.12 -5.18
CA LEU C 164 0.04 -27.45 -5.75
C LEU C 164 0.45 -28.55 -4.77
N MET C 165 1.73 -28.60 -4.40
CA MET C 165 2.21 -29.66 -3.52
C MET C 165 1.42 -29.71 -2.21
N SER C 166 0.85 -28.56 -1.86
CA SER C 166 -0.01 -28.45 -0.68
C SER C 166 -1.24 -29.30 -0.86
N ASN C 167 -1.95 -29.08 -1.96
CA ASN C 167 -3.27 -29.66 -2.19
C ASN C 167 -3.33 -31.09 -2.74
N TYR C 168 -2.18 -31.67 -3.11
CA TYR C 168 -2.19 -33.01 -3.74
C TYR C 168 -1.22 -34.05 -3.16
N ASP C 169 -1.55 -35.32 -3.39
CA ASP C 169 -0.61 -36.39 -3.09
C ASP C 169 0.12 -36.79 -4.36
N VAL C 170 1.05 -35.91 -4.74
CA VAL C 170 1.81 -36.05 -5.97
C VAL C 170 2.36 -37.46 -6.17
N PRO C 171 2.00 -38.07 -7.31
CA PRO C 171 2.54 -39.34 -7.82
C PRO C 171 3.84 -39.15 -8.61
N GLU C 172 4.66 -40.19 -8.67
CA GLU C 172 5.95 -40.09 -9.34
C GLU C 172 5.77 -39.74 -10.80
N LYS C 173 4.57 -39.93 -11.33
CA LYS C 173 4.30 -39.45 -12.69
C LYS C 173 4.41 -37.94 -12.67
N TRP C 174 3.49 -37.31 -11.96
CA TRP C 174 3.51 -35.87 -11.78
C TRP C 174 4.92 -35.36 -11.50
N ALA C 175 5.47 -35.80 -10.38
CA ALA C 175 6.87 -35.54 -10.06
C ALA C 175 7.76 -35.51 -11.32
N ARG C 176 7.79 -36.59 -12.09
CA ARG C 176 8.67 -36.62 -13.26
C ARG C 176 8.37 -35.46 -14.23
N PHE C 177 7.09 -35.17 -14.44
CA PHE C 177 6.71 -34.04 -15.27
C PHE C 177 7.30 -32.73 -14.75
N TYR C 178 6.71 -32.20 -13.67
CA TYR C 178 7.22 -30.95 -13.12
C TYR C 178 8.75 -30.89 -13.11
N THR C 179 9.41 -31.79 -12.39
CA THR C 179 10.89 -31.79 -12.35
C THR C 179 11.52 -31.58 -13.72
N ALA C 180 11.09 -32.38 -14.71
CA ALA C 180 11.70 -32.35 -16.04
C ALA C 180 11.51 -31.03 -16.76
N GLU C 181 10.35 -30.39 -16.59
CA GLU C 181 10.10 -29.08 -17.18
C GLU C 181 11.01 -28.06 -16.51
N VAL C 182 11.21 -28.24 -15.22
CA VAL C 182 12.05 -27.33 -14.48
C VAL C 182 13.46 -27.48 -14.98
N VAL C 183 13.79 -28.66 -15.48
CA VAL C 183 15.12 -28.85 -16.02
C VAL C 183 15.25 -28.20 -17.39
N LEU C 184 14.26 -28.34 -18.25
CA LEU C 184 14.35 -27.68 -19.55
C LEU C 184 14.46 -26.17 -19.37
N ALA C 185 13.78 -25.67 -18.34
CA ALA C 185 13.77 -24.24 -18.07
C ALA C 185 15.11 -23.78 -17.48
N LEU C 186 15.67 -24.58 -16.58
CA LEU C 186 16.94 -24.23 -15.97
C LEU C 186 18.02 -24.26 -17.03
N ASP C 187 17.80 -25.04 -18.09
CA ASP C 187 18.73 -25.11 -19.20
C ASP C 187 18.54 -23.94 -20.16
N ALA C 188 17.31 -23.44 -20.22
CA ALA C 188 17.06 -22.24 -20.98
C ALA C 188 17.86 -21.12 -20.34
N ILE C 189 17.67 -20.94 -19.05
CA ILE C 189 18.37 -19.94 -18.27
C ILE C 189 19.87 -20.05 -18.46
N HIS C 190 20.41 -21.26 -18.25
CA HIS C 190 21.82 -21.52 -18.44
C HIS C 190 22.34 -21.07 -19.83
N SER C 191 21.52 -21.30 -20.86
CA SER C 191 21.95 -20.99 -22.22
C SER C 191 22.06 -19.50 -22.43
N MET C 192 21.28 -18.73 -21.70
CA MET C 192 21.41 -17.29 -21.74
C MET C 192 22.60 -16.85 -20.88
N GLY C 193 23.40 -17.82 -20.47
CA GLY C 193 24.60 -17.55 -19.71
C GLY C 193 24.31 -16.98 -18.35
N PHE C 194 23.33 -17.57 -17.67
CA PHE C 194 22.99 -17.12 -16.33
C PHE C 194 22.93 -18.31 -15.41
N ILE C 195 23.05 -18.09 -14.10
CA ILE C 195 22.76 -19.12 -13.12
C ILE C 195 21.63 -18.60 -12.26
N HIS C 196 20.75 -19.48 -11.82
CA HIS C 196 19.63 -18.97 -11.05
C HIS C 196 19.97 -18.77 -9.55
N ARG C 197 20.62 -19.78 -8.99
CA ARG C 197 21.05 -19.73 -7.60
C ARG C 197 19.93 -19.89 -6.56
N ASP C 198 18.68 -19.63 -6.98
CA ASP C 198 17.55 -19.76 -6.07
C ASP C 198 16.39 -20.58 -6.65
N VAL C 199 16.58 -21.90 -6.80
CA VAL C 199 15.54 -22.77 -7.36
C VAL C 199 14.67 -23.42 -6.26
N LYS C 200 13.37 -23.21 -6.38
CA LYS C 200 12.40 -23.47 -5.31
C LYS C 200 10.92 -23.31 -5.79
N PRO C 201 10.03 -24.15 -5.25
CA PRO C 201 8.62 -24.20 -5.66
C PRO C 201 8.00 -22.82 -5.58
N ASP C 202 8.53 -22.00 -4.68
CA ASP C 202 8.01 -20.65 -4.49
C ASP C 202 8.12 -19.87 -5.79
N ASN C 203 9.12 -20.23 -6.60
CA ASN C 203 9.47 -19.49 -7.80
C ASN C 203 8.92 -20.06 -9.08
N MET C 204 8.34 -21.25 -9.01
CA MET C 204 7.83 -21.86 -10.23
C MET C 204 6.33 -21.65 -10.27
N LEU C 205 5.85 -21.11 -11.39
CA LEU C 205 4.43 -20.84 -11.58
C LEU C 205 3.86 -21.62 -12.76
N LEU C 206 2.54 -21.53 -12.95
CA LEU C 206 1.84 -22.30 -13.99
C LEU C 206 0.95 -21.44 -14.87
N ASP C 207 1.01 -21.70 -16.17
CA ASP C 207 0.13 -21.03 -17.13
C ASP C 207 -1.23 -21.68 -17.20
N LYS C 208 -2.20 -20.92 -17.70
CA LYS C 208 -3.58 -21.42 -17.84
C LYS C 208 -3.73 -22.84 -18.40
N SER C 209 -2.64 -23.43 -18.91
CA SER C 209 -2.68 -24.83 -19.32
C SER C 209 -1.80 -25.75 -18.47
N GLY C 210 -1.52 -25.31 -17.24
CA GLY C 210 -0.90 -26.17 -16.26
C GLY C 210 0.56 -26.52 -16.52
N HIS C 211 1.17 -25.74 -17.42
CA HIS C 211 2.58 -25.86 -17.74
C HIS C 211 3.45 -24.85 -16.97
N LEU C 212 4.75 -25.08 -16.95
CA LEU C 212 5.63 -24.42 -16.00
C LEU C 212 6.43 -23.26 -16.56
N LYS C 213 6.61 -22.25 -15.72
CA LYS C 213 7.47 -21.12 -16.04
C LYS C 213 8.20 -20.71 -14.75
N LEU C 214 9.29 -19.99 -14.88
CA LEU C 214 9.98 -19.47 -13.71
C LEU C 214 9.61 -18.00 -13.55
N ALA C 215 9.31 -17.58 -12.32
CA ALA C 215 8.64 -16.29 -12.11
C ALA C 215 9.42 -15.23 -11.35
N ASP C 216 10.58 -15.58 -10.80
CA ASP C 216 11.41 -14.58 -10.13
C ASP C 216 12.85 -14.80 -10.54
N PHE C 217 13.55 -13.71 -10.83
CA PHE C 217 14.95 -13.83 -11.22
C PHE C 217 15.88 -12.86 -10.47
N GLY C 218 15.48 -12.42 -9.29
CA GLY C 218 16.32 -11.55 -8.49
C GLY C 218 17.67 -12.19 -8.17
N THR C 219 17.67 -13.50 -7.98
CA THR C 219 18.91 -14.17 -7.62
C THR C 219 19.86 -14.37 -8.79
N CYS C 220 19.38 -14.34 -10.03
CA CYS C 220 20.25 -14.60 -11.19
C CYS C 220 21.55 -13.80 -11.18
N MET C 221 22.63 -14.46 -11.60
CA MET C 221 23.94 -13.81 -11.78
C MET C 221 24.63 -14.32 -13.03
N LYS C 222 25.15 -13.41 -13.84
CA LYS C 222 25.72 -13.79 -15.13
C LYS C 222 27.01 -14.57 -14.96
N MET C 223 27.09 -15.73 -15.61
CA MET C 223 28.25 -16.59 -15.48
C MET C 223 29.28 -16.30 -16.56
N ASN C 224 30.56 -16.26 -16.17
CA ASN C 224 31.61 -15.84 -17.08
C ASN C 224 32.00 -16.93 -18.07
N LYS C 225 33.05 -16.67 -18.85
CA LYS C 225 33.46 -17.58 -19.92
C LYS C 225 33.53 -19.03 -19.45
N GLU C 226 34.15 -19.26 -18.31
CA GLU C 226 34.41 -20.61 -17.79
C GLU C 226 33.14 -21.31 -17.29
N GLY C 227 32.04 -20.57 -17.26
CA GLY C 227 30.78 -21.13 -16.82
C GLY C 227 30.62 -21.07 -15.31
N MET C 228 31.61 -20.46 -14.65
CA MET C 228 31.58 -20.33 -13.20
C MET C 228 31.27 -18.91 -12.78
N VAL C 229 30.75 -18.75 -11.58
CA VAL C 229 30.52 -17.44 -11.00
C VAL C 229 31.08 -17.41 -9.55
N ARG C 230 31.81 -16.35 -9.17
CA ARG C 230 32.43 -16.27 -7.84
C ARG C 230 31.71 -15.35 -6.85
N CYS C 231 31.52 -15.85 -5.63
CA CYS C 231 30.85 -15.12 -4.56
C CYS C 231 31.57 -15.31 -3.24
N THR C 233 28.47 -13.26 -1.92
CA THR C 233 27.45 -13.19 -0.88
C THR C 233 26.64 -14.48 -0.80
N ALA C 234 26.05 -14.72 0.37
CA ALA C 234 25.26 -15.93 0.59
C ALA C 234 23.92 -15.86 -0.12
N VAL C 235 23.95 -15.77 -1.46
CA VAL C 235 22.73 -15.72 -2.26
C VAL C 235 22.17 -17.11 -2.53
N GLY C 236 20.90 -17.27 -2.17
CA GLY C 236 20.22 -18.55 -2.25
C GLY C 236 19.02 -18.49 -1.33
N THR C 237 18.53 -19.66 -0.92
CA THR C 237 17.55 -19.74 0.14
C THR C 237 17.86 -21.02 0.90
N PRO C 238 17.99 -20.92 2.24
CA PRO C 238 18.32 -22.01 3.15
C PRO C 238 18.06 -23.42 2.59
N ASP C 239 16.95 -24.03 2.99
CA ASP C 239 16.60 -25.42 2.64
C ASP C 239 17.24 -25.93 1.34
N TYR C 240 17.04 -25.17 0.27
CA TYR C 240 17.39 -25.58 -1.09
C TYR C 240 18.85 -25.35 -1.45
N ILE C 241 19.38 -24.20 -1.04
CA ILE C 241 20.78 -23.83 -1.26
C ILE C 241 21.76 -24.99 -1.19
N SER C 242 22.91 -24.81 -1.82
CA SER C 242 23.84 -25.89 -2.04
C SER C 242 25.15 -25.67 -1.31
N PRO C 243 25.86 -26.78 -1.00
CA PRO C 243 27.13 -26.80 -0.26
C PRO C 243 28.29 -26.00 -0.86
N GLU C 244 28.51 -26.10 -2.17
CA GLU C 244 29.57 -25.34 -2.83
C GLU C 244 29.25 -23.87 -2.78
N VAL C 245 28.01 -23.57 -3.13
CA VAL C 245 27.43 -22.26 -2.92
C VAL C 245 27.62 -21.82 -1.46
N LEU C 246 27.39 -22.76 -0.55
CA LEU C 246 27.40 -22.48 0.88
C LEU C 246 28.80 -22.24 1.44
N LYS C 247 29.75 -23.09 1.08
CA LYS C 247 31.14 -22.92 1.52
C LYS C 247 31.90 -21.94 0.61
N SER C 248 31.47 -20.68 0.67
CA SER C 248 32.21 -19.56 0.08
C SER C 248 32.39 -18.49 1.16
N GLN C 249 33.60 -18.35 1.70
CA GLN C 249 34.73 -19.25 1.40
C GLN C 249 35.06 -19.43 -0.10
N GLY C 253 36.33 -18.14 -3.51
CA GLY C 253 35.44 -19.27 -3.74
C GLY C 253 34.57 -19.13 -4.97
N TYR C 254 34.75 -20.04 -5.93
CA TYR C 254 33.92 -20.08 -7.15
C TYR C 254 32.91 -21.24 -7.17
N TYR C 255 31.83 -21.06 -7.91
CA TYR C 255 30.85 -22.13 -8.13
C TYR C 255 30.05 -21.96 -9.44
N GLY C 256 29.63 -23.07 -10.04
CA GLY C 256 28.98 -23.06 -11.35
C GLY C 256 27.48 -23.24 -11.37
N ARG C 257 26.94 -23.79 -12.46
CA ARG C 257 25.49 -23.99 -12.54
C ARG C 257 25.04 -25.30 -11.94
N GLU C 258 25.99 -26.16 -11.59
CA GLU C 258 25.67 -27.45 -10.95
C GLU C 258 24.91 -27.23 -9.62
N CYS C 259 25.15 -26.07 -8.99
CA CYS C 259 24.45 -25.68 -7.77
C CYS C 259 22.94 -25.68 -7.99
N ASP C 260 22.53 -25.19 -9.15
CA ASP C 260 21.12 -25.20 -9.50
C ASP C 260 20.63 -26.63 -9.39
N TRP C 261 21.33 -27.55 -10.06
CA TRP C 261 20.90 -28.94 -10.02
C TRP C 261 20.71 -29.45 -8.60
N TRP C 262 21.54 -28.99 -7.68
CA TRP C 262 21.37 -29.40 -6.30
C TRP C 262 19.99 -29.01 -5.87
N SER C 263 19.70 -27.71 -5.88
CA SER C 263 18.38 -27.21 -5.51
C SER C 263 17.32 -28.12 -6.12
N VAL C 264 17.54 -28.53 -7.35
CA VAL C 264 16.59 -29.40 -8.05
C VAL C 264 16.30 -30.67 -7.24
N GLY C 265 17.33 -31.50 -7.05
CA GLY C 265 17.21 -32.68 -6.21
C GLY C 265 16.40 -32.37 -4.98
N VAL C 266 16.75 -31.30 -4.29
CA VAL C 266 16.07 -30.92 -3.05
C VAL C 266 14.58 -30.87 -3.30
N PHE C 267 14.18 -29.97 -4.19
CA PHE C 267 12.82 -29.88 -4.69
C PHE C 267 12.18 -31.25 -4.97
N LEU C 268 12.85 -32.07 -5.76
CA LEU C 268 12.26 -33.36 -6.09
C LEU C 268 11.92 -34.10 -4.83
N TYR C 269 12.91 -34.25 -3.94
CA TYR C 269 12.68 -34.86 -2.63
C TYR C 269 11.48 -34.20 -1.93
N GLU C 270 11.59 -32.89 -1.74
CA GLU C 270 10.48 -32.07 -1.28
C GLU C 270 9.10 -32.58 -1.74
N MET C 271 8.98 -32.83 -3.04
CA MET C 271 7.71 -33.17 -3.67
C MET C 271 7.21 -34.55 -3.28
N LEU C 272 8.11 -35.53 -3.28
CA LEU C 272 7.70 -36.90 -3.05
C LEU C 272 7.44 -37.14 -1.58
N VAL C 273 8.33 -36.62 -0.76
CA VAL C 273 8.30 -36.82 0.68
C VAL C 273 7.22 -35.99 1.38
N GLY C 274 7.29 -34.68 1.22
CA GLY C 274 6.36 -33.79 1.87
C GLY C 274 7.04 -32.86 2.85
N ASP C 275 8.37 -32.92 2.89
CA ASP C 275 9.17 -32.06 3.76
C ASP C 275 10.60 -31.97 3.23
N THR C 276 11.29 -30.88 3.57
CA THR C 276 12.66 -30.64 3.12
C THR C 276 13.62 -31.77 3.49
N PRO C 277 14.46 -32.22 2.53
CA PRO C 277 15.43 -33.30 2.73
C PRO C 277 16.40 -32.96 3.84
N PHE C 278 16.34 -31.72 4.30
CA PHE C 278 17.20 -31.25 5.38
C PHE C 278 16.44 -30.31 6.30
N TYR C 279 15.15 -30.56 6.50
CA TYR C 279 14.35 -29.73 7.40
C TYR C 279 14.83 -29.89 8.83
N ALA C 280 14.82 -28.79 9.56
CA ALA C 280 15.17 -28.78 10.96
C ALA C 280 14.45 -27.60 11.61
N ASP C 281 13.84 -27.85 12.76
CA ASP C 281 13.10 -26.82 13.50
C ASP C 281 13.96 -25.57 13.67
N SER C 282 15.20 -25.78 14.11
CA SER C 282 16.20 -24.72 14.10
C SER C 282 16.70 -24.58 12.68
N LEU C 283 16.84 -23.35 12.21
CA LEU C 283 17.28 -23.14 10.85
C LEU C 283 18.75 -23.49 10.64
N VAL C 284 19.64 -22.94 11.46
CA VAL C 284 21.04 -23.30 11.32
C VAL C 284 21.19 -24.82 11.33
N GLY C 285 20.23 -25.50 11.95
CA GLY C 285 20.16 -26.95 11.93
C GLY C 285 20.06 -27.46 10.51
N THR C 286 19.04 -27.01 9.79
CA THR C 286 18.90 -27.33 8.38
C THR C 286 20.22 -27.09 7.66
N TYR C 287 20.90 -26.01 8.05
CA TYR C 287 22.15 -25.60 7.41
C TYR C 287 23.25 -26.65 7.49
N SER C 288 23.70 -26.92 8.72
CA SER C 288 24.74 -27.92 8.94
C SER C 288 24.32 -29.29 8.45
N LYS C 289 23.02 -29.55 8.50
CA LYS C 289 22.44 -30.79 8.01
C LYS C 289 22.73 -30.96 6.51
N ILE C 290 22.69 -29.83 5.80
CA ILE C 290 23.06 -29.79 4.39
C ILE C 290 24.54 -30.06 4.22
N MET C 291 25.33 -29.44 5.10
CA MET C 291 26.77 -29.69 5.10
C MET C 291 27.11 -31.17 5.29
N ASN C 292 26.23 -31.88 6.00
CA ASN C 292 26.41 -33.31 6.27
C ASN C 292 25.57 -34.20 5.37
N HIS C 293 25.21 -33.68 4.20
CA HIS C 293 24.43 -34.43 3.23
C HIS C 293 24.80 -35.91 3.20
N LYS C 294 26.09 -36.21 3.06
CA LYS C 294 26.57 -37.57 2.94
C LYS C 294 25.91 -38.52 3.94
N ASN C 295 25.59 -38.01 5.12
CA ASN C 295 24.93 -38.81 6.15
C ASN C 295 23.64 -38.21 6.73
N SER C 296 23.13 -37.17 6.11
CA SER C 296 21.88 -36.58 6.57
C SER C 296 20.73 -37.01 5.67
N PHE C 299 14.68 -41.42 4.37
CA PHE C 299 13.70 -42.08 3.52
C PHE C 299 12.74 -42.96 4.33
N PRO C 300 11.66 -43.48 3.68
CA PRO C 300 10.59 -44.23 4.35
C PRO C 300 10.92 -45.69 4.63
N ASP C 301 10.53 -46.22 5.79
CA ASP C 301 9.90 -45.47 6.89
C ASP C 301 8.60 -44.69 6.57
N ASP C 302 7.63 -45.34 5.92
CA ASP C 302 7.74 -46.76 5.58
C ASP C 302 7.07 -47.19 4.27
N ASN C 303 7.13 -46.37 3.21
CA ASN C 303 6.54 -46.76 1.90
C ASN C 303 6.76 -45.81 0.70
N ASP C 304 6.53 -46.33 -0.53
CA ASP C 304 6.11 -45.45 -1.64
C ASP C 304 7.14 -45.09 -2.73
N ILE C 305 8.42 -45.30 -2.46
CA ILE C 305 9.51 -44.74 -3.26
C ILE C 305 10.02 -45.66 -4.36
N SER C 306 10.39 -45.08 -5.50
CA SER C 306 10.92 -45.85 -6.62
C SER C 306 12.42 -46.06 -6.43
N LYS C 307 12.97 -47.09 -7.06
CA LYS C 307 14.43 -47.22 -7.08
C LYS C 307 15.03 -45.99 -7.76
N GLU C 308 14.42 -45.63 -8.89
CA GLU C 308 14.85 -44.49 -9.67
C GLU C 308 14.81 -43.20 -8.83
N ALA C 309 13.60 -42.81 -8.41
CA ALA C 309 13.46 -41.60 -7.59
C ALA C 309 14.63 -41.46 -6.64
N LYS C 310 14.74 -42.39 -5.70
CA LYS C 310 15.82 -42.39 -4.75
C LYS C 310 17.14 -42.06 -5.45
N ASN C 311 17.50 -42.88 -6.44
CA ASN C 311 18.78 -42.70 -7.13
C ASN C 311 18.99 -41.27 -7.61
N LEU C 312 18.23 -40.86 -8.62
CA LEU C 312 18.17 -39.47 -9.07
C LEU C 312 18.48 -38.46 -7.97
N ILE C 313 17.60 -38.43 -6.96
CA ILE C 313 17.72 -37.49 -5.87
C ILE C 313 19.13 -37.47 -5.30
N CYS C 314 19.63 -38.65 -4.93
CA CYS C 314 20.96 -38.74 -4.34
C CYS C 314 22.10 -38.50 -5.34
N ALA C 315 21.76 -38.40 -6.62
CA ALA C 315 22.73 -38.06 -7.65
C ALA C 315 22.92 -36.56 -7.68
N PHE C 316 21.80 -35.84 -7.56
CA PHE C 316 21.81 -34.39 -7.40
C PHE C 316 22.44 -34.01 -6.09
N LEU C 317 21.94 -34.64 -5.02
CA LEU C 317 22.38 -34.36 -3.66
C LEU C 317 23.72 -35.00 -3.32
N THR C 318 24.76 -34.60 -4.05
CA THR C 318 26.12 -35.07 -3.82
C THR C 318 27.04 -33.87 -3.90
N ASP C 319 28.31 -34.05 -3.57
CA ASP C 319 29.26 -32.93 -3.63
C ASP C 319 29.47 -32.48 -5.08
N ARG C 320 29.57 -31.17 -5.27
CA ARG C 320 29.74 -30.57 -6.58
C ARG C 320 30.36 -31.52 -7.61
N GLU C 321 31.57 -31.98 -7.31
CA GLU C 321 32.40 -32.63 -8.32
C GLU C 321 32.00 -34.03 -8.73
N VAL C 322 31.05 -34.63 -8.02
CA VAL C 322 30.52 -35.94 -8.39
C VAL C 322 29.01 -35.89 -8.60
N ARG C 323 28.46 -34.69 -8.47
CA ARG C 323 27.02 -34.50 -8.60
C ARG C 323 26.51 -34.75 -10.01
N LEU C 324 25.23 -35.07 -10.11
CA LEU C 324 24.57 -35.34 -11.37
C LEU C 324 24.39 -34.06 -12.17
N GLY C 325 24.87 -34.08 -13.41
CA GLY C 325 24.81 -32.92 -14.29
C GLY C 325 26.15 -32.24 -14.43
N ARG C 326 27.13 -32.67 -13.63
CA ARG C 326 28.44 -32.03 -13.67
C ARG C 326 28.91 -31.94 -15.11
N ASN C 327 28.61 -32.98 -15.87
CA ASN C 327 29.01 -33.04 -17.27
C ASN C 327 28.12 -32.21 -18.18
N GLY C 328 27.05 -32.83 -18.66
CA GLY C 328 26.10 -32.16 -19.53
C GLY C 328 24.67 -32.22 -19.01
N VAL C 329 23.82 -31.29 -19.46
CA VAL C 329 22.41 -31.36 -19.15
C VAL C 329 21.92 -32.71 -19.65
N GLU C 330 22.25 -33.01 -20.90
CA GLU C 330 21.80 -34.24 -21.53
C GLU C 330 22.02 -35.43 -20.61
N GLU C 331 23.08 -35.37 -19.81
CA GLU C 331 23.39 -36.43 -18.84
C GLU C 331 22.28 -36.61 -17.83
N ILE C 332 21.62 -35.52 -17.47
CA ILE C 332 20.45 -35.60 -16.59
C ILE C 332 19.27 -36.11 -17.39
N LYS C 333 19.08 -35.54 -18.56
CA LYS C 333 17.96 -35.91 -19.41
C LYS C 333 17.86 -37.43 -19.55
N ARG C 334 18.98 -38.08 -19.83
CA ARG C 334 18.98 -39.51 -20.12
C ARG C 334 18.77 -40.40 -18.90
N HIS C 335 18.79 -39.83 -17.71
CA HIS C 335 18.64 -40.60 -16.48
C HIS C 335 17.46 -41.55 -16.55
N LEU C 336 17.55 -42.65 -15.80
CA LEU C 336 16.55 -43.73 -15.84
C LEU C 336 15.15 -43.24 -15.44
N PHE C 337 15.07 -42.54 -14.32
CA PHE C 337 13.83 -41.97 -13.81
C PHE C 337 13.15 -41.16 -14.90
N PHE C 338 13.94 -40.68 -15.85
CA PHE C 338 13.37 -39.91 -16.94
C PHE C 338 13.07 -40.83 -18.12
N LYS C 339 12.36 -41.91 -17.80
CA LYS C 339 11.96 -42.88 -18.79
C LYS C 339 10.47 -43.06 -18.71
N ASN C 340 9.79 -42.96 -19.85
CA ASN C 340 8.37 -43.30 -19.93
C ASN C 340 7.83 -43.34 -21.35
N ASP C 341 6.54 -43.59 -21.46
CA ASP C 341 5.90 -43.80 -22.75
C ASP C 341 4.80 -42.77 -22.92
N GLN C 342 4.99 -41.62 -22.27
CA GLN C 342 4.00 -40.56 -22.25
C GLN C 342 4.49 -39.21 -22.78
N TRP C 343 5.80 -38.99 -22.79
CA TRP C 343 6.37 -37.76 -23.38
C TRP C 343 7.84 -37.86 -23.79
N ALA C 344 8.20 -37.07 -24.81
CA ALA C 344 9.59 -36.91 -25.23
C ALA C 344 10.06 -35.54 -24.74
N TRP C 345 11.37 -35.29 -24.71
CA TRP C 345 11.81 -34.00 -24.22
C TRP C 345 11.39 -32.83 -25.12
N GLU C 346 11.78 -32.88 -26.39
CA GLU C 346 11.52 -31.79 -27.35
C GLU C 346 10.03 -31.60 -27.67
N THR C 347 9.16 -32.10 -26.82
CA THR C 347 7.73 -31.99 -27.06
C THR C 347 6.95 -31.92 -25.75
N LEU C 348 7.65 -31.98 -24.62
CA LEU C 348 6.94 -32.01 -23.35
C LEU C 348 6.09 -30.76 -23.20
N ARG C 349 6.60 -29.63 -23.65
CA ARG C 349 5.87 -28.39 -23.47
C ARG C 349 4.48 -28.50 -24.09
N ASP C 350 4.40 -29.31 -25.15
CA ASP C 350 3.18 -29.44 -25.93
C ASP C 350 2.16 -30.44 -25.38
N THR C 351 2.60 -31.34 -24.50
CA THR C 351 1.69 -32.37 -23.98
C THR C 351 0.70 -31.85 -22.96
N VAL C 352 -0.11 -32.75 -22.47
CA VAL C 352 -1.15 -32.42 -21.52
C VAL C 352 -0.57 -32.34 -20.12
N ALA C 353 -0.72 -31.16 -19.52
CA ALA C 353 -0.29 -30.92 -18.15
C ALA C 353 -0.87 -31.96 -17.20
N PRO C 354 -0.14 -32.27 -16.12
CA PRO C 354 -0.55 -33.15 -15.02
C PRO C 354 -1.78 -32.58 -14.33
N VAL C 355 -1.77 -31.28 -14.10
CA VAL C 355 -2.97 -30.60 -13.62
C VAL C 355 -3.23 -29.41 -14.51
N VAL C 356 -4.48 -29.23 -14.93
CA VAL C 356 -4.83 -28.02 -15.66
C VAL C 356 -5.89 -27.22 -14.91
N PRO C 357 -5.64 -25.91 -14.73
CA PRO C 357 -6.53 -25.12 -13.88
C PRO C 357 -7.88 -24.81 -14.51
N ASP C 358 -8.92 -24.96 -13.70
CA ASP C 358 -10.25 -24.51 -14.08
C ASP C 358 -10.38 -23.04 -13.68
N LEU C 359 -10.60 -22.18 -14.66
CA LEU C 359 -10.73 -20.75 -14.34
C LEU C 359 -12.08 -20.15 -14.74
N SER C 360 -12.74 -19.54 -13.75
CA SER C 360 -14.02 -18.84 -13.94
C SER C 360 -13.97 -17.74 -15.02
N SER C 361 -12.96 -16.89 -14.93
CA SER C 361 -12.76 -15.79 -15.86
C SER C 361 -11.29 -15.58 -16.12
N ASP C 362 -10.95 -14.44 -16.72
CA ASP C 362 -9.55 -14.10 -16.97
C ASP C 362 -8.88 -13.50 -15.74
N ILE C 363 -9.57 -13.57 -14.60
CA ILE C 363 -9.01 -13.04 -13.36
C ILE C 363 -9.23 -13.94 -12.13
N ASP C 364 -9.23 -15.25 -12.37
CA ASP C 364 -9.47 -16.22 -11.32
C ASP C 364 -8.29 -16.30 -10.37
N THR C 365 -8.43 -15.67 -9.22
CA THR C 365 -7.37 -15.64 -8.22
C THR C 365 -7.39 -16.88 -7.33
N SER C 366 -7.81 -18.01 -7.92
CA SER C 366 -8.20 -19.19 -7.14
C SER C 366 -7.00 -19.99 -6.65
N ASN C 367 -5.91 -19.92 -7.39
CA ASN C 367 -4.75 -20.74 -7.07
C ASN C 367 -3.80 -19.95 -6.19
N PHE C 368 -4.31 -18.84 -5.67
CA PHE C 368 -3.54 -17.98 -4.79
C PHE C 368 -4.24 -17.76 -3.46
N ASP C 369 -3.84 -18.58 -2.49
CA ASP C 369 -4.32 -18.49 -1.13
C ASP C 369 -4.34 -17.02 -0.75
N ASP C 370 -5.50 -16.53 -0.39
CA ASP C 370 -5.60 -15.17 0.06
C ASP C 370 -4.52 -15.00 1.11
N LEU C 371 -4.25 -13.77 1.49
CA LEU C 371 -3.16 -13.50 2.40
C LEU C 371 -3.25 -12.09 2.95
N GLU C 372 -3.01 -11.96 4.25
CA GLU C 372 -3.00 -10.64 4.86
C GLU C 372 -4.31 -9.91 4.57
N GLU C 373 -4.43 -8.67 5.04
CA GLU C 373 -3.36 -8.01 5.79
C GLU C 373 -3.78 -7.64 7.20
N GLU C 378 5.43 0.83 4.18
CA GLU C 378 5.14 2.16 4.71
C GLU C 378 6.41 2.95 5.05
N GLU C 379 7.52 2.63 4.40
CA GLU C 379 8.81 3.28 4.66
C GLU C 379 9.29 4.26 3.59
N THR C 380 9.31 5.55 3.92
CA THR C 380 9.67 6.57 2.95
C THR C 380 11.07 7.13 3.21
N PHE C 381 11.73 7.60 2.15
CA PHE C 381 13.01 8.29 2.25
C PHE C 381 12.80 9.60 3.04
N PRO C 382 13.80 9.99 3.83
CA PRO C 382 13.86 11.23 4.62
C PRO C 382 14.19 12.48 3.81
N ILE C 383 13.39 13.54 3.95
CA ILE C 383 13.67 14.80 3.26
C ILE C 383 15.16 15.09 3.49
N PRO C 384 15.92 15.36 2.42
CA PRO C 384 17.35 15.59 2.69
C PRO C 384 17.70 17.06 2.93
N LYS C 385 18.92 17.31 3.39
CA LYS C 385 19.40 18.67 3.57
C LYS C 385 20.35 19.03 2.41
N ALA C 386 21.00 18.00 1.87
CA ALA C 386 21.84 18.12 0.69
C ALA C 386 21.39 17.06 -0.30
N PHE C 387 21.78 17.23 -1.56
CA PHE C 387 21.49 16.27 -2.62
C PHE C 387 22.03 14.87 -2.28
N VAL C 388 21.11 13.90 -2.20
CA VAL C 388 21.50 12.51 -1.93
C VAL C 388 21.37 11.64 -3.15
N GLY C 389 20.56 12.09 -4.09
CA GLY C 389 20.43 11.41 -5.36
C GLY C 389 19.88 10.01 -5.21
N ASN C 390 18.74 9.89 -4.55
CA ASN C 390 18.22 8.57 -4.24
C ASN C 390 17.54 7.87 -5.39
N GLN C 391 17.33 8.57 -6.50
CA GLN C 391 16.75 7.94 -7.68
C GLN C 391 17.77 7.57 -8.75
N LEU C 392 19.03 7.88 -8.51
CA LEU C 392 20.06 7.53 -9.48
C LEU C 392 20.23 6.01 -9.67
N PRO C 393 20.13 5.22 -8.59
CA PRO C 393 20.39 3.81 -8.88
C PRO C 393 19.40 3.21 -9.88
N PHE C 394 18.32 3.96 -10.17
CA PHE C 394 17.19 3.39 -10.90
C PHE C 394 16.93 4.10 -12.22
N VAL C 395 17.90 4.90 -12.65
CA VAL C 395 17.74 5.53 -13.95
C VAL C 395 17.92 4.50 -15.03
N GLY C 396 17.03 4.49 -16.01
CA GLY C 396 17.09 3.53 -17.09
C GLY C 396 16.29 2.26 -16.92
N PHE C 397 15.53 2.12 -15.84
CA PHE C 397 14.77 0.90 -15.67
C PHE C 397 13.44 0.86 -16.46
N THR C 398 12.93 2.02 -16.84
CA THR C 398 11.79 2.12 -17.72
C THR C 398 12.00 1.34 -19.01
N TYR C 399 11.07 0.45 -19.38
CA TYR C 399 11.05 -0.18 -20.71
C TYR C 399 9.63 -0.38 -21.22
N TYR C 400 9.37 -0.02 -22.48
CA TYR C 400 8.11 -0.42 -23.12
C TYR C 400 8.36 -1.46 -24.20
N SER C 401 7.40 -2.38 -24.36
CA SER C 401 7.47 -3.36 -25.44
C SER C 401 7.04 -2.74 -26.78
N ASN C 402 8.03 -2.15 -27.43
CA ASN C 402 7.98 -1.82 -28.83
C ASN C 402 9.38 -2.17 -29.32
N ARG C 403 9.73 -3.43 -29.05
CA ARG C 403 11.07 -3.96 -29.32
C ARG C 403 11.61 -3.51 -30.66
N ARG C 404 10.73 -3.40 -31.65
CA ARG C 404 11.11 -2.96 -32.99
C ARG C 404 10.27 -1.78 -33.44
N SER D 6 -5.43 7.10 -23.25
CA SER D 6 -5.31 6.56 -24.60
C SER D 6 -3.90 6.06 -24.86
N PHE D 7 -3.72 4.75 -24.71
CA PHE D 7 -2.45 4.07 -24.86
C PHE D 7 -1.78 4.35 -26.23
N GLU D 8 -2.38 5.24 -27.03
CA GLU D 8 -1.80 5.54 -28.35
C GLU D 8 -1.62 7.01 -28.74
N THR D 9 -2.48 7.88 -28.22
CA THR D 9 -2.25 9.31 -28.45
C THR D 9 -1.28 9.85 -27.40
N ARG D 10 -0.92 8.98 -26.47
CA ARG D 10 0.15 9.24 -25.50
C ARG D 10 1.49 9.06 -26.20
N PHE D 11 1.62 7.99 -26.98
CA PHE D 11 2.87 7.75 -27.70
C PHE D 11 3.20 8.78 -28.78
N GLU D 12 2.19 9.31 -29.47
CA GLU D 12 2.47 10.33 -30.48
C GLU D 12 2.62 11.72 -29.89
N LYS D 13 1.91 11.98 -28.80
CA LYS D 13 2.03 13.24 -28.07
C LYS D 13 3.43 13.39 -27.45
N MET D 14 3.88 12.33 -26.79
CA MET D 14 5.17 12.27 -26.11
C MET D 14 6.33 12.12 -27.08
N ASP D 15 6.26 11.13 -27.97
CA ASP D 15 7.31 10.97 -28.98
C ASP D 15 7.49 12.28 -29.74
N ASN D 16 6.36 12.90 -30.06
CA ASN D 16 6.39 14.22 -30.70
C ASN D 16 7.10 15.27 -29.84
N LEU D 17 6.99 15.15 -28.52
CA LEU D 17 7.84 15.97 -27.70
C LEU D 17 9.30 15.69 -28.00
N LEU D 18 9.78 14.46 -27.86
CA LEU D 18 11.24 14.25 -28.01
C LEU D 18 11.77 14.58 -29.41
N ARG D 19 10.88 14.68 -30.38
CA ARG D 19 11.34 14.99 -31.72
C ARG D 19 11.20 16.47 -31.95
N ASP D 20 10.19 17.06 -31.33
CA ASP D 20 9.92 18.50 -31.46
C ASP D 20 11.01 19.44 -30.98
N PRO D 21 11.64 20.16 -31.92
CA PRO D 21 12.76 21.07 -31.71
C PRO D 21 12.47 22.08 -30.63
N LYS D 22 11.23 22.57 -30.60
CA LYS D 22 10.83 23.51 -29.54
C LYS D 22 10.46 22.85 -28.20
N SER D 23 10.44 21.52 -28.12
CA SER D 23 10.19 20.91 -26.84
C SER D 23 11.40 21.07 -25.95
N GLU D 24 11.14 21.37 -24.68
CA GLU D 24 12.21 21.57 -23.74
C GLU D 24 12.89 20.22 -23.48
N VAL D 25 12.28 19.14 -23.96
CA VAL D 25 12.83 17.80 -23.77
C VAL D 25 13.24 17.06 -25.06
N ASN D 26 13.33 17.81 -26.17
CA ASN D 26 14.04 17.33 -27.37
C ASN D 26 15.24 16.44 -26.98
N SER D 27 15.45 15.35 -27.71
CA SER D 27 16.49 14.40 -27.36
C SER D 27 17.80 15.10 -26.95
N ASP D 28 18.10 16.22 -27.62
CA ASP D 28 19.30 17.00 -27.28
C ASP D 28 19.31 17.48 -25.84
N CYS D 29 18.18 18.04 -25.39
CA CYS D 29 18.04 18.54 -24.03
C CYS D 29 18.19 17.48 -22.93
N LEU D 30 17.71 16.28 -23.16
CA LEU D 30 17.95 15.24 -22.18
C LEU D 30 19.44 14.94 -22.16
N LEU D 31 20.07 14.87 -23.33
CA LEU D 31 21.51 14.72 -23.38
C LEU D 31 22.20 15.82 -22.55
N ASP D 32 21.60 17.01 -22.57
CA ASP D 32 22.13 18.17 -21.87
C ASP D 32 22.10 17.88 -20.41
N GLY D 33 21.01 17.28 -19.97
CA GLY D 33 20.85 16.97 -18.56
C GLY D 33 21.81 15.92 -18.07
N LEU D 34 21.97 14.82 -18.81
CA LEU D 34 22.87 13.79 -18.34
C LEU D 34 24.32 14.34 -18.31
N ASP D 35 24.65 15.16 -19.29
CA ASP D 35 25.98 15.73 -19.35
C ASP D 35 26.20 16.66 -18.15
N ALA D 36 25.34 17.68 -18.04
CA ALA D 36 25.28 18.57 -16.90
C ALA D 36 25.48 17.82 -15.59
N LEU D 37 24.57 16.94 -15.24
CA LEU D 37 24.73 16.13 -14.05
C LEU D 37 26.12 15.51 -13.88
N VAL D 38 26.67 14.88 -14.92
CA VAL D 38 27.99 14.28 -14.76
C VAL D 38 29.02 15.34 -14.40
N TYR D 39 28.89 16.54 -14.94
CA TYR D 39 29.75 17.66 -14.55
C TYR D 39 29.58 18.02 -13.06
N ASP D 40 28.36 18.43 -12.67
CA ASP D 40 28.13 18.92 -11.33
C ASP D 40 28.43 17.89 -10.26
N LEU D 41 28.63 16.64 -10.67
CA LEU D 41 28.88 15.59 -9.68
C LEU D 41 30.33 15.17 -9.54
N ASP D 42 31.12 15.23 -10.61
CA ASP D 42 32.45 14.62 -10.57
C ASP D 42 33.42 15.50 -9.78
N PHE D 43 33.30 15.38 -8.46
CA PHE D 43 34.15 16.07 -7.52
C PHE D 43 34.37 15.11 -6.37
N PRO D 44 35.62 15.04 -5.87
CA PRO D 44 36.06 14.08 -4.86
C PRO D 44 35.13 14.04 -3.64
N ALA D 45 34.88 15.21 -3.04
CA ALA D 45 33.98 15.33 -1.89
C ALA D 45 32.65 14.61 -2.13
N LEU D 46 32.00 14.92 -3.25
CA LEU D 46 30.70 14.33 -3.55
C LEU D 46 30.83 12.85 -3.89
N ARG D 47 31.86 12.50 -4.65
CA ARG D 47 32.00 11.10 -5.09
C ARG D 47 32.01 10.16 -3.90
N LYS D 48 32.20 10.71 -2.71
CA LYS D 48 32.25 9.86 -1.53
C LYS D 48 30.93 9.18 -1.30
N ASN D 49 29.93 9.54 -2.10
CA ASN D 49 28.57 9.01 -1.94
C ASN D 49 28.31 7.80 -2.84
N LYS D 50 27.90 6.69 -2.23
CA LYS D 50 27.73 5.41 -2.96
C LYS D 50 26.92 5.52 -4.26
N ASN D 51 25.77 6.20 -4.18
CA ASN D 51 24.93 6.45 -5.34
C ASN D 51 25.68 7.24 -6.40
N ILE D 52 26.28 8.34 -5.96
CA ILE D 52 27.03 9.19 -6.84
C ILE D 52 28.18 8.40 -7.47
N ASP D 53 29.22 8.04 -6.70
CA ASP D 53 30.39 7.37 -7.27
C ASP D 53 30.00 6.21 -8.16
N ASN D 54 28.96 5.47 -7.81
CA ASN D 54 28.52 4.38 -8.68
C ASN D 54 28.09 4.85 -10.04
N PHE D 55 27.22 5.83 -10.04
CA PHE D 55 26.67 6.38 -11.26
C PHE D 55 27.76 7.03 -12.16
N LEU D 56 28.68 7.81 -11.58
CA LEU D 56 29.77 8.39 -12.34
C LEU D 56 30.66 7.27 -12.85
N SER D 57 30.67 6.15 -12.12
CA SER D 57 31.50 5.00 -12.44
C SER D 57 30.91 4.26 -13.61
N ARG D 58 29.64 4.51 -13.83
CA ARG D 58 28.91 3.84 -14.88
C ARG D 58 28.91 4.61 -16.17
N TYR D 59 28.85 5.93 -16.08
CA TYR D 59 28.78 6.76 -17.28
C TYR D 59 30.11 7.38 -17.66
N LYS D 60 31.16 7.05 -16.91
CA LYS D 60 32.49 7.54 -17.23
C LYS D 60 32.72 7.38 -18.74
N ASP D 61 33.01 6.16 -19.14
CA ASP D 61 33.22 5.83 -20.55
C ASP D 61 32.23 6.55 -21.43
N THR D 62 30.96 6.22 -21.27
CA THR D 62 29.89 6.68 -22.17
C THR D 62 29.74 8.18 -22.29
N ILE D 63 29.68 8.87 -21.17
CA ILE D 63 29.56 10.30 -21.27
C ILE D 63 30.77 10.86 -21.99
N ASN D 64 31.98 10.36 -21.68
CA ASN D 64 33.17 10.82 -22.40
C ASN D 64 33.04 10.65 -23.93
N LYS D 65 32.56 9.50 -24.37
CA LYS D 65 32.23 9.27 -25.75
C LYS D 65 31.34 10.39 -26.29
N ILE D 66 30.18 10.57 -25.66
CA ILE D 66 29.29 11.69 -25.96
C ILE D 66 30.02 13.03 -26.16
N ARG D 67 30.65 13.54 -25.10
CA ARG D 67 31.34 14.81 -25.17
C ARG D 67 32.14 14.90 -26.46
N ASP D 68 32.93 13.86 -26.73
CA ASP D 68 33.79 13.86 -27.90
C ASP D 68 33.02 14.00 -29.22
N LEU D 69 31.96 13.23 -29.39
CA LEU D 69 31.17 13.28 -30.63
C LEU D 69 30.46 14.62 -30.86
N ARG D 70 29.60 15.02 -29.93
CA ARG D 70 28.77 16.22 -30.09
C ARG D 70 29.60 17.45 -30.46
N MET D 71 28.93 18.50 -30.91
CA MET D 71 29.63 19.72 -31.27
C MET D 71 30.40 20.28 -30.07
N LYS D 72 31.71 20.47 -30.26
CA LYS D 72 32.53 21.15 -29.27
C LYS D 72 33.16 22.37 -29.88
N ALA D 73 33.78 23.19 -29.05
CA ALA D 73 34.41 24.38 -29.57
C ALA D 73 35.76 24.12 -30.27
N GLU D 74 36.33 22.94 -30.04
CA GLU D 74 37.53 22.52 -30.76
C GLU D 74 37.23 22.28 -32.23
N ASP D 75 35.92 22.24 -32.56
CA ASP D 75 35.44 22.08 -33.92
C ASP D 75 35.54 23.38 -34.70
N TYR D 76 36.04 24.44 -34.09
CA TYR D 76 35.99 25.73 -34.73
C TYR D 76 37.33 26.43 -34.76
N GLU D 77 37.72 26.94 -35.92
CA GLU D 77 38.94 27.72 -36.03
C GLU D 77 38.55 29.17 -35.85
N VAL D 78 39.11 29.82 -34.84
CA VAL D 78 38.76 31.21 -34.53
C VAL D 78 39.63 32.17 -35.38
N VAL D 79 39.01 32.76 -36.39
CA VAL D 79 39.69 33.67 -37.31
C VAL D 79 40.12 34.95 -36.63
N LYS D 80 39.18 35.70 -36.10
CA LYS D 80 39.51 36.96 -35.46
C LYS D 80 38.39 37.34 -34.51
N VAL D 81 38.75 37.91 -33.39
CA VAL D 81 37.72 38.40 -32.48
C VAL D 81 37.04 39.58 -33.10
N ILE D 82 35.71 39.60 -33.18
CA ILE D 82 35.04 40.73 -33.85
C ILE D 82 34.09 41.52 -32.95
N GLY D 83 34.02 41.14 -31.69
CA GLY D 83 33.16 41.86 -30.77
C GLY D 83 33.26 41.39 -29.34
N ARG D 84 32.56 42.10 -28.45
CA ARG D 84 32.54 41.74 -27.04
C ARG D 84 31.26 42.18 -26.32
N GLY D 85 30.46 41.21 -25.87
CA GLY D 85 29.27 41.48 -25.09
C GLY D 85 29.59 41.47 -23.61
N ALA D 86 28.59 41.48 -22.74
CA ALA D 86 28.89 41.54 -21.31
C ALA D 86 29.39 40.21 -20.78
N PHE D 87 28.96 39.10 -21.38
CA PHE D 87 29.29 37.80 -20.82
C PHE D 87 30.31 36.98 -21.63
N GLY D 88 30.83 37.57 -22.69
CA GLY D 88 31.86 36.92 -23.47
C GLY D 88 32.13 37.61 -24.80
N GLU D 89 33.08 37.10 -25.56
CA GLU D 89 33.43 37.71 -26.85
C GLU D 89 32.78 37.01 -28.06
N VAL D 90 32.48 37.80 -29.08
CA VAL D 90 31.87 37.35 -30.33
C VAL D 90 32.97 37.22 -31.35
N GLN D 91 33.19 36.01 -31.85
CA GLN D 91 34.37 35.79 -32.70
C GLN D 91 34.03 35.14 -34.06
N LEU D 92 34.66 35.62 -35.14
CA LEU D 92 34.48 35.03 -36.47
C LEU D 92 35.20 33.70 -36.52
N VAL D 93 34.53 32.66 -37.04
CA VAL D 93 35.09 31.31 -37.06
C VAL D 93 34.82 30.60 -38.37
N ARG D 94 35.62 29.56 -38.63
CA ARG D 94 35.37 28.66 -39.74
C ARG D 94 35.33 27.25 -39.19
N HIS D 95 34.24 26.53 -39.45
CA HIS D 95 34.15 25.14 -39.03
C HIS D 95 35.28 24.34 -39.67
N LYS D 96 36.16 23.72 -38.89
CA LYS D 96 37.24 22.91 -39.46
C LYS D 96 36.79 21.81 -40.46
N SER D 97 35.81 20.98 -40.10
CA SER D 97 35.44 19.88 -40.98
C SER D 97 34.58 20.24 -42.20
N THR D 98 33.83 21.34 -42.11
CA THR D 98 32.93 21.72 -43.19
C THR D 98 33.45 22.92 -43.94
N ARG D 99 34.34 23.66 -43.30
CA ARG D 99 34.94 24.87 -43.86
C ARG D 99 33.96 26.05 -43.94
N LYS D 100 32.72 25.81 -43.50
CA LYS D 100 31.68 26.85 -43.48
C LYS D 100 32.05 27.96 -42.49
N VAL D 101 31.64 29.20 -42.76
CA VAL D 101 32.00 30.30 -41.85
C VAL D 101 30.82 30.98 -41.13
N TYR D 102 30.94 31.12 -39.81
CA TYR D 102 29.88 31.72 -39.00
C TYR D 102 30.47 32.68 -37.98
N ALA D 103 29.61 33.37 -37.22
CA ALA D 103 30.08 34.09 -36.03
C ALA D 103 29.64 33.37 -34.78
N MET D 104 30.59 33.08 -33.90
CA MET D 104 30.34 32.31 -32.69
C MET D 104 30.33 33.24 -31.51
N LYS D 105 29.18 33.45 -30.87
CA LYS D 105 29.11 34.30 -29.67
C LYS D 105 29.35 33.41 -28.48
N LEU D 106 30.22 33.84 -27.56
CA LEU D 106 30.48 33.05 -26.35
C LEU D 106 29.76 33.63 -25.16
N LEU D 107 29.46 32.80 -24.17
CA LEU D 107 28.86 33.27 -22.92
C LEU D 107 29.45 32.53 -21.72
N SER D 108 30.11 33.26 -20.82
CA SER D 108 30.72 32.63 -19.67
C SER D 108 29.64 32.18 -18.70
N LYS D 109 29.59 30.87 -18.48
CA LYS D 109 28.60 30.30 -17.57
C LYS D 109 28.75 30.99 -16.23
N PHE D 110 30.01 31.17 -15.83
CA PHE D 110 30.35 31.80 -14.57
C PHE D 110 29.74 33.21 -14.41
N GLU D 111 30.33 34.19 -15.05
CA GLU D 111 29.84 35.53 -14.99
C GLU D 111 28.30 35.64 -15.12
N MET D 112 27.67 34.71 -15.84
CA MET D 112 26.23 34.76 -16.03
C MET D 112 25.53 34.33 -14.75
N ILE D 113 26.33 33.66 -13.91
CA ILE D 113 25.91 33.08 -12.65
C ILE D 113 26.12 34.13 -11.55
N LYS D 114 27.35 34.64 -11.51
CA LYS D 114 27.77 35.73 -10.65
C LYS D 114 26.65 36.76 -10.57
N ARG D 115 26.43 37.50 -11.65
CA ARG D 115 25.24 38.35 -11.71
C ARG D 115 24.00 37.45 -11.76
N SER D 116 22.94 37.84 -11.06
CA SER D 116 21.68 37.11 -11.11
C SER D 116 21.14 37.05 -12.55
N ASP D 117 21.92 37.65 -13.46
CA ASP D 117 21.57 37.77 -14.86
C ASP D 117 21.68 36.44 -15.57
N SER D 118 20.80 35.51 -15.24
CA SER D 118 20.78 34.23 -15.93
C SER D 118 19.38 33.94 -16.48
N ALA D 119 19.30 32.92 -17.32
CA ALA D 119 18.03 32.59 -17.95
C ALA D 119 17.48 33.75 -18.77
N PHE D 120 18.32 34.47 -19.50
CA PHE D 120 17.85 35.57 -20.34
C PHE D 120 17.99 35.23 -21.81
N PHE D 121 18.93 34.34 -22.06
CA PHE D 121 19.32 33.94 -23.40
C PHE D 121 18.38 32.93 -24.04
N TRP D 122 17.30 32.60 -23.34
CA TRP D 122 16.37 31.63 -23.81
C TRP D 122 15.52 32.27 -24.91
N GLU D 123 15.09 33.51 -24.70
CA GLU D 123 14.34 34.20 -25.75
C GLU D 123 15.25 34.42 -26.97
N GLU D 124 16.49 34.79 -26.71
CA GLU D 124 17.45 35.01 -27.79
C GLU D 124 17.50 33.77 -28.66
N ARG D 125 17.80 32.66 -28.01
CA ARG D 125 17.94 31.37 -28.66
C ARG D 125 16.72 31.08 -29.49
N ASP D 126 15.54 31.01 -28.85
CA ASP D 126 14.28 30.81 -29.57
C ASP D 126 14.17 31.66 -30.85
N ILE D 127 14.30 32.97 -30.71
CA ILE D 127 14.19 33.90 -31.83
C ILE D 127 15.20 33.67 -32.97
N MET D 128 16.49 33.67 -32.68
CA MET D 128 17.48 33.52 -33.73
C MET D 128 17.39 32.16 -34.39
N ALA D 129 16.79 31.19 -33.70
CA ALA D 129 16.71 29.84 -34.25
C ALA D 129 15.40 29.56 -35.01
N PHE D 130 14.39 30.41 -34.81
CA PHE D 130 13.04 30.12 -35.29
C PHE D 130 12.40 31.25 -36.06
N ALA D 131 12.98 32.43 -35.95
CA ALA D 131 12.47 33.57 -36.67
C ALA D 131 12.34 33.29 -38.17
N ASN D 132 13.37 32.66 -38.74
CA ASN D 132 13.38 32.41 -40.17
C ASN D 132 12.85 33.64 -40.89
N SER D 133 13.49 34.77 -40.60
CA SER D 133 13.14 36.03 -41.23
C SER D 133 14.38 36.71 -41.69
N PRO D 134 14.27 37.42 -42.82
CA PRO D 134 15.44 38.12 -43.35
C PRO D 134 15.84 39.26 -42.43
N TRP D 135 14.97 39.62 -41.50
CA TRP D 135 15.27 40.70 -40.58
C TRP D 135 16.00 40.23 -39.32
N VAL D 136 15.95 38.93 -39.03
CA VAL D 136 16.63 38.39 -37.83
C VAL D 136 17.84 37.49 -38.14
N VAL D 137 18.97 37.79 -37.51
CA VAL D 137 20.18 36.96 -37.57
C VAL D 137 19.83 35.50 -37.29
N GLN D 138 20.38 34.56 -38.06
CA GLN D 138 19.96 33.17 -37.94
C GLN D 138 20.89 32.37 -37.01
N LEU D 139 20.35 31.63 -36.06
CA LEU D 139 21.18 30.73 -35.27
C LEU D 139 21.24 29.37 -35.95
N PHE D 140 22.45 28.85 -36.17
CA PHE D 140 22.60 27.52 -36.74
C PHE D 140 22.88 26.43 -35.71
N TYR D 141 23.72 26.74 -34.74
CA TYR D 141 24.06 25.77 -33.71
C TYR D 141 24.20 26.46 -32.36
N ALA D 142 23.79 25.79 -31.30
CA ALA D 142 24.07 26.25 -29.95
C ALA D 142 24.48 25.06 -29.13
N PHE D 143 25.69 25.09 -28.63
CA PHE D 143 26.20 23.98 -27.86
C PHE D 143 26.97 24.58 -26.70
N GLN D 144 27.46 23.74 -25.80
CA GLN D 144 28.08 24.25 -24.59
C GLN D 144 29.02 23.24 -24.01
N ASP D 145 29.91 23.71 -23.16
CA ASP D 145 30.72 22.83 -22.31
C ASP D 145 30.56 23.28 -20.87
N ASP D 146 31.49 22.95 -19.98
CA ASP D 146 31.26 23.35 -18.60
C ASP D 146 31.44 24.84 -18.38
N ARG D 147 32.10 25.51 -19.32
CA ARG D 147 32.50 26.90 -19.11
C ARG D 147 31.65 27.88 -19.88
N TYR D 148 31.24 27.52 -21.09
CA TYR D 148 30.63 28.52 -21.97
C TYR D 148 29.40 27.98 -22.69
N LEU D 149 28.52 28.89 -23.09
CA LEU D 149 27.45 28.58 -24.01
C LEU D 149 27.96 29.07 -25.33
N TYR D 150 27.75 28.31 -26.41
CA TYR D 150 28.24 28.77 -27.69
C TYR D 150 27.07 28.97 -28.65
N MET D 151 27.11 30.06 -29.40
CA MET D 151 26.05 30.42 -30.32
C MET D 151 26.57 30.72 -31.74
N VAL D 152 26.68 29.69 -32.58
CA VAL D 152 27.16 29.81 -33.95
C VAL D 152 26.05 30.36 -34.84
N MET D 153 26.29 31.44 -35.57
CA MET D 153 25.22 32.13 -36.28
C MET D 153 25.62 32.94 -37.52
N GLU D 154 24.78 32.89 -38.56
CA GLU D 154 24.94 33.67 -39.80
C GLU D 154 25.88 34.86 -39.65
N TYR D 155 27.05 34.78 -40.27
CA TYR D 155 28.01 35.87 -40.23
C TYR D 155 27.52 37.15 -40.93
N MET D 156 27.76 38.30 -40.30
CA MET D 156 27.30 39.59 -40.81
C MET D 156 28.46 40.47 -41.30
N PRO D 157 28.94 40.25 -42.54
CA PRO D 157 30.15 40.95 -43.00
C PRO D 157 29.96 42.45 -43.04
N GLY D 158 28.72 42.91 -43.06
CA GLY D 158 28.43 44.31 -43.21
C GLY D 158 28.90 45.20 -42.06
N GLY D 159 28.85 44.69 -40.83
CA GLY D 159 29.28 45.48 -39.69
C GLY D 159 28.08 46.18 -39.10
N ASP D 160 28.29 46.88 -37.98
CA ASP D 160 27.20 47.51 -37.24
C ASP D 160 26.97 48.95 -37.67
N LEU D 161 25.76 49.42 -37.44
CA LEU D 161 25.36 50.80 -37.76
C LEU D 161 26.18 51.84 -37.04
N VAL D 162 26.88 51.43 -35.99
CA VAL D 162 27.72 52.34 -35.26
C VAL D 162 28.93 52.63 -36.12
N ASN D 163 29.63 51.58 -36.56
CA ASN D 163 30.76 51.73 -37.47
C ASN D 163 30.36 52.66 -38.62
N LEU D 164 29.19 52.38 -39.20
CA LEU D 164 28.66 53.16 -40.32
C LEU D 164 28.51 54.64 -40.01
N MET D 165 27.70 54.97 -39.02
CA MET D 165 27.51 56.36 -38.63
C MET D 165 28.85 57.01 -38.30
N SER D 166 29.81 56.18 -37.91
CA SER D 166 31.15 56.67 -37.64
C SER D 166 31.78 57.19 -38.93
N ASN D 167 31.82 56.37 -39.97
CA ASN D 167 32.61 56.72 -41.16
C ASN D 167 31.96 57.60 -42.25
N TYR D 168 30.68 57.96 -42.09
CA TYR D 168 29.92 58.63 -43.16
C TYR D 168 29.20 59.92 -42.78
N ASP D 169 29.01 60.78 -43.77
CA ASP D 169 28.14 61.95 -43.64
C ASP D 169 26.72 61.57 -44.03
N VAL D 170 26.08 60.78 -43.18
CA VAL D 170 24.74 60.25 -43.46
C VAL D 170 23.79 61.31 -43.99
N PRO D 171 23.32 61.14 -45.25
CA PRO D 171 22.27 61.95 -45.88
C PRO D 171 20.85 61.45 -45.61
N GLU D 172 19.88 62.36 -45.67
CA GLU D 172 18.50 62.04 -45.33
C GLU D 172 18.02 60.81 -46.07
N LYS D 173 18.53 60.58 -47.28
CA LYS D 173 18.17 59.39 -48.04
C LYS D 173 18.48 58.14 -47.23
N TRP D 174 19.76 57.90 -47.01
CA TRP D 174 20.20 56.78 -46.20
C TRP D 174 19.39 56.68 -44.94
N ALA D 175 19.41 57.74 -44.14
CA ALA D 175 18.59 57.78 -42.94
C ALA D 175 17.25 57.11 -43.17
N ARG D 176 16.53 57.55 -44.20
CA ARG D 176 15.21 57.02 -44.51
C ARG D 176 15.29 55.50 -44.70
N PHE D 177 16.28 55.07 -45.47
CA PHE D 177 16.47 53.64 -45.75
C PHE D 177 16.58 52.84 -44.46
N TYR D 178 17.67 53.03 -43.74
CA TYR D 178 17.94 52.22 -42.56
C TYR D 178 16.82 52.33 -41.57
N THR D 179 16.40 53.54 -41.24
CA THR D 179 15.26 53.73 -40.35
C THR D 179 14.15 52.75 -40.71
N ALA D 180 13.68 52.84 -41.95
CA ALA D 180 12.57 52.03 -42.43
C ALA D 180 12.79 50.53 -42.28
N GLU D 181 14.00 50.07 -42.62
CA GLU D 181 14.32 48.65 -42.48
C GLU D 181 14.17 48.24 -41.04
N VAL D 182 14.66 49.08 -40.15
CA VAL D 182 14.58 48.82 -38.74
C VAL D 182 13.12 48.72 -38.35
N VAL D 183 12.26 49.48 -39.03
CA VAL D 183 10.84 49.45 -38.72
C VAL D 183 10.27 48.09 -39.09
N LEU D 184 10.53 47.65 -40.33
CA LEU D 184 10.08 46.35 -40.83
C LEU D 184 10.49 45.21 -39.91
N ALA D 185 11.74 45.28 -39.47
CA ALA D 185 12.34 44.25 -38.64
C ALA D 185 11.73 44.26 -37.24
N LEU D 186 11.43 45.45 -36.73
CA LEU D 186 10.85 45.58 -35.41
C LEU D 186 9.40 45.09 -35.40
N ASP D 187 8.70 45.24 -36.53
CA ASP D 187 7.34 44.71 -36.67
C ASP D 187 7.41 43.20 -36.84
N ALA D 188 8.53 42.73 -37.36
CA ALA D 188 8.78 41.30 -37.48
C ALA D 188 8.83 40.67 -36.08
N ILE D 189 9.65 41.26 -35.23
CA ILE D 189 9.79 40.79 -33.85
C ILE D 189 8.48 40.92 -33.08
N HIS D 190 7.78 42.03 -33.28
CA HIS D 190 6.51 42.29 -32.62
C HIS D 190 5.45 41.26 -33.03
N SER D 191 5.51 40.83 -34.28
CA SER D 191 4.62 39.79 -34.78
C SER D 191 4.84 38.46 -34.05
N MET D 192 6.09 38.16 -33.73
CA MET D 192 6.39 36.93 -33.00
C MET D 192 6.00 37.15 -31.55
N GLY D 193 5.32 38.26 -31.28
CA GLY D 193 4.85 38.53 -29.94
C GLY D 193 5.99 38.79 -28.99
N PHE D 194 6.95 39.59 -29.44
CA PHE D 194 8.11 39.93 -28.62
C PHE D 194 8.31 41.46 -28.59
N ILE D 195 8.91 41.96 -27.52
CA ILE D 195 9.40 43.34 -27.51
C ILE D 195 10.90 43.38 -27.29
N HIS D 196 11.60 44.21 -28.07
CA HIS D 196 13.07 44.20 -28.01
C HIS D 196 13.55 44.89 -26.73
N ARG D 197 13.03 46.10 -26.49
CA ARG D 197 13.39 46.87 -25.31
C ARG D 197 14.78 47.51 -25.39
N ASP D 198 15.56 47.10 -26.38
CA ASP D 198 16.95 47.57 -26.51
C ASP D 198 17.30 47.89 -27.94
N VAL D 199 16.64 48.88 -28.52
CA VAL D 199 16.94 49.25 -29.89
C VAL D 199 18.09 50.25 -29.98
N LYS D 200 19.16 49.90 -30.69
CA LYS D 200 20.34 50.76 -30.80
C LYS D 200 21.29 50.29 -31.90
N PRO D 201 22.07 51.20 -32.48
CA PRO D 201 22.91 50.92 -33.64
C PRO D 201 23.86 49.83 -33.32
N ASP D 202 24.13 49.64 -32.04
CA ASP D 202 25.10 48.64 -31.62
C ASP D 202 24.57 47.24 -31.95
N ASN D 203 23.25 47.11 -32.00
CA ASN D 203 22.64 45.83 -32.27
C ASN D 203 22.22 45.62 -33.72
N MET D 204 22.43 46.62 -34.56
CA MET D 204 21.97 46.55 -35.96
C MET D 204 23.12 46.20 -36.89
N LEU D 205 23.02 45.07 -37.59
CA LEU D 205 24.13 44.64 -38.46
C LEU D 205 23.75 44.61 -39.95
N LEU D 206 24.74 44.45 -40.82
CA LEU D 206 24.49 44.47 -42.27
C LEU D 206 24.95 43.18 -42.97
N ASP D 207 24.11 42.60 -43.84
CA ASP D 207 24.55 41.44 -44.65
C ASP D 207 25.41 41.85 -45.85
N LYS D 208 26.10 40.88 -46.44
CA LYS D 208 27.02 41.14 -47.56
C LYS D 208 26.40 42.07 -48.62
N SER D 209 25.11 42.32 -48.50
CA SER D 209 24.36 43.13 -49.46
C SER D 209 23.97 44.50 -48.92
N GLY D 210 24.48 44.85 -47.75
CA GLY D 210 24.21 46.15 -47.16
C GLY D 210 22.80 46.34 -46.62
N HIS D 211 22.09 45.24 -46.44
CA HIS D 211 20.78 45.31 -45.81
C HIS D 211 20.90 44.95 -44.34
N LEU D 212 19.84 45.22 -43.60
CA LEU D 212 19.94 45.24 -42.15
C LEU D 212 19.21 44.10 -41.47
N LYS D 213 19.80 43.62 -40.38
CA LYS D 213 19.17 42.61 -39.54
C LYS D 213 19.45 43.02 -38.09
N LEU D 214 18.72 42.42 -37.15
CA LEU D 214 18.98 42.62 -35.73
C LEU D 214 19.84 41.48 -35.24
N ALA D 215 20.80 41.75 -34.39
CA ALA D 215 21.76 40.71 -34.08
C ALA D 215 22.00 40.45 -32.59
N ASP D 216 21.23 41.09 -31.72
CA ASP D 216 21.32 40.77 -30.29
C ASP D 216 19.92 40.87 -29.69
N PHE D 217 19.49 39.83 -29.00
CA PHE D 217 18.11 39.79 -28.54
C PHE D 217 18.01 39.46 -27.06
N GLY D 218 19.10 39.65 -26.31
CA GLY D 218 19.14 39.35 -24.90
C GLY D 218 18.06 40.09 -24.13
N THR D 219 17.86 41.34 -24.52
CA THR D 219 16.87 42.16 -23.89
C THR D 219 15.41 41.69 -24.12
N CYS D 220 15.11 41.00 -25.23
CA CYS D 220 13.72 40.70 -25.59
C CYS D 220 12.87 40.09 -24.46
N MET D 221 11.58 40.42 -24.46
CA MET D 221 10.62 39.91 -23.47
C MET D 221 9.30 39.59 -24.16
N LYS D 222 8.69 38.47 -23.80
CA LYS D 222 7.46 38.03 -24.44
C LYS D 222 6.24 38.83 -23.97
N MET D 223 5.53 39.46 -24.92
CA MET D 223 4.39 40.33 -24.59
C MET D 223 3.06 39.58 -24.53
N ASN D 224 2.32 39.80 -23.44
CA ASN D 224 1.10 39.04 -23.17
C ASN D 224 -0.05 39.38 -24.11
N LYS D 225 -1.22 38.82 -23.80
CA LYS D 225 -2.42 38.96 -24.62
C LYS D 225 -2.70 40.39 -25.07
N GLU D 226 -2.66 41.34 -24.14
CA GLU D 226 -3.05 42.71 -24.46
C GLU D 226 -1.94 43.50 -25.15
N GLY D 227 -0.82 42.85 -25.41
CA GLY D 227 0.28 43.48 -26.12
C GLY D 227 1.17 44.26 -25.19
N MET D 228 0.84 44.23 -23.90
CA MET D 228 1.64 44.89 -22.88
C MET D 228 2.53 43.88 -22.17
N VAL D 229 2.78 44.13 -20.89
CA VAL D 229 3.37 43.15 -20.00
C VAL D 229 3.90 43.85 -18.77
N ARG D 230 3.84 43.17 -17.63
CA ARG D 230 4.39 43.72 -16.41
C ARG D 230 5.91 43.82 -16.51
N CYS D 231 6.44 44.98 -16.15
CA CYS D 231 7.89 45.15 -16.05
C CYS D 231 8.32 45.78 -14.74
N ASP D 232 8.99 44.97 -13.93
CA ASP D 232 9.53 45.41 -12.66
C ASP D 232 10.55 46.51 -12.89
N THR D 233 11.81 46.10 -13.03
CA THR D 233 12.90 47.02 -13.28
C THR D 233 13.12 47.22 -14.78
N ALA D 234 13.53 48.43 -15.14
CA ALA D 234 13.84 48.77 -16.52
C ALA D 234 15.21 48.26 -16.98
N VAL D 235 15.32 48.01 -18.27
CA VAL D 235 16.56 47.51 -18.83
C VAL D 235 16.88 48.12 -20.20
N GLY D 236 18.15 48.05 -20.56
CA GLY D 236 18.60 48.55 -21.83
C GLY D 236 19.74 49.57 -21.84
N THR D 237 19.68 50.47 -22.79
CA THR D 237 20.76 51.40 -22.98
C THR D 237 20.21 52.83 -22.87
N PRO D 238 20.85 53.64 -22.02
CA PRO D 238 20.54 55.02 -21.61
C PRO D 238 19.99 55.90 -22.72
N ASP D 239 20.86 56.28 -23.63
CA ASP D 239 20.52 57.33 -24.59
C ASP D 239 19.27 56.98 -25.38
N TYR D 240 19.05 55.68 -25.54
CA TYR D 240 17.97 55.22 -26.39
C TYR D 240 16.73 54.84 -25.60
N ILE D 241 16.90 54.62 -24.30
CA ILE D 241 15.78 54.30 -23.40
C ILE D 241 14.58 55.23 -23.61
N SER D 242 13.42 54.75 -23.21
CA SER D 242 12.21 55.53 -23.29
C SER D 242 11.70 55.72 -21.88
N PRO D 243 10.97 56.80 -21.65
CA PRO D 243 10.32 57.07 -20.37
C PRO D 243 9.69 55.81 -19.76
N GLU D 244 8.56 55.35 -20.31
CA GLU D 244 7.74 54.29 -19.70
C GLU D 244 8.55 53.16 -19.06
N VAL D 245 9.63 52.76 -19.73
CA VAL D 245 10.52 51.72 -19.22
C VAL D 245 11.17 52.18 -17.93
N LEU D 246 11.69 53.40 -17.94
CA LEU D 246 12.25 54.04 -16.75
C LEU D 246 11.19 54.34 -15.69
N LYS D 247 9.91 54.25 -16.09
CA LYS D 247 8.77 54.70 -15.28
C LYS D 247 8.27 53.54 -14.40
N SER D 248 8.30 52.33 -14.94
CA SER D 248 8.04 51.14 -14.15
C SER D 248 9.33 50.75 -13.42
N GLN D 249 9.28 50.76 -12.08
CA GLN D 249 10.51 50.72 -11.28
C GLN D 249 10.43 50.05 -9.89
N GLY D 250 9.48 49.14 -9.71
CA GLY D 250 9.39 48.38 -8.46
C GLY D 250 8.24 47.40 -8.52
N GLY D 251 7.66 47.28 -9.71
CA GLY D 251 6.44 46.52 -9.93
C GLY D 251 5.35 47.48 -10.40
N ASP D 252 5.80 48.71 -10.64
CA ASP D 252 4.93 49.84 -10.98
C ASP D 252 4.09 49.57 -12.24
N GLY D 253 4.47 50.22 -13.35
CA GLY D 253 3.66 50.22 -14.56
C GLY D 253 3.84 49.19 -15.67
N TYR D 254 2.79 49.07 -16.48
CA TYR D 254 2.72 48.18 -17.63
C TYR D 254 2.82 48.96 -18.93
N TYR D 255 3.32 48.33 -19.99
CA TYR D 255 3.48 49.04 -21.27
C TYR D 255 3.41 48.14 -22.50
N GLY D 256 3.17 48.75 -23.64
CA GLY D 256 3.03 48.03 -24.90
C GLY D 256 4.32 48.05 -25.72
N ARG D 257 4.18 48.13 -27.04
CA ARG D 257 5.32 48.05 -27.94
C ARG D 257 5.91 49.42 -28.27
N GLU D 258 5.17 50.47 -27.94
CA GLU D 258 5.53 51.81 -28.38
C GLU D 258 6.91 52.22 -27.88
N CYS D 259 7.37 51.57 -26.81
CA CYS D 259 8.67 51.84 -26.22
C CYS D 259 9.80 51.64 -27.23
N ASP D 260 9.72 50.56 -27.99
CA ASP D 260 10.72 50.32 -29.01
C ASP D 260 10.71 51.46 -30.00
N TRP D 261 9.53 51.93 -30.36
CA TRP D 261 9.40 53.08 -31.25
C TRP D 261 10.16 54.31 -30.72
N TRP D 262 10.07 54.54 -29.42
CA TRP D 262 10.86 55.59 -28.82
C TRP D 262 12.32 55.43 -29.22
N SER D 263 12.91 54.30 -28.85
CA SER D 263 14.30 54.04 -29.16
C SER D 263 14.59 54.45 -30.61
N VAL D 264 13.69 54.04 -31.48
CA VAL D 264 13.76 54.35 -32.91
C VAL D 264 14.09 55.81 -33.19
N GLY D 265 13.19 56.70 -32.77
CA GLY D 265 13.36 58.13 -32.96
C GLY D 265 14.70 58.56 -32.42
N VAL D 266 15.03 58.06 -31.22
CA VAL D 266 16.33 58.32 -30.63
C VAL D 266 17.39 58.07 -31.71
N PHE D 267 17.50 56.81 -32.10
CA PHE D 267 18.33 56.36 -33.20
C PHE D 267 18.33 57.34 -34.39
N LEU D 268 17.16 57.65 -34.90
CA LEU D 268 17.08 58.53 -36.06
C LEU D 268 17.80 59.85 -35.79
N TYR D 269 17.45 60.49 -34.69
CA TYR D 269 18.16 61.69 -34.25
C TYR D 269 19.67 61.42 -34.35
N GLU D 270 20.15 60.45 -33.58
CA GLU D 270 21.56 60.08 -33.53
C GLU D 270 22.21 60.08 -34.90
N MET D 271 21.43 59.62 -35.88
CA MET D 271 21.91 59.40 -37.24
C MET D 271 22.18 60.68 -38.00
N LEU D 272 21.21 61.60 -37.95
CA LEU D 272 21.33 62.83 -38.70
C LEU D 272 22.20 63.86 -37.98
N VAL D 273 22.04 63.94 -36.66
CA VAL D 273 22.72 64.95 -35.87
C VAL D 273 24.18 64.59 -35.56
N GLY D 274 24.41 63.40 -35.02
CA GLY D 274 25.77 62.95 -34.73
C GLY D 274 26.01 62.78 -33.25
N ASP D 275 24.94 62.94 -32.48
CA ASP D 275 24.98 62.85 -31.02
C ASP D 275 23.60 62.51 -30.48
N THR D 276 23.54 61.74 -29.39
CA THR D 276 22.25 61.38 -28.76
C THR D 276 21.36 62.60 -28.52
N PRO D 277 20.07 62.50 -28.83
CA PRO D 277 19.16 63.60 -28.50
C PRO D 277 19.06 63.89 -27.00
N PHE D 278 19.90 63.26 -26.19
CA PHE D 278 19.89 63.51 -24.76
C PHE D 278 21.25 63.18 -24.15
N TYR D 279 22.30 63.30 -24.96
CA TYR D 279 23.67 63.10 -24.50
C TYR D 279 23.94 64.05 -23.35
N ALA D 280 24.75 63.59 -22.40
CA ALA D 280 25.08 64.37 -21.23
C ALA D 280 26.33 63.73 -20.64
N ASP D 281 27.36 64.52 -20.35
CA ASP D 281 28.62 63.94 -19.93
C ASP D 281 28.38 63.11 -18.70
N SER D 282 27.58 63.63 -17.78
CA SER D 282 27.13 62.82 -16.67
C SER D 282 26.07 61.91 -17.26
N LEU D 283 26.11 60.62 -16.97
CA LEU D 283 25.09 59.74 -17.51
C LEU D 283 23.73 60.05 -16.86
N VAL D 284 23.70 60.06 -15.52
CA VAL D 284 22.50 60.45 -14.78
C VAL D 284 21.82 61.63 -15.49
N GLY D 285 22.68 62.51 -16.01
CA GLY D 285 22.24 63.66 -16.77
C GLY D 285 21.33 63.25 -17.92
N THR D 286 21.88 62.46 -18.85
CA THR D 286 21.11 61.97 -20.00
C THR D 286 19.80 61.37 -19.52
N TYR D 287 19.82 60.76 -18.35
CA TYR D 287 18.62 60.10 -17.86
C TYR D 287 17.46 61.08 -17.60
N SER D 288 17.62 62.02 -16.67
CA SER D 288 16.46 62.88 -16.42
C SER D 288 16.24 63.85 -17.56
N LYS D 289 17.27 64.02 -18.38
CA LYS D 289 17.16 64.82 -19.60
C LYS D 289 16.21 64.11 -20.55
N ILE D 290 16.11 62.78 -20.45
CA ILE D 290 15.10 62.02 -21.20
C ILE D 290 13.74 62.17 -20.53
N MET D 291 13.74 62.17 -19.20
CA MET D 291 12.51 62.42 -18.46
C MET D 291 11.92 63.79 -18.79
N ASN D 292 12.78 64.77 -19.07
CA ASN D 292 12.35 66.10 -19.48
C ASN D 292 12.39 66.25 -21.01
N HIS D 293 12.16 65.15 -21.72
CA HIS D 293 12.02 65.16 -23.18
C HIS D 293 11.26 66.37 -23.73
N LYS D 294 10.06 66.60 -23.21
CA LYS D 294 9.21 67.69 -23.65
C LYS D 294 9.99 68.99 -23.86
N ASN D 295 10.99 69.25 -23.02
CA ASN D 295 11.79 70.47 -23.13
C ASN D 295 13.29 70.24 -23.27
N SER D 296 13.69 68.98 -23.44
CA SER D 296 15.10 68.64 -23.61
C SER D 296 15.43 68.49 -25.09
N LEU D 297 14.36 68.48 -25.88
CA LEU D 297 14.45 68.31 -27.32
C LEU D 297 14.92 69.57 -28.01
N THR D 298 15.79 69.42 -29.00
CA THR D 298 16.40 70.57 -29.66
C THR D 298 17.24 70.15 -30.86
N PHE D 299 17.86 71.12 -31.54
CA PHE D 299 18.52 70.87 -32.84
C PHE D 299 19.49 71.98 -33.19
N PRO D 300 20.77 71.64 -33.40
CA PRO D 300 21.69 72.65 -33.92
C PRO D 300 21.07 73.31 -35.15
N ASP D 301 20.99 74.63 -35.13
CA ASP D 301 20.28 75.37 -36.17
C ASP D 301 21.01 75.28 -37.50
N ASP D 302 20.37 74.62 -38.47
CA ASP D 302 21.00 74.38 -39.75
C ASP D 302 19.98 74.11 -40.82
N ASN D 303 20.21 74.71 -41.99
CA ASN D 303 19.38 74.44 -43.15
C ASN D 303 19.53 73.01 -43.63
N ASP D 304 20.20 72.16 -42.84
CA ASP D 304 20.37 70.79 -43.31
C ASP D 304 19.40 69.75 -42.72
N ILE D 305 18.50 70.16 -41.84
CA ILE D 305 17.45 69.27 -41.37
C ILE D 305 16.20 69.49 -42.22
N SER D 306 15.47 68.41 -42.49
CA SER D 306 14.22 68.50 -43.24
C SER D 306 13.03 68.71 -42.31
N LYS D 307 11.96 69.32 -42.81
CA LYS D 307 10.75 69.52 -42.01
C LYS D 307 10.25 68.19 -41.47
N GLU D 308 10.24 67.19 -42.34
CA GLU D 308 9.73 65.90 -41.97
C GLU D 308 10.62 65.21 -40.92
N ALA D 309 11.91 65.09 -41.22
CA ALA D 309 12.85 64.56 -40.23
C ALA D 309 12.43 65.04 -38.84
N LYS D 310 12.68 66.31 -38.58
CA LYS D 310 12.27 66.95 -37.34
C LYS D 310 10.94 66.40 -36.85
N ASN D 311 9.91 66.50 -37.69
CA ASN D 311 8.58 66.07 -37.30
C ASN D 311 8.55 64.65 -36.76
N LEU D 312 8.71 63.69 -37.66
CA LEU D 312 8.88 62.28 -37.32
C LEU D 312 9.52 62.05 -35.95
N ILE D 313 10.77 62.48 -35.81
CA ILE D 313 11.51 62.22 -34.57
C ILE D 313 10.72 62.75 -33.36
N CYS D 314 10.21 63.97 -33.47
CA CYS D 314 9.38 64.57 -32.42
C CYS D 314 8.13 63.74 -32.13
N ALA D 315 7.67 63.00 -33.12
CA ALA D 315 6.44 62.23 -33.00
C ALA D 315 6.70 60.93 -32.25
N PHE D 316 7.88 60.36 -32.46
CA PHE D 316 8.32 59.21 -31.70
C PHE D 316 8.70 59.66 -30.30
N LEU D 317 9.44 60.75 -30.23
CA LEU D 317 9.95 61.27 -28.96
C LEU D 317 8.88 62.04 -28.19
N THR D 318 7.74 61.40 -27.94
CA THR D 318 6.68 61.96 -27.10
C THR D 318 6.23 60.92 -26.08
N ASP D 319 5.50 61.34 -25.06
CA ASP D 319 5.16 60.39 -24.01
C ASP D 319 4.36 59.24 -24.63
N ARG D 320 4.37 58.08 -23.99
CA ARG D 320 3.72 56.88 -24.52
C ARG D 320 2.41 57.15 -25.26
N GLU D 321 1.46 57.73 -24.54
CA GLU D 321 0.07 57.81 -25.00
C GLU D 321 -0.23 58.69 -26.22
N VAL D 322 0.69 59.57 -26.58
CA VAL D 322 0.48 60.40 -27.79
C VAL D 322 1.63 60.19 -28.77
N ARG D 323 2.40 59.14 -28.51
CA ARG D 323 3.59 58.82 -29.29
C ARG D 323 3.21 58.27 -30.65
N LEU D 324 4.07 58.50 -31.65
CA LEU D 324 3.83 57.94 -32.98
C LEU D 324 4.02 56.43 -32.97
N GLY D 325 2.99 55.72 -33.40
CA GLY D 325 3.01 54.26 -33.38
C GLY D 325 2.12 53.69 -32.31
N ARG D 326 1.46 54.55 -31.54
CA ARG D 326 0.52 54.11 -30.52
C ARG D 326 -0.53 53.25 -31.18
N ASN D 327 -0.98 53.69 -32.34
CA ASN D 327 -2.06 53.02 -33.07
C ASN D 327 -1.57 51.76 -33.76
N GLY D 328 -1.19 51.92 -35.02
CA GLY D 328 -0.71 50.83 -35.83
C GLY D 328 0.64 51.11 -36.43
N VAL D 329 1.34 50.03 -36.75
CA VAL D 329 2.61 50.12 -37.43
C VAL D 329 2.40 50.84 -38.76
N GLU D 330 1.31 50.51 -39.43
CA GLU D 330 0.99 51.14 -40.69
C GLU D 330 1.02 52.65 -40.52
N GLU D 331 0.52 53.12 -39.38
CA GLU D 331 0.50 54.54 -39.06
C GLU D 331 1.88 55.18 -39.23
N ILE D 332 2.91 54.46 -38.78
CA ILE D 332 4.29 54.90 -38.93
C ILE D 332 4.68 54.86 -40.39
N LYS D 333 4.35 53.76 -41.04
CA LYS D 333 4.71 53.55 -42.43
C LYS D 333 4.29 54.73 -43.31
N ARG D 334 3.07 55.21 -43.11
CA ARG D 334 2.49 56.22 -43.97
C ARG D 334 3.02 57.64 -43.71
N HIS D 335 3.79 57.83 -42.64
CA HIS D 335 4.30 59.17 -42.33
C HIS D 335 4.98 59.82 -43.54
N LEU D 336 4.89 61.14 -43.60
CA LEU D 336 5.33 61.88 -44.77
C LEU D 336 6.83 61.67 -45.01
N PHE D 337 7.61 61.66 -43.94
CA PHE D 337 9.04 61.41 -44.05
C PHE D 337 9.30 60.14 -44.85
N PHE D 338 8.35 59.21 -44.80
CA PHE D 338 8.48 57.98 -45.55
C PHE D 338 7.79 58.12 -46.87
N LYS D 339 8.28 59.06 -47.65
CA LYS D 339 7.77 59.28 -48.99
C LYS D 339 8.95 59.45 -49.93
N ASN D 340 8.97 58.66 -50.99
CA ASN D 340 10.01 58.77 -51.99
C ASN D 340 9.68 58.03 -53.27
N ASP D 341 10.57 58.17 -54.25
CA ASP D 341 10.35 57.60 -55.57
C ASP D 341 11.38 56.51 -55.82
N GLN D 342 11.93 55.96 -54.74
CA GLN D 342 13.02 54.99 -54.88
C GLN D 342 12.75 53.63 -54.25
N TRP D 343 11.76 53.54 -53.37
CA TRP D 343 11.36 52.23 -52.84
C TRP D 343 9.94 52.15 -52.26
N ALA D 344 9.35 50.97 -52.33
CA ALA D 344 8.08 50.70 -51.67
C ALA D 344 8.36 49.79 -50.49
N TRP D 345 7.39 49.65 -49.59
CA TRP D 345 7.60 48.88 -48.36
C TRP D 345 7.87 47.40 -48.58
N GLU D 346 6.91 46.67 -49.13
CA GLU D 346 7.10 45.23 -49.36
C GLU D 346 8.07 44.94 -50.51
N THR D 347 8.98 45.86 -50.75
CA THR D 347 9.96 45.72 -51.82
C THR D 347 11.32 46.18 -51.32
N LEU D 348 11.33 46.84 -50.16
CA LEU D 348 12.55 47.46 -49.66
C LEU D 348 13.71 46.46 -49.63
N ARG D 349 13.45 45.31 -49.01
CA ARG D 349 14.47 44.30 -48.81
C ARG D 349 15.26 44.04 -50.08
N ASP D 350 14.58 44.13 -51.22
CA ASP D 350 15.18 43.67 -52.46
C ASP D 350 15.89 44.75 -53.27
N THR D 351 15.70 46.01 -52.89
CA THR D 351 16.36 47.10 -53.61
C THR D 351 17.85 47.15 -53.30
N VAL D 352 18.54 48.13 -53.88
CA VAL D 352 19.97 48.28 -53.66
C VAL D 352 20.23 49.05 -52.38
N ALA D 353 20.93 48.43 -51.43
CA ALA D 353 21.24 49.11 -50.18
C ALA D 353 22.00 50.41 -50.43
N PRO D 354 21.92 51.34 -49.46
CA PRO D 354 22.60 52.64 -49.60
C PRO D 354 24.09 52.47 -49.52
N VAL D 355 24.53 51.43 -48.83
CA VAL D 355 25.94 51.15 -48.69
C VAL D 355 26.16 49.67 -48.90
N VAL D 356 27.03 49.28 -49.83
CA VAL D 356 27.30 47.85 -49.99
C VAL D 356 28.77 47.48 -49.83
N PRO D 357 29.03 46.55 -48.89
CA PRO D 357 30.35 46.11 -48.45
C PRO D 357 31.26 45.51 -49.52
N ASP D 358 32.44 46.10 -49.70
CA ASP D 358 33.46 45.54 -50.56
C ASP D 358 34.27 44.49 -49.81
N LEU D 359 34.02 43.21 -50.10
CA LEU D 359 34.65 42.13 -49.37
C LEU D 359 35.71 41.39 -50.17
N SER D 360 36.95 41.38 -49.66
CA SER D 360 38.03 40.68 -50.33
C SER D 360 37.82 39.17 -50.33
N SER D 361 37.28 38.63 -49.24
CA SER D 361 37.00 37.18 -49.15
C SER D 361 35.76 36.91 -48.34
N ASP D 362 35.55 35.64 -48.04
CA ASP D 362 34.45 35.21 -47.18
C ASP D 362 34.76 35.40 -45.69
N ILE D 363 35.89 36.05 -45.38
CA ILE D 363 36.29 36.34 -44.00
C ILE D 363 36.87 37.76 -43.81
N ASP D 364 36.32 38.72 -44.55
CA ASP D 364 36.76 40.10 -44.48
C ASP D 364 36.25 40.78 -43.23
N THR D 365 37.13 40.98 -42.26
CA THR D 365 36.73 41.61 -41.00
C THR D 365 36.99 43.11 -41.05
N SER D 366 36.71 43.68 -42.22
CA SER D 366 37.04 45.07 -42.52
C SER D 366 36.15 46.07 -41.79
N ASN D 367 34.90 45.70 -41.59
CA ASN D 367 33.97 46.61 -40.96
C ASN D 367 33.93 46.42 -39.44
N PHE D 368 34.97 45.77 -38.92
CA PHE D 368 35.09 45.57 -37.49
C PHE D 368 36.42 46.08 -36.99
N ASP D 369 36.41 47.31 -36.49
CA ASP D 369 37.59 47.87 -35.85
C ASP D 369 38.14 46.77 -34.96
N ASP D 370 39.39 46.40 -35.18
CA ASP D 370 40.02 45.24 -34.56
C ASP D 370 39.80 45.20 -33.04
N LEU D 371 39.85 44.01 -32.47
CA LEU D 371 39.89 43.84 -31.02
C LEU D 371 41.05 42.91 -30.62
N GLU D 372 41.66 43.22 -29.49
CA GLU D 372 42.94 42.62 -29.10
C GLU D 372 42.82 41.18 -28.66
N GLU D 373 43.22 40.94 -27.42
CA GLU D 373 43.20 39.61 -26.82
C GLU D 373 42.65 39.67 -25.41
N ASP D 374 41.82 38.70 -25.06
CA ASP D 374 41.30 38.60 -23.70
C ASP D 374 42.49 38.49 -22.75
N LYS D 375 42.35 39.12 -21.59
CA LYS D 375 43.46 39.26 -20.66
C LYS D 375 44.06 37.91 -20.25
N GLY D 376 43.36 36.82 -20.56
CA GLY D 376 43.88 35.48 -20.33
C GLY D 376 43.56 34.88 -18.98
N GLU D 377 42.90 35.66 -18.12
CA GLU D 377 42.46 35.18 -16.82
C GLU D 377 41.92 33.75 -16.84
N GLU D 378 40.75 33.62 -17.47
CA GLU D 378 39.91 32.41 -17.48
C GLU D 378 39.47 32.00 -16.08
N GLU D 379 38.77 32.90 -15.41
CA GLU D 379 38.25 32.61 -14.06
C GLU D 379 37.22 31.49 -14.12
N THR D 380 36.64 31.15 -12.97
CA THR D 380 35.89 29.90 -12.85
C THR D 380 35.06 29.75 -11.58
N PHE D 381 34.19 28.74 -11.59
CA PHE D 381 33.45 28.29 -10.41
C PHE D 381 34.38 27.60 -9.45
N PRO D 382 34.14 27.79 -8.14
CA PRO D 382 34.97 27.17 -7.11
C PRO D 382 34.54 25.72 -6.90
N ILE D 383 35.50 24.84 -6.70
CA ILE D 383 35.21 23.43 -6.38
C ILE D 383 34.24 23.27 -5.22
N PRO D 384 33.12 22.58 -5.44
CA PRO D 384 32.06 22.46 -4.43
C PRO D 384 32.45 21.53 -3.31
N LYS D 385 31.90 21.74 -2.12
CA LYS D 385 32.01 20.78 -1.01
C LYS D 385 30.75 19.92 -0.97
N ALA D 386 29.64 20.48 -1.45
CA ALA D 386 28.42 19.73 -1.71
C ALA D 386 27.86 20.08 -3.10
N PHE D 387 26.95 19.26 -3.60
CA PHE D 387 26.35 19.51 -4.90
C PHE D 387 25.75 20.93 -4.99
N VAL D 388 26.23 21.72 -5.94
CA VAL D 388 25.75 23.08 -6.09
C VAL D 388 24.94 23.19 -7.39
N GLY D 389 25.15 22.22 -8.27
CA GLY D 389 24.43 22.13 -9.53
C GLY D 389 24.57 23.35 -10.40
N ASN D 390 25.80 23.75 -10.66
CA ASN D 390 26.08 24.97 -11.43
C ASN D 390 25.68 24.93 -12.89
N GLN D 391 25.34 23.76 -13.39
CA GLN D 391 25.05 23.63 -14.81
C GLN D 391 23.56 23.48 -15.09
N LEU D 392 22.75 23.46 -14.04
CA LEU D 392 21.33 23.30 -14.22
C LEU D 392 20.70 24.45 -15.01
N PRO D 393 21.18 25.67 -14.79
CA PRO D 393 20.49 26.77 -15.47
C PRO D 393 20.77 26.73 -16.95
N PHE D 394 21.51 25.71 -17.38
CA PHE D 394 21.98 25.60 -18.75
C PHE D 394 21.48 24.35 -19.51
N VAL D 395 20.75 23.48 -18.83
CA VAL D 395 20.25 22.28 -19.48
C VAL D 395 19.21 22.61 -20.52
N GLY D 396 19.36 22.04 -21.71
CA GLY D 396 18.45 22.31 -22.80
C GLY D 396 18.86 23.45 -23.71
N PHE D 397 20.10 23.88 -23.60
CA PHE D 397 20.57 24.96 -24.45
C PHE D 397 21.02 24.43 -25.82
N THR D 398 21.46 23.18 -25.87
CA THR D 398 21.95 22.59 -27.09
C THR D 398 20.87 22.62 -28.13
N TYR D 399 21.24 22.93 -29.38
CA TYR D 399 20.32 22.97 -30.53
C TYR D 399 21.09 22.77 -31.79
N TYR D 400 20.62 21.85 -32.61
CA TYR D 400 21.26 21.57 -33.88
C TYR D 400 20.29 21.99 -34.98
N SER D 401 20.70 22.98 -35.77
CA SER D 401 19.87 23.54 -36.81
C SER D 401 19.28 22.42 -37.63
N ASN D 402 20.11 21.63 -38.31
CA ASN D 402 19.57 20.47 -38.99
C ASN D 402 18.35 20.90 -39.82
#